data_4K50
#
_entry.id   4K50
#
_cell.length_a   53.750
_cell.length_b   113.893
_cell.length_c   122.600
_cell.angle_alpha   90.010
_cell.angle_beta   90.490
_cell.angle_gamma   90.000
#
_symmetry.space_group_name_H-M   'P 1'
#
loop_
_entity.id
_entity.type
_entity.pdbx_description
1 polymer 'RNA polymerase 3D-POL'
2 polymer 'RNA (33-MER)'
3 polymer "RNA (5'-R(P*GP*CP*CP*CP*GP*GP*AP*CP*GP*AP*GP*AP*GP*A)-3')"
4 non-polymer GLYCEROL
5 non-polymer 'ACETATE ION'
6 non-polymer 'SULFATE ION'
7 water water
#
loop_
_entity_poly.entity_id
_entity_poly.type
_entity_poly.pdbx_seq_one_letter_code
_entity_poly.pdbx_strand_id
1 'polypeptide(L)'
;GQIQISKHVKDVGLPSIHTPTKTKLQPSVFYDIFPGSKEPAVLTEKDPRLKVDFDSALFSKYKGNTECSLNEHIQVAVAH
YSAQLATLDIDPQPIAMEDSVFGMDGLEALDLNTSAGYPYVTLGIKKKDLINNKTKDISKLKLALDKYDVDLPMITFLKD
ELRKKDKIAAGKTRVIEASSINDTILFRTVYGNLFSKFHLNPGVVTGCAVGCDPETFWSKIPLMLDGDCIMAFDYTNYDG
SIHPIWFKALGMVLDNLSFNPTLINRLCNSKHIFKSTYYEVEGGVPSGCSGTSIFNSMINNIIIRTLVLDAYKHIDLDKL
KIIAYGDDVIFSYKYKLDMEAIAKEGQKYGLTITPADKSSEFKELDYGNVTFLKRGFRQDDKYKFLIHPTFPVEEIYESI
RWTKKPSQMQEHVLSLCHLMWHNGPEIYKDFETKIRSVSAGRALYIPPYELLRHEWYEKF
;
A,E,I,M
2 'polyribonucleotide' AGGAGAUGAAAGUCUCCAGGUCUCUCGUCCGGAAA B,F,J,N
3 'polyribonucleotide' GCCCGGACGAGAGA C,G,K,O
#
# COMPACT_ATOMS: atom_id res chain seq x y z
N GLY A 1 20.14 -15.52 61.88
CA GLY A 1 19.78 -16.77 61.23
C GLY A 1 19.64 -17.91 62.23
N GLN A 2 18.53 -17.92 62.96
CA GLN A 2 18.12 -19.04 63.78
C GLN A 2 16.74 -19.49 63.37
N ILE A 3 16.61 -20.66 62.79
CA ILE A 3 15.29 -21.18 62.49
C ILE A 3 14.57 -21.56 63.79
N GLN A 4 13.39 -20.98 64.01
CA GLN A 4 12.64 -21.20 65.24
C GLN A 4 11.64 -22.32 65.03
N ILE A 5 10.85 -22.20 63.97
CA ILE A 5 9.87 -23.25 63.69
C ILE A 5 9.92 -23.66 62.21
N SER A 6 9.52 -24.90 61.95
CA SER A 6 9.57 -25.53 60.63
C SER A 6 8.46 -26.55 60.49
N LYS A 7 7.48 -26.24 59.66
CA LYS A 7 6.30 -27.08 59.60
C LYS A 7 5.96 -27.47 58.15
N HIS A 8 5.13 -28.49 57.99
CA HIS A 8 4.55 -28.81 56.69
C HIS A 8 3.45 -27.81 56.42
N VAL A 9 3.38 -27.30 55.20
CA VAL A 9 2.41 -26.24 54.93
C VAL A 9 0.95 -26.64 55.21
N LYS A 10 0.59 -27.88 54.90
CA LYS A 10 -0.79 -28.33 55.08
C LYS A 10 -1.23 -28.26 56.56
N ASP A 11 -0.30 -28.52 57.48
CA ASP A 11 -0.55 -28.45 58.94
C ASP A 11 -0.65 -27.03 59.51
N VAL A 12 -0.76 -26.04 58.64
CA VAL A 12 -0.90 -24.63 59.04
C VAL A 12 -1.86 -24.01 58.05
N GLY A 13 -2.44 -24.85 57.19
CA GLY A 13 -3.44 -24.39 56.25
C GLY A 13 -2.84 -23.54 55.14
N LEU A 14 -1.61 -23.86 54.77
CA LEU A 14 -0.94 -23.11 53.74
C LEU A 14 -0.71 -23.94 52.49
N PRO A 15 -0.74 -23.28 51.31
CA PRO A 15 -0.50 -23.90 50.00
C PRO A 15 0.97 -24.23 49.77
N SER A 16 1.28 -25.07 48.79
CA SER A 16 2.67 -25.26 48.39
C SER A 16 2.98 -24.22 47.33
N ILE A 17 4.25 -23.89 47.13
CA ILE A 17 4.55 -22.85 46.14
C ILE A 17 5.31 -23.43 44.98
N HIS A 18 4.84 -23.15 43.77
CA HIS A 18 5.58 -23.57 42.60
C HIS A 18 6.91 -22.84 42.54
N THR A 19 7.97 -23.64 42.59
CA THR A 19 9.31 -23.08 42.48
C THR A 19 9.94 -23.39 41.12
N PRO A 20 10.27 -22.35 40.36
CA PRO A 20 10.87 -22.48 39.02
C PRO A 20 12.19 -23.24 39.07
N THR A 21 12.60 -23.80 37.93
CA THR A 21 13.72 -24.73 37.91
C THR A 21 14.65 -24.54 36.70
N LYS A 22 14.12 -23.95 35.64
CA LYS A 22 14.91 -23.69 34.45
C LYS A 22 15.53 -22.29 34.49
N THR A 23 16.78 -22.21 34.08
CA THR A 23 17.48 -20.94 33.98
C THR A 23 17.13 -20.23 32.69
N LYS A 24 17.17 -18.90 32.74
CA LYS A 24 16.93 -18.06 31.59
C LYS A 24 18.24 -17.83 30.84
N LEU A 25 19.32 -18.33 31.41
CA LEU A 25 20.64 -18.08 30.86
C LEU A 25 20.98 -19.08 29.79
N GLN A 26 21.65 -18.62 28.73
CA GLN A 26 22.18 -19.55 27.71
C GLN A 26 23.45 -19.04 27.06
N PRO A 27 24.26 -19.97 26.53
CA PRO A 27 25.51 -19.55 25.90
C PRO A 27 25.27 -18.51 24.81
N SER A 28 26.11 -17.48 24.78
CA SER A 28 25.99 -16.42 23.77
C SER A 28 26.86 -16.73 22.54
N VAL A 29 26.82 -15.88 21.52
CA VAL A 29 27.66 -16.14 20.35
C VAL A 29 29.15 -16.01 20.66
N PHE A 30 29.46 -15.59 21.88
CA PHE A 30 30.85 -15.38 22.27
C PHE A 30 31.32 -16.42 23.27
N TYR A 31 30.43 -17.34 23.63
CA TYR A 31 30.76 -18.45 24.53
C TYR A 31 32.18 -19.05 24.37
N ASP A 32 32.67 -19.16 23.15
CA ASP A 32 33.97 -19.81 22.94
C ASP A 32 35.14 -18.86 22.72
N ILE A 33 34.84 -17.58 22.55
CA ILE A 33 35.83 -16.55 22.22
C ILE A 33 36.56 -15.97 23.45
N PHE A 34 35.90 -16.08 24.61
CA PHE A 34 36.41 -15.51 25.85
C PHE A 34 36.55 -16.59 26.89
N PRO A 35 37.47 -16.38 27.85
CA PRO A 35 37.77 -17.38 28.87
C PRO A 35 36.75 -17.26 29.96
N GLY A 36 36.39 -18.36 30.60
CA GLY A 36 35.45 -18.27 31.69
C GLY A 36 35.07 -19.63 32.18
N SER A 37 34.74 -19.70 33.47
CA SER A 37 34.46 -20.96 34.15
C SER A 37 33.06 -20.98 34.68
N LYS A 38 32.46 -19.80 34.79
CA LYS A 38 31.17 -19.64 35.48
C LYS A 38 30.03 -20.36 34.72
N GLU A 39 29.00 -20.73 35.46
CA GLU A 39 27.82 -21.33 34.85
C GLU A 39 26.55 -21.04 35.70
N PRO A 40 25.37 -21.27 35.11
CA PRO A 40 24.14 -21.04 35.86
C PRO A 40 24.11 -21.78 37.17
N ALA A 41 23.58 -21.17 38.23
CA ALA A 41 23.48 -21.81 39.52
C ALA A 41 22.54 -23.00 39.47
N VAL A 42 22.70 -23.92 40.42
CA VAL A 42 21.80 -25.07 40.55
C VAL A 42 20.42 -24.62 41.01
N LEU A 43 19.35 -25.15 40.41
CA LEU A 43 18.02 -24.68 40.73
C LEU A 43 17.13 -25.80 41.25
N THR A 44 17.60 -27.04 41.08
CA THR A 44 16.86 -28.23 41.52
C THR A 44 17.81 -29.31 42.03
N GLU A 45 17.29 -30.21 42.87
CA GLU A 45 18.10 -31.30 43.41
C GLU A 45 18.41 -32.33 42.34
N LYS A 46 17.68 -32.24 41.23
CA LYS A 46 17.84 -33.13 40.10
C LYS A 46 18.91 -32.62 39.12
N ASP A 47 19.64 -31.57 39.52
CA ASP A 47 20.73 -31.06 38.70
C ASP A 47 21.86 -32.06 38.78
N PRO A 48 22.26 -32.61 37.63
CA PRO A 48 23.32 -33.64 37.57
C PRO A 48 24.65 -33.13 38.13
N ARG A 49 24.91 -31.84 38.02
CA ARG A 49 26.18 -31.24 38.47
C ARG A 49 26.32 -31.22 39.99
N LEU A 50 25.20 -31.48 40.67
CA LEU A 50 25.09 -31.42 42.13
C LEU A 50 25.69 -32.63 42.82
N LYS A 51 26.64 -32.41 43.72
CA LYS A 51 27.35 -33.50 44.37
C LYS A 51 27.10 -33.55 45.88
N VAL A 52 26.06 -32.86 46.34
CA VAL A 52 25.64 -32.91 47.74
C VAL A 52 24.10 -32.82 47.86
N ASP A 53 23.56 -32.96 49.07
CA ASP A 53 22.12 -32.79 49.25
C ASP A 53 21.82 -31.30 49.14
N PHE A 54 20.95 -30.97 48.19
CA PHE A 54 20.56 -29.59 47.92
C PHE A 54 19.91 -28.85 49.11
N ASP A 55 18.89 -29.44 49.72
CA ASP A 55 18.21 -28.75 50.81
C ASP A 55 19.15 -28.46 51.97
N SER A 56 20.02 -29.42 52.26
CA SER A 56 20.89 -29.30 53.41
C SER A 56 21.90 -28.19 53.15
N ALA A 57 22.16 -27.92 51.89
CA ALA A 57 23.11 -26.91 51.47
C ALA A 57 22.46 -25.53 51.45
N LEU A 58 21.18 -25.51 51.05
CA LEU A 58 20.36 -24.31 51.01
C LEU A 58 20.15 -23.70 52.40
N PHE A 59 19.70 -24.54 53.32
CA PHE A 59 19.36 -24.11 54.68
C PHE A 59 20.55 -24.16 55.65
N SER A 60 21.74 -24.53 55.16
CA SER A 60 22.93 -24.64 56.00
C SER A 60 23.36 -23.28 56.54
N LYS A 61 23.01 -22.21 55.82
CA LYS A 61 23.40 -20.86 56.23
C LYS A 61 22.71 -20.39 57.53
N TYR A 62 21.65 -21.05 57.95
CA TYR A 62 21.00 -20.72 59.21
C TYR A 62 21.73 -21.45 60.36
N LYS A 63 22.61 -20.76 61.07
CA LYS A 63 23.36 -21.40 62.15
C LYS A 63 22.64 -21.20 63.48
N GLY A 64 22.77 -20.00 64.03
CA GLY A 64 22.10 -19.64 65.26
C GLY A 64 22.36 -18.17 65.50
N ASN A 65 22.41 -17.79 66.78
CA ASN A 65 22.78 -16.45 67.16
C ASN A 65 23.72 -16.50 68.33
N THR A 66 24.84 -15.81 68.21
CA THR A 66 25.78 -15.68 69.30
C THR A 66 25.10 -15.05 70.52
N GLU A 67 25.45 -15.50 71.72
CA GLU A 67 24.94 -14.81 72.90
C GLU A 67 25.53 -13.40 73.11
N CYS A 68 24.84 -12.37 72.62
CA CYS A 68 25.24 -11.00 72.96
C CYS A 68 24.05 -10.13 73.31
N SER A 69 24.33 -9.06 74.04
CA SER A 69 23.31 -8.05 74.35
C SER A 69 23.79 -6.70 73.85
N LEU A 70 22.90 -5.72 73.82
CA LEU A 70 23.31 -4.33 73.63
C LEU A 70 24.37 -3.93 74.64
N ASN A 71 25.10 -2.86 74.35
CA ASN A 71 26.09 -2.33 75.24
C ASN A 71 26.37 -0.88 74.91
N GLU A 72 27.12 -0.22 75.78
CA GLU A 72 27.33 1.21 75.67
C GLU A 72 27.92 1.66 74.32
N HIS A 73 28.84 0.87 73.75
CA HIS A 73 29.40 1.22 72.45
C HIS A 73 28.36 1.21 71.33
N ILE A 74 27.57 0.15 71.25
CA ILE A 74 26.46 0.13 70.33
C ILE A 74 25.58 1.36 70.56
N GLN A 75 25.33 1.69 71.82
CA GLN A 75 24.49 2.86 72.12
C GLN A 75 25.16 4.18 71.71
N VAL A 76 26.48 4.22 71.78
CA VAL A 76 27.22 5.38 71.30
C VAL A 76 27.14 5.46 69.78
N ALA A 77 27.28 4.30 69.14
CA ALA A 77 27.21 4.23 67.68
C ALA A 77 25.86 4.76 67.24
N VAL A 78 24.80 4.20 67.82
CA VAL A 78 23.45 4.66 67.52
C VAL A 78 23.30 6.19 67.69
N ALA A 79 23.77 6.71 68.83
CA ALA A 79 23.70 8.13 69.12
C ALA A 79 24.39 8.97 68.05
N HIS A 80 25.54 8.51 67.60
CA HIS A 80 26.35 9.25 66.64
C HIS A 80 25.77 9.25 65.23
N TYR A 81 25.38 8.06 64.77
CA TYR A 81 24.79 7.94 63.46
C TYR A 81 23.42 8.63 63.45
N SER A 82 22.65 8.47 64.51
CA SER A 82 21.37 9.17 64.65
C SER A 82 21.55 10.68 64.49
N ALA A 83 22.64 11.20 65.02
CA ALA A 83 22.84 12.64 65.02
C ALA A 83 23.14 13.14 63.61
N GLN A 84 23.93 12.34 62.90
CA GLN A 84 24.24 12.58 61.51
C GLN A 84 22.99 12.67 60.66
N LEU A 85 22.14 11.65 60.77
CA LEU A 85 21.01 11.53 59.86
C LEU A 85 20.02 12.67 60.06
N ALA A 86 19.85 13.10 61.30
CA ALA A 86 18.96 14.20 61.60
C ALA A 86 19.31 15.47 60.81
N THR A 87 20.58 15.64 60.42
CA THR A 87 20.98 16.85 59.72
C THR A 87 20.32 16.90 58.36
N LEU A 88 19.85 15.76 57.88
CA LEU A 88 19.17 15.68 56.59
C LEU A 88 17.72 16.19 56.63
N ASP A 89 17.17 16.28 57.83
CA ASP A 89 15.80 16.72 58.06
C ASP A 89 14.73 15.91 57.31
N ILE A 90 14.64 14.62 57.67
CA ILE A 90 13.71 13.71 57.04
C ILE A 90 12.32 13.82 57.64
N ASP A 91 11.32 13.96 56.77
CA ASP A 91 9.92 13.96 57.17
C ASP A 91 9.48 12.55 57.59
N PRO A 92 9.15 12.37 58.88
CA PRO A 92 8.72 11.04 59.36
C PRO A 92 7.28 10.70 58.99
N GLN A 93 6.59 11.65 58.38
CA GLN A 93 5.21 11.45 57.98
C GLN A 93 5.13 10.37 56.90
N PRO A 94 4.04 9.59 56.88
CA PRO A 94 3.77 8.59 55.85
C PRO A 94 3.66 9.19 54.46
N ILE A 95 3.68 8.34 53.44
CA ILE A 95 3.41 8.84 52.10
C ILE A 95 2.07 8.29 51.63
N ALA A 96 1.42 9.00 50.71
CA ALA A 96 0.17 8.60 50.10
C ALA A 96 0.31 7.28 49.32
N MET A 97 -0.80 6.55 49.26
CA MET A 97 -0.89 5.34 48.46
C MET A 97 -0.40 5.53 47.03
N GLU A 98 -0.84 6.60 46.37
CA GLU A 98 -0.38 6.91 45.02
C GLU A 98 1.16 6.89 44.94
N ASP A 99 1.82 7.52 45.90
CA ASP A 99 3.29 7.50 45.90
C ASP A 99 3.86 6.12 46.24
N SER A 100 3.22 5.37 47.14
CA SER A 100 3.66 3.99 47.44
C SER A 100 3.61 3.08 46.22
N VAL A 101 2.66 3.34 45.33
CA VAL A 101 2.47 2.50 44.16
C VAL A 101 3.30 2.97 42.96
N PHE A 102 3.21 4.25 42.66
CA PHE A 102 3.77 4.78 41.43
C PHE A 102 5.04 5.63 41.61
N GLY A 103 5.44 5.85 42.87
CA GLY A 103 6.66 6.57 43.19
C GLY A 103 6.51 8.06 43.37
N MET A 104 7.63 8.69 43.69
CA MET A 104 7.73 10.10 43.98
C MET A 104 9.20 10.46 43.83
N ASP A 105 9.57 11.70 44.10
CA ASP A 105 10.96 12.12 43.98
C ASP A 105 11.84 11.19 44.85
N GLY A 106 12.74 10.46 44.23
CA GLY A 106 13.64 9.59 44.97
C GLY A 106 13.08 8.25 45.41
N LEU A 107 11.89 7.90 44.91
CA LEU A 107 11.29 6.58 45.14
C LEU A 107 10.73 6.06 43.84
N GLU A 108 11.32 5.00 43.29
CA GLU A 108 10.84 4.45 42.02
C GLU A 108 9.44 3.89 42.21
N ALA A 109 8.74 3.64 41.11
CA ALA A 109 7.43 2.99 41.21
C ALA A 109 7.61 1.50 41.57
N LEU A 110 6.55 0.87 42.07
CA LEU A 110 6.57 -0.57 42.26
C LEU A 110 6.94 -1.26 40.95
N ASP A 111 7.63 -2.39 41.05
CA ASP A 111 8.03 -3.14 39.89
C ASP A 111 6.92 -3.99 39.37
N LEU A 112 6.22 -3.53 38.34
CA LEU A 112 5.07 -4.27 37.83
C LEU A 112 5.48 -5.52 37.07
N ASN A 113 6.79 -5.73 36.91
CA ASN A 113 7.28 -6.88 36.16
C ASN A 113 7.69 -8.06 37.04
N THR A 114 7.74 -7.84 38.35
CA THR A 114 8.11 -8.88 39.31
C THR A 114 6.90 -9.44 40.06
N SER A 115 7.12 -10.52 40.80
CA SER A 115 6.04 -11.24 41.49
C SER A 115 5.25 -10.38 42.47
N ALA A 116 4.01 -10.74 42.73
CA ALA A 116 3.22 -10.02 43.72
C ALA A 116 3.35 -10.66 45.08
N GLY A 117 3.95 -11.84 45.09
CA GLY A 117 4.17 -12.60 46.31
C GLY A 117 2.98 -13.39 46.80
N TYR A 118 3.04 -13.79 48.06
CA TYR A 118 1.95 -14.51 48.70
C TYR A 118 0.83 -13.52 49.02
N PRO A 119 -0.43 -13.92 48.77
CA PRO A 119 -0.85 -15.22 48.26
C PRO A 119 -1.07 -15.26 46.76
N TYR A 120 -0.85 -14.13 46.09
CA TYR A 120 -1.22 -14.00 44.68
C TYR A 120 -0.51 -15.00 43.77
N VAL A 121 0.66 -15.46 44.21
CA VAL A 121 1.48 -16.34 43.39
C VAL A 121 0.83 -17.72 43.32
N THR A 122 0.03 -18.07 44.32
CA THR A 122 -0.74 -19.31 44.28
C THR A 122 -2.13 -19.15 43.65
N LEU A 123 -2.51 -17.94 43.24
CA LEU A 123 -3.85 -17.73 42.70
C LEU A 123 -3.85 -17.16 41.28
N GLY A 124 -2.70 -17.26 40.61
CA GLY A 124 -2.51 -16.72 39.28
C GLY A 124 -2.69 -15.22 39.16
N ILE A 125 -2.48 -14.48 40.26
CA ILE A 125 -2.59 -13.02 40.21
C ILE A 125 -1.22 -12.33 40.07
N LYS A 126 -1.08 -11.52 39.03
CA LYS A 126 0.14 -10.77 38.78
C LYS A 126 -0.01 -9.37 39.31
N LYS A 127 1.09 -8.68 39.57
CA LYS A 127 1.02 -7.26 39.96
C LYS A 127 0.23 -6.43 38.95
N LYS A 128 0.41 -6.73 37.66
CA LYS A 128 -0.25 -5.95 36.63
C LYS A 128 -1.75 -6.13 36.67
N ASP A 129 -2.24 -7.23 37.26
CA ASP A 129 -3.67 -7.45 37.41
C ASP A 129 -4.29 -6.61 38.52
N LEU A 130 -3.44 -6.15 39.44
CA LEU A 130 -3.85 -5.31 40.57
C LEU A 130 -3.63 -3.83 40.27
N ILE A 131 -2.64 -3.53 39.42
CA ILE A 131 -2.29 -2.16 39.07
C ILE A 131 -2.25 -1.90 37.56
N ASN A 132 -3.06 -0.96 37.09
CA ASN A 132 -3.07 -0.54 35.69
C ASN A 132 -2.20 0.67 35.53
N ASN A 133 -0.99 0.47 35.03
CA ASN A 133 0.01 1.54 34.95
C ASN A 133 -0.41 2.77 34.12
N LYS A 134 -1.24 2.54 33.10
CA LYS A 134 -1.57 3.57 32.13
C LYS A 134 -2.73 4.46 32.53
N THR A 135 -3.61 3.94 33.38
CA THR A 135 -4.74 4.72 33.86
C THR A 135 -4.58 5.03 35.36
N LYS A 136 -3.58 4.39 35.97
CA LYS A 136 -3.28 4.47 37.42
C LYS A 136 -4.42 3.89 38.27
N ASP A 137 -5.23 3.04 37.68
CA ASP A 137 -6.32 2.39 38.41
C ASP A 137 -5.77 1.43 39.43
N ILE A 138 -6.13 1.59 40.70
CA ILE A 138 -5.64 0.67 41.72
C ILE A 138 -6.77 0.14 42.59
N SER A 139 -7.95 0.12 42.00
CA SER A 139 -9.15 -0.39 42.67
C SER A 139 -9.02 -1.84 43.10
N LYS A 140 -8.41 -2.61 42.22
CA LYS A 140 -8.23 -4.04 42.43
C LYS A 140 -7.17 -4.29 43.50
N LEU A 141 -6.10 -3.49 43.48
CA LEU A 141 -5.07 -3.50 44.52
C LEU A 141 -5.66 -3.12 45.89
N LYS A 142 -6.41 -2.03 45.94
CA LYS A 142 -7.08 -1.65 47.17
C LYS A 142 -7.92 -2.81 47.74
N LEU A 143 -8.66 -3.49 46.87
CA LEU A 143 -9.46 -4.66 47.27
C LEU A 143 -8.64 -5.83 47.84
N ALA A 144 -7.49 -6.11 47.23
CA ALA A 144 -6.57 -7.18 47.68
C ALA A 144 -5.93 -6.88 49.01
N LEU A 145 -5.59 -5.60 49.21
CA LEU A 145 -4.95 -5.13 50.42
C LEU A 145 -5.88 -5.32 51.62
N ASP A 146 -7.14 -4.94 51.43
CA ASP A 146 -8.14 -5.17 52.46
C ASP A 146 -8.33 -6.68 52.70
N LYS A 147 -8.41 -7.44 51.62
CA LYS A 147 -8.68 -8.86 51.71
C LYS A 147 -7.68 -9.67 52.51
N TYR A 148 -6.39 -9.51 52.20
CA TYR A 148 -5.34 -10.36 52.76
C TYR A 148 -4.50 -9.64 53.82
N ASP A 149 -4.85 -8.40 54.12
CA ASP A 149 -4.18 -7.61 55.17
C ASP A 149 -2.65 -7.62 54.99
N VAL A 150 -1.90 -7.68 56.08
CA VAL A 150 -0.44 -7.61 55.95
C VAL A 150 0.35 -8.67 56.77
N ASP A 151 1.67 -8.47 56.84
CA ASP A 151 2.62 -9.42 57.43
C ASP A 151 2.41 -10.80 56.85
N LEU A 152 2.26 -10.88 55.55
CA LEU A 152 2.18 -12.17 54.90
C LEU A 152 3.58 -12.81 54.82
N PRO A 153 3.65 -14.16 54.65
CA PRO A 153 4.94 -14.83 54.60
C PRO A 153 5.71 -14.51 53.35
N MET A 154 7.01 -14.28 53.49
CA MET A 154 7.87 -14.11 52.33
C MET A 154 8.13 -15.46 51.67
N ILE A 155 8.28 -15.46 50.36
CA ILE A 155 8.47 -16.71 49.66
C ILE A 155 9.93 -16.86 49.25
N THR A 156 10.51 -18.01 49.61
CA THR A 156 11.87 -18.33 49.25
C THR A 156 12.01 -18.73 47.79
N PHE A 157 12.82 -18.00 47.04
CA PHE A 157 13.17 -18.42 45.69
C PHE A 157 14.67 -18.54 45.54
N LEU A 158 15.09 -19.33 44.56
CA LEU A 158 16.50 -19.45 44.24
C LEU A 158 16.87 -18.41 43.20
N LYS A 159 17.99 -17.72 43.38
CA LYS A 159 18.42 -16.70 42.43
C LYS A 159 19.13 -17.33 41.21
N ASP A 160 18.54 -17.05 40.06
CA ASP A 160 18.98 -17.54 38.76
C ASP A 160 20.09 -16.63 38.22
N GLU A 161 21.34 -17.00 38.46
CA GLU A 161 22.48 -16.20 38.05
C GLU A 161 23.68 -17.06 37.67
N LEU A 162 24.70 -16.44 37.07
CA LEU A 162 25.94 -17.19 36.89
C LEU A 162 26.65 -17.28 38.24
N ARG A 163 27.20 -18.46 38.56
CA ARG A 163 28.06 -18.54 39.73
C ARG A 163 29.42 -19.13 39.35
N LYS A 164 30.38 -19.01 40.26
CA LYS A 164 31.68 -19.63 40.04
C LYS A 164 31.55 -21.16 40.08
N LYS A 165 32.46 -21.85 39.39
CA LYS A 165 32.32 -23.29 39.22
C LYS A 165 32.21 -24.01 40.55
N ASP A 166 32.92 -23.49 41.56
CA ASP A 166 33.01 -24.13 42.87
C ASP A 166 31.74 -23.93 43.70
N LYS A 167 30.77 -23.19 43.18
CA LYS A 167 29.54 -23.03 43.92
C LYS A 167 28.52 -23.99 43.29
N ILE A 168 28.86 -24.59 42.15
CA ILE A 168 27.89 -25.47 41.49
C ILE A 168 27.75 -26.84 42.19
N ALA A 169 28.80 -27.65 42.17
CA ALA A 169 28.71 -28.95 42.83
C ALA A 169 28.34 -28.83 44.32
N ALA A 170 28.96 -27.86 44.98
CA ALA A 170 28.69 -27.58 46.39
C ALA A 170 27.25 -27.13 46.63
N GLY A 171 26.57 -26.81 45.53
CA GLY A 171 25.17 -26.41 45.56
C GLY A 171 24.93 -25.10 46.29
N LYS A 172 25.97 -24.27 46.35
CA LYS A 172 25.92 -22.96 46.99
C LYS A 172 25.16 -21.91 46.13
N THR A 173 23.87 -22.11 45.96
CA THR A 173 23.02 -21.18 45.23
C THR A 173 22.51 -20.10 46.20
N ARG A 174 22.37 -18.86 45.74
CA ARG A 174 21.83 -17.82 46.63
C ARG A 174 20.31 -17.86 46.66
N VAL A 175 19.72 -17.67 47.84
CA VAL A 175 18.26 -17.67 47.92
C VAL A 175 17.74 -16.24 48.01
N ILE A 176 16.51 -16.09 47.54
CA ILE A 176 15.85 -14.81 47.49
C ILE A 176 14.59 -14.92 48.33
N GLU A 177 14.23 -13.82 49.00
CA GLU A 177 13.04 -13.79 49.85
C GLU A 177 11.99 -12.80 49.30
N ALA A 178 10.93 -13.32 48.67
CA ALA A 178 9.94 -12.49 47.97
C ALA A 178 8.91 -11.83 48.89
N SER A 179 8.91 -10.50 48.91
CA SER A 179 7.95 -9.76 49.74
C SER A 179 6.56 -9.67 49.10
N SER A 180 5.52 -9.94 49.87
CA SER A 180 4.18 -9.75 49.35
C SER A 180 3.92 -8.27 49.03
N ILE A 181 3.28 -8.03 47.89
CA ILE A 181 3.03 -6.67 47.45
C ILE A 181 2.29 -5.89 48.53
N ASN A 182 1.44 -6.58 49.31
CA ASN A 182 0.82 -5.96 50.48
C ASN A 182 1.86 -5.34 51.43
N ASP A 183 2.89 -6.13 51.73
CA ASP A 183 3.91 -5.69 52.69
C ASP A 183 4.90 -4.67 52.12
N THR A 184 5.26 -4.81 50.84
CA THR A 184 6.16 -3.86 50.22
C THR A 184 5.55 -2.46 50.30
N ILE A 185 4.28 -2.38 49.92
CA ILE A 185 3.50 -1.17 49.94
C ILE A 185 3.45 -0.57 51.33
N LEU A 186 3.15 -1.41 52.33
CA LEU A 186 3.11 -1.01 53.73
C LEU A 186 4.42 -0.34 54.18
N PHE A 187 5.54 -1.01 53.97
CA PHE A 187 6.86 -0.47 54.27
C PHE A 187 7.19 0.82 53.54
N ARG A 188 6.89 0.86 52.25
CA ARG A 188 6.96 2.10 51.49
C ARG A 188 6.11 3.23 52.15
N THR A 189 4.84 2.98 52.47
CA THR A 189 3.98 4.01 53.07
C THR A 189 4.57 4.61 54.35
N VAL A 190 5.22 3.78 55.16
CA VAL A 190 5.80 4.24 56.43
C VAL A 190 7.18 4.86 56.23
N TYR A 191 8.03 4.18 55.49
CA TYR A 191 9.44 4.52 55.39
C TYR A 191 9.82 5.23 54.07
N GLY A 192 8.83 5.48 53.22
CA GLY A 192 9.09 6.05 51.90
C GLY A 192 9.97 7.28 51.91
N ASN A 193 9.63 8.20 52.82
CA ASN A 193 10.36 9.43 53.00
C ASN A 193 11.84 9.20 53.41
N LEU A 194 12.10 8.18 54.23
CA LEU A 194 13.48 7.81 54.57
C LEU A 194 14.23 7.28 53.37
N PHE A 195 13.66 6.27 52.71
CA PHE A 195 14.24 5.65 51.51
C PHE A 195 14.60 6.69 50.49
N SER A 196 13.68 7.62 50.27
CA SER A 196 13.88 8.65 49.26
C SER A 196 15.11 9.48 49.61
N LYS A 197 15.11 10.12 50.78
CA LYS A 197 16.26 10.92 51.21
C LYS A 197 17.60 10.18 51.00
N PHE A 198 17.68 8.91 51.39
CA PHE A 198 18.88 8.12 51.12
C PHE A 198 19.19 8.08 49.61
N HIS A 199 18.21 7.69 48.79
CA HIS A 199 18.39 7.66 47.35
C HIS A 199 18.93 8.98 46.81
N LEU A 200 18.45 10.09 47.33
CA LEU A 200 18.87 11.37 46.79
C LEU A 200 20.16 11.88 47.43
N ASN A 201 20.72 11.17 48.38
CA ASN A 201 21.90 11.70 49.04
C ASN A 201 22.98 10.65 49.31
N PRO A 202 23.49 10.05 48.24
CA PRO A 202 24.63 9.18 48.52
C PRO A 202 25.78 10.00 49.01
N GLY A 203 26.45 9.51 50.04
CA GLY A 203 27.62 10.16 50.55
C GLY A 203 27.90 9.88 52.00
N VAL A 204 28.72 10.71 52.61
CA VAL A 204 29.18 10.41 53.94
C VAL A 204 28.23 10.86 55.02
N VAL A 205 27.11 11.49 54.63
CA VAL A 205 26.11 11.88 55.63
C VAL A 205 25.08 10.78 55.82
N THR A 206 24.59 10.22 54.71
CA THR A 206 23.73 9.03 54.80
C THR A 206 24.57 7.82 55.23
N GLY A 207 25.86 7.86 54.89
CA GLY A 207 26.74 6.74 55.20
C GLY A 207 26.41 5.64 54.23
N CYS A 208 25.92 6.04 53.06
CA CYS A 208 25.32 5.13 52.10
C CYS A 208 25.64 5.45 50.64
N ALA A 209 26.01 4.43 49.89
CA ALA A 209 26.34 4.60 48.47
C ALA A 209 25.14 4.42 47.54
N VAL A 210 24.05 3.86 48.04
CA VAL A 210 22.88 3.63 47.20
C VAL A 210 22.41 4.91 46.53
N GLY A 211 22.34 4.90 45.19
CA GLY A 211 21.89 6.06 44.45
C GLY A 211 23.00 6.81 43.76
N CYS A 212 24.24 6.30 43.86
CA CYS A 212 25.42 6.91 43.23
C CYS A 212 25.66 6.46 41.77
N ASP A 213 26.24 7.35 40.98
CA ASP A 213 26.81 7.00 39.67
C ASP A 213 28.33 6.86 39.80
N PRO A 214 28.82 5.63 39.91
CA PRO A 214 30.25 5.35 39.98
C PRO A 214 31.11 6.15 38.99
N GLU A 215 30.64 6.38 37.77
CA GLU A 215 31.46 7.18 36.85
C GLU A 215 31.72 8.61 37.33
N THR A 216 30.80 9.21 38.08
CA THR A 216 31.02 10.56 38.64
C THR A 216 31.32 10.61 40.15
N PHE A 217 30.77 9.65 40.88
CA PHE A 217 30.90 9.54 42.34
C PHE A 217 32.34 9.12 42.74
N TRP A 218 32.97 8.28 41.91
CA TRP A 218 34.33 7.83 42.16
C TRP A 218 35.32 8.97 42.32
N SER A 219 35.03 10.11 41.70
CA SER A 219 35.89 11.29 41.87
C SER A 219 35.60 12.06 43.16
N LYS A 220 34.40 11.89 43.72
CA LYS A 220 34.05 12.55 44.99
C LYS A 220 34.60 11.80 46.22
N ILE A 221 34.65 10.48 46.14
CA ILE A 221 34.99 9.64 47.30
C ILE A 221 36.27 10.05 48.05
N PRO A 222 37.40 10.30 47.34
CA PRO A 222 38.60 10.68 48.11
C PRO A 222 38.47 12.05 48.77
N LEU A 223 37.54 12.85 48.30
CA LEU A 223 37.22 14.10 49.00
C LEU A 223 36.38 13.81 50.26
N MET A 224 35.45 12.86 50.17
CA MET A 224 34.57 12.57 51.30
C MET A 224 35.29 11.76 52.37
N LEU A 225 36.04 10.74 51.98
CA LEU A 225 36.91 10.06 52.94
C LEU A 225 38.29 10.74 52.97
N ASP A 226 38.34 11.90 53.64
CA ASP A 226 39.52 12.78 53.61
C ASP A 226 40.68 12.16 54.38
N GLY A 227 40.38 11.05 55.04
CA GLY A 227 41.30 10.46 55.99
C GLY A 227 42.58 9.91 55.43
N ASP A 228 43.32 9.27 56.33
CA ASP A 228 44.73 8.94 56.19
C ASP A 228 44.86 7.44 55.94
N CYS A 229 44.22 6.69 56.83
CA CYS A 229 43.98 5.28 56.63
C CYS A 229 42.67 5.12 55.91
N ILE A 230 42.70 4.52 54.72
CA ILE A 230 41.46 4.11 54.07
C ILE A 230 41.40 2.57 54.12
N MET A 231 40.20 2.03 54.40
CA MET A 231 40.03 0.62 54.73
C MET A 231 38.76 0.04 54.15
N ALA A 232 38.68 -1.29 54.17
CA ALA A 232 37.55 -2.04 53.63
C ALA A 232 37.73 -3.49 54.01
N PHE A 233 36.62 -4.21 54.18
CA PHE A 233 36.74 -5.67 54.29
C PHE A 233 35.46 -6.41 53.90
N ASP A 234 35.47 -7.72 54.16
CA ASP A 234 34.48 -8.65 53.63
C ASP A 234 33.69 -9.37 54.70
N TYR A 235 32.37 -9.47 54.48
CA TYR A 235 31.50 -10.23 55.34
C TYR A 235 31.19 -11.57 54.72
N THR A 236 31.39 -12.61 55.50
CA THR A 236 30.92 -13.94 55.16
C THR A 236 29.46 -14.06 55.60
N ASN A 237 28.55 -14.14 54.62
CA ASN A 237 27.12 -14.22 54.88
C ASN A 237 26.59 -13.11 55.81
N TYR A 238 26.85 -11.85 55.43
CA TYR A 238 26.38 -10.68 56.18
C TYR A 238 24.91 -10.73 56.61
N ASP A 239 24.03 -11.01 55.65
CA ASP A 239 22.62 -10.74 55.85
C ASP A 239 22.03 -11.72 56.86
N GLY A 240 22.54 -12.95 56.85
CA GLY A 240 22.05 -13.96 57.75
C GLY A 240 22.76 -13.99 59.09
N SER A 241 23.80 -13.19 59.24
CA SER A 241 24.51 -13.18 60.50
C SER A 241 24.17 -11.94 61.33
N ILE A 242 23.13 -11.22 60.94
CA ILE A 242 22.69 -10.07 61.73
C ILE A 242 21.90 -10.49 62.97
N HIS A 243 22.50 -10.26 64.13
CA HIS A 243 21.92 -10.60 65.42
C HIS A 243 20.76 -9.69 65.73
N PRO A 244 19.76 -10.20 66.48
CA PRO A 244 18.61 -9.35 66.78
C PRO A 244 18.95 -7.98 67.40
N ILE A 245 20.10 -7.85 68.05
CA ILE A 245 20.40 -6.59 68.70
C ILE A 245 20.71 -5.44 67.72
N TRP A 246 21.30 -5.73 66.56
CA TRP A 246 21.44 -4.72 65.52
C TRP A 246 20.10 -4.15 65.10
N PHE A 247 19.09 -5.01 65.13
CA PHE A 247 17.73 -4.63 64.84
C PHE A 247 17.18 -3.74 65.94
N LYS A 248 17.52 -4.02 67.19
CA LYS A 248 17.10 -3.13 68.27
C LYS A 248 17.76 -1.75 68.05
N ALA A 249 19.04 -1.77 67.67
CA ALA A 249 19.77 -0.56 67.27
C ALA A 249 19.11 0.21 66.13
N LEU A 250 18.90 -0.47 65.00
CA LEU A 250 18.24 0.13 63.85
C LEU A 250 16.94 0.79 64.29
N GLY A 251 16.20 0.08 65.14
CA GLY A 251 14.97 0.61 65.69
C GLY A 251 15.22 1.90 66.44
N MET A 252 16.29 1.94 67.24
CA MET A 252 16.58 3.12 68.04
C MET A 252 16.89 4.33 67.17
N VAL A 253 17.65 4.11 66.10
CA VAL A 253 17.91 5.17 65.12
C VAL A 253 16.62 5.67 64.48
N LEU A 254 15.83 4.75 63.92
CA LEU A 254 14.50 5.06 63.42
C LEU A 254 13.69 5.89 64.43
N ASP A 255 13.63 5.43 65.68
CA ASP A 255 12.90 6.18 66.69
C ASP A 255 13.43 7.62 66.83
N ASN A 256 14.75 7.81 66.90
CA ASN A 256 15.33 9.17 66.95
C ASN A 256 14.97 10.07 65.77
N LEU A 257 14.64 9.45 64.63
CA LEU A 257 14.20 10.17 63.46
C LEU A 257 12.68 10.27 63.45
N SER A 258 12.07 9.79 64.52
CA SER A 258 10.62 9.85 64.71
C SER A 258 9.89 8.93 63.75
N PHE A 259 10.57 7.89 63.30
CA PHE A 259 9.94 6.85 62.51
C PHE A 259 9.47 5.72 63.40
N ASN A 260 8.67 4.84 62.85
CA ASN A 260 8.19 3.71 63.61
C ASN A 260 9.29 2.65 63.72
N PRO A 261 9.67 2.30 64.95
CA PRO A 261 10.78 1.37 65.16
C PRO A 261 10.35 -0.08 65.33
N THR A 262 9.07 -0.37 65.16
CA THR A 262 8.59 -1.70 65.48
C THR A 262 8.34 -2.50 64.21
N LEU A 263 7.98 -1.85 63.10
CA LEU A 263 7.71 -2.60 61.86
C LEU A 263 8.88 -3.49 61.46
N ILE A 264 10.10 -3.08 61.82
CA ILE A 264 11.26 -3.83 61.38
C ILE A 264 11.46 -5.14 62.13
N ASN A 265 10.71 -5.36 63.21
CA ASN A 265 10.72 -6.66 63.88
C ASN A 265 10.13 -7.74 62.99
N ARG A 266 9.44 -7.32 61.93
CA ARG A 266 8.96 -8.25 60.92
C ARG A 266 10.12 -8.68 60.00
N LEU A 267 11.25 -7.99 60.09
CA LEU A 267 12.42 -8.40 59.35
C LEU A 267 13.25 -9.29 60.24
N CYS A 268 13.48 -8.85 61.47
CA CYS A 268 14.21 -9.66 62.44
C CYS A 268 13.57 -11.04 62.64
N ASN A 269 12.29 -11.05 62.96
CA ASN A 269 11.53 -12.28 63.10
C ASN A 269 10.61 -12.46 61.93
N SER A 270 11.04 -13.27 60.96
CA SER A 270 10.34 -13.35 59.68
C SER A 270 9.69 -14.69 59.36
N LYS A 271 8.59 -14.65 58.60
CA LYS A 271 7.88 -15.85 58.15
C LYS A 271 8.30 -16.12 56.72
N HIS A 272 8.50 -17.39 56.39
CA HIS A 272 8.87 -17.80 55.05
C HIS A 272 8.18 -19.08 54.65
N ILE A 273 7.96 -19.26 53.34
CA ILE A 273 7.60 -20.54 52.77
C ILE A 273 8.59 -20.96 51.70
N PHE A 274 9.20 -22.11 51.90
CA PHE A 274 9.99 -22.72 50.86
C PHE A 274 9.28 -23.97 50.41
N LYS A 275 8.84 -23.95 49.17
CA LYS A 275 8.13 -25.04 48.54
C LYS A 275 6.95 -25.62 49.33
N SER A 276 7.18 -26.59 50.22
CA SER A 276 6.09 -27.17 51.00
C SER A 276 6.32 -27.03 52.46
N THR A 277 7.28 -26.18 52.81
CA THR A 277 7.71 -25.97 54.19
C THR A 277 7.48 -24.55 54.64
N TYR A 278 6.77 -24.40 55.76
CA TYR A 278 6.58 -23.10 56.37
C TYR A 278 7.63 -22.98 57.46
N TYR A 279 8.32 -21.84 57.55
CA TYR A 279 9.26 -21.65 58.64
C TYR A 279 9.41 -20.20 59.08
N GLU A 280 9.94 -20.04 60.27
CA GLU A 280 10.15 -18.73 60.85
C GLU A 280 11.60 -18.61 61.33
N VAL A 281 12.20 -17.44 61.12
CA VAL A 281 13.62 -17.24 61.38
C VAL A 281 13.81 -16.04 62.30
N GLU A 282 14.65 -16.20 63.32
CA GLU A 282 14.96 -15.11 64.25
C GLU A 282 16.38 -14.63 63.98
N GLY A 283 16.52 -13.38 63.59
CA GLY A 283 17.80 -12.86 63.17
C GLY A 283 17.88 -12.88 61.66
N GLY A 284 18.87 -12.19 61.12
CA GLY A 284 19.07 -12.07 59.68
C GLY A 284 18.17 -11.04 59.04
N VAL A 285 18.72 -10.24 58.12
CA VAL A 285 17.90 -9.38 57.25
C VAL A 285 17.45 -10.19 56.04
N PRO A 286 16.13 -10.36 55.88
CA PRO A 286 15.65 -11.22 54.81
C PRO A 286 15.85 -10.54 53.47
N SER A 287 16.99 -10.70 52.83
CA SER A 287 17.22 -10.00 51.57
C SER A 287 16.08 -10.25 50.56
N GLY A 288 15.39 -9.18 50.19
CA GLY A 288 14.22 -9.27 49.33
C GLY A 288 13.05 -8.49 49.89
N CYS A 289 13.19 -8.12 51.16
CA CYS A 289 12.18 -7.33 51.85
C CYS A 289 12.17 -5.89 51.33
N SER A 290 11.18 -5.11 51.73
CA SER A 290 11.26 -3.71 51.38
C SER A 290 12.36 -3.03 52.19
N GLY A 291 13.24 -2.33 51.48
CA GLY A 291 14.27 -1.59 52.16
C GLY A 291 15.52 -2.38 52.46
N THR A 292 15.68 -3.57 51.87
CA THR A 292 16.92 -4.33 52.12
C THR A 292 18.18 -3.47 52.00
N SER A 293 18.36 -2.80 50.86
CA SER A 293 19.54 -1.98 50.68
C SER A 293 19.70 -0.91 51.76
N ILE A 294 18.64 -0.16 52.03
CA ILE A 294 18.78 0.92 53.00
C ILE A 294 19.02 0.34 54.40
N PHE A 295 18.13 -0.51 54.88
CA PHE A 295 18.29 -1.09 56.22
C PHE A 295 19.63 -1.84 56.45
N ASN A 296 20.07 -2.63 55.48
CA ASN A 296 21.38 -3.26 55.55
C ASN A 296 22.51 -2.23 55.68
N SER A 297 22.43 -1.16 54.88
CA SER A 297 23.40 -0.06 54.93
C SER A 297 23.41 0.68 56.27
N MET A 298 22.22 1.05 56.76
CA MET A 298 22.13 1.73 58.04
C MET A 298 22.75 0.86 59.12
N ILE A 299 22.48 -0.43 59.05
CA ILE A 299 23.01 -1.36 60.02
C ILE A 299 24.54 -1.40 59.95
N ASN A 300 25.10 -1.61 58.76
CA ASN A 300 26.56 -1.55 58.59
C ASN A 300 27.19 -0.32 59.25
N ASN A 301 26.60 0.86 59.04
CA ASN A 301 27.06 2.06 59.73
C ASN A 301 27.14 1.93 61.26
N ILE A 302 26.25 1.14 61.87
CA ILE A 302 26.29 0.96 63.34
C ILE A 302 27.41 -0.02 63.72
N ILE A 303 27.38 -1.20 63.12
CA ILE A 303 28.45 -2.18 63.23
C ILE A 303 29.88 -1.60 63.15
N ILE A 304 30.22 -0.95 62.04
CA ILE A 304 31.54 -0.34 61.87
C ILE A 304 31.89 0.64 63.02
N ARG A 305 30.99 1.56 63.35
CA ARG A 305 31.18 2.42 64.55
C ARG A 305 31.42 1.57 65.82
N THR A 306 30.55 0.59 66.08
CA THR A 306 30.70 -0.29 67.24
C THR A 306 32.04 -1.02 67.22
N LEU A 307 32.38 -1.66 66.09
CA LEU A 307 33.62 -2.42 65.99
C LEU A 307 34.88 -1.59 66.31
N VAL A 308 34.91 -0.38 65.77
CA VAL A 308 36.00 0.55 66.05
C VAL A 308 36.06 0.97 67.54
N LEU A 309 34.92 1.38 68.12
CA LEU A 309 34.82 1.66 69.56
C LEU A 309 35.28 0.48 70.43
N ASP A 310 35.01 -0.74 69.98
CA ASP A 310 35.44 -1.94 70.69
C ASP A 310 36.94 -2.11 70.65
N ALA A 311 37.51 -1.82 69.49
CA ALA A 311 38.91 -2.10 69.20
C ALA A 311 39.88 -0.99 69.64
N TYR A 312 39.35 0.22 69.78
CA TYR A 312 40.16 1.39 70.11
C TYR A 312 39.47 2.25 71.14
N LYS A 313 40.21 2.68 72.15
CA LYS A 313 39.60 3.26 73.33
C LYS A 313 39.21 4.73 73.19
N HIS A 314 39.98 5.51 72.43
CA HIS A 314 39.76 6.96 72.45
C HIS A 314 39.46 7.57 71.09
N ILE A 315 38.41 7.09 70.43
CA ILE A 315 38.17 7.40 69.02
C ILE A 315 37.37 8.68 68.77
N ASP A 316 37.68 9.34 67.66
CA ASP A 316 36.95 10.50 67.20
C ASP A 316 35.96 10.07 66.10
N LEU A 317 34.72 9.78 66.50
CA LEU A 317 33.69 9.25 65.59
C LEU A 317 33.40 10.16 64.41
N ASP A 318 33.50 11.48 64.61
CA ASP A 318 33.30 12.43 63.51
C ASP A 318 34.32 12.24 62.39
N LYS A 319 35.48 11.67 62.68
CA LYS A 319 36.52 11.50 61.67
C LYS A 319 36.54 10.07 61.15
N LEU A 320 35.62 9.26 61.60
CA LEU A 320 35.44 7.91 61.07
C LEU A 320 34.44 8.01 59.93
N LYS A 321 34.91 8.10 58.70
CA LYS A 321 33.99 8.37 57.60
C LYS A 321 33.58 7.08 56.93
N ILE A 322 32.28 6.88 56.75
CA ILE A 322 31.76 5.63 56.22
C ILE A 322 30.84 5.82 55.01
N ILE A 323 30.98 4.94 54.03
CA ILE A 323 30.06 4.78 52.92
C ILE A 323 29.75 3.31 52.75
N ALA A 324 28.49 2.94 52.80
CA ALA A 324 28.14 1.53 52.71
C ALA A 324 27.12 1.25 51.63
N TYR A 325 27.23 0.09 50.99
CA TYR A 325 26.16 -0.38 50.14
C TYR A 325 25.81 -1.79 50.56
N GLY A 326 24.83 -1.87 51.47
CA GLY A 326 24.50 -3.13 52.08
C GLY A 326 25.71 -3.66 52.83
N ASP A 327 26.14 -4.86 52.49
CA ASP A 327 27.28 -5.44 53.19
C ASP A 327 28.59 -4.80 52.76
N ASP A 328 28.61 -4.28 51.54
CA ASP A 328 29.83 -3.69 51.00
C ASP A 328 30.12 -2.35 51.64
N VAL A 329 31.36 -2.14 52.06
CA VAL A 329 31.70 -0.93 52.78
C VAL A 329 33.12 -0.51 52.51
N ILE A 330 33.29 0.80 52.42
CA ILE A 330 34.57 1.49 52.34
C ILE A 330 34.52 2.58 53.42
N PHE A 331 35.61 2.80 54.16
CA PHE A 331 35.63 3.83 55.22
C PHE A 331 37.04 4.39 55.51
N SER A 332 37.12 5.43 56.34
CA SER A 332 38.43 5.99 56.67
C SER A 332 38.46 6.56 58.08
N TYR A 333 39.67 6.64 58.63
CA TYR A 333 39.91 7.37 59.86
C TYR A 333 41.04 8.32 59.60
N LYS A 334 41.21 9.28 60.50
CA LYS A 334 42.26 10.28 60.36
C LYS A 334 43.66 9.71 60.63
N TYR A 335 43.79 8.71 61.50
CA TYR A 335 45.07 8.01 61.64
C TYR A 335 44.92 6.57 61.18
N LYS A 336 46.00 5.81 61.18
CA LYS A 336 45.96 4.40 60.76
C LYS A 336 45.41 3.44 61.84
N LEU A 337 44.40 2.65 61.48
CA LEU A 337 43.87 1.60 62.36
C LEU A 337 44.18 0.21 61.81
N ASP A 338 44.08 -0.81 62.66
CA ASP A 338 44.39 -2.19 62.27
C ASP A 338 43.10 -2.86 61.82
N MET A 339 43.00 -3.11 60.52
CA MET A 339 41.82 -3.76 60.00
C MET A 339 41.64 -5.11 60.68
N GLU A 340 42.74 -5.84 60.81
CA GLU A 340 42.75 -7.13 61.50
C GLU A 340 42.05 -7.08 62.84
N ALA A 341 42.40 -6.07 63.64
CA ALA A 341 41.91 -5.91 65.00
C ALA A 341 40.45 -5.54 65.07
N ILE A 342 40.02 -4.72 64.11
CA ILE A 342 38.62 -4.34 64.04
C ILE A 342 37.78 -5.54 63.65
N ALA A 343 38.23 -6.27 62.63
CA ALA A 343 37.48 -7.41 62.18
C ALA A 343 37.29 -8.41 63.31
N LYS A 344 38.29 -8.55 64.17
CA LYS A 344 38.20 -9.47 65.30
C LYS A 344 36.97 -9.21 66.16
N GLU A 345 36.70 -7.94 66.40
CA GLU A 345 35.66 -7.53 67.33
C GLU A 345 34.26 -7.89 66.85
N GLY A 346 34.14 -8.30 65.60
CA GLY A 346 32.84 -8.64 65.07
C GLY A 346 32.46 -10.04 65.48
N GLN A 347 33.47 -10.84 65.82
CA GLN A 347 33.28 -12.23 66.21
C GLN A 347 32.27 -12.44 67.36
N LYS A 348 32.42 -11.69 68.46
CA LYS A 348 31.48 -11.86 69.58
C LYS A 348 30.03 -11.57 69.22
N TYR A 349 29.80 -10.85 68.13
CA TYR A 349 28.46 -10.51 67.74
C TYR A 349 27.89 -11.52 66.76
N GLY A 350 28.78 -12.35 66.23
CA GLY A 350 28.39 -13.34 65.24
C GLY A 350 28.73 -12.92 63.83
N LEU A 351 29.52 -11.87 63.70
CA LEU A 351 29.91 -11.44 62.37
C LEU A 351 31.23 -12.06 61.97
N THR A 352 31.30 -12.54 60.74
CA THR A 352 32.54 -13.05 60.22
C THR A 352 33.12 -12.10 59.18
N ILE A 353 34.20 -11.44 59.56
CA ILE A 353 34.83 -10.47 58.69
C ILE A 353 36.21 -10.96 58.23
N THR A 354 36.47 -10.81 56.94
CA THR A 354 37.69 -11.34 56.31
C THR A 354 38.39 -10.29 55.46
N PRO A 355 39.70 -10.47 55.20
CA PRO A 355 40.45 -9.49 54.41
C PRO A 355 39.72 -9.19 53.12
N ALA A 356 39.70 -7.91 52.75
CA ALA A 356 38.95 -7.48 51.58
C ALA A 356 39.45 -8.15 50.32
N ASP A 357 38.51 -8.45 49.42
CA ASP A 357 38.78 -9.11 48.14
C ASP A 357 39.69 -10.33 48.29
N LYS A 358 39.27 -11.20 49.21
CA LYS A 358 39.77 -12.56 49.39
C LYS A 358 41.29 -12.69 49.55
N SER A 359 41.93 -11.76 50.27
CA SER A 359 43.30 -11.95 50.66
C SER A 359 43.38 -13.07 51.69
N SER A 360 44.60 -13.51 51.98
CA SER A 360 44.81 -14.54 52.98
C SER A 360 44.94 -13.84 54.34
N GLU A 361 45.67 -12.71 54.35
CA GLU A 361 45.77 -11.88 55.54
C GLU A 361 45.37 -10.45 55.23
N PHE A 362 45.18 -9.67 56.29
CA PHE A 362 44.84 -8.27 56.17
C PHE A 362 46.07 -7.46 55.78
N LYS A 363 45.98 -6.69 54.70
CA LYS A 363 47.07 -5.81 54.31
C LYS A 363 46.61 -4.38 54.31
N GLU A 364 47.54 -3.43 54.33
CA GLU A 364 47.19 -2.02 54.20
C GLU A 364 46.54 -1.76 52.85
N LEU A 365 45.71 -0.73 52.79
CA LEU A 365 45.06 -0.35 51.56
C LEU A 365 45.23 1.15 51.29
N ASP A 366 45.26 1.47 50.00
CA ASP A 366 45.21 2.84 49.51
C ASP A 366 44.32 2.86 48.26
N TYR A 367 44.14 4.03 47.66
CA TYR A 367 43.33 4.17 46.45
C TYR A 367 44.00 3.52 45.24
N GLY A 368 44.62 2.36 45.44
CA GLY A 368 45.33 1.71 44.37
C GLY A 368 44.98 0.25 44.38
N ASN A 369 44.61 -0.21 45.56
CA ASN A 369 44.31 -1.61 45.73
C ASN A 369 42.95 -1.79 46.40
N VAL A 370 42.29 -0.68 46.74
CA VAL A 370 41.01 -0.82 47.39
C VAL A 370 39.88 -0.92 46.34
N THR A 371 38.79 -1.61 46.67
CA THR A 371 37.65 -1.61 45.75
C THR A 371 36.35 -1.42 46.49
N PHE A 372 35.34 -1.01 45.73
CA PHE A 372 33.99 -0.80 46.21
C PHE A 372 33.04 -1.07 45.04
N LEU A 373 31.95 -1.80 45.29
CA LEU A 373 31.02 -2.18 44.23
C LEU A 373 31.70 -2.81 43.00
N LYS A 374 32.68 -3.67 43.30
CA LYS A 374 33.54 -4.38 42.36
C LYS A 374 34.55 -3.48 41.64
N ARG A 375 34.49 -2.17 41.88
CA ARG A 375 35.32 -1.26 41.10
C ARG A 375 36.51 -0.70 41.86
N GLY A 376 37.60 -0.54 41.13
CA GLY A 376 38.81 0.06 41.68
C GLY A 376 38.89 1.55 41.35
N PHE A 377 39.95 2.19 41.82
CA PHE A 377 40.11 3.62 41.63
C PHE A 377 41.40 3.86 40.90
N ARG A 378 41.41 4.75 39.92
CA ARG A 378 42.66 5.15 39.27
C ARG A 378 42.45 6.50 38.57
N GLN A 379 43.41 7.39 38.69
CA GLN A 379 43.20 8.74 38.15
C GLN A 379 43.49 8.86 36.66
N ASP A 380 42.69 9.71 36.01
CA ASP A 380 42.89 10.04 34.61
C ASP A 380 44.30 10.54 34.38
N ASP A 381 44.88 10.18 33.23
CA ASP A 381 46.21 10.63 32.84
C ASP A 381 46.29 12.15 32.57
N LYS A 382 45.16 12.73 32.16
CA LYS A 382 45.08 14.16 31.81
C LYS A 382 44.59 14.99 33.00
N TYR A 383 43.44 14.60 33.54
CA TYR A 383 42.90 15.27 34.71
C TYR A 383 43.00 14.39 35.95
N LYS A 384 43.97 14.67 36.82
CA LYS A 384 44.30 13.78 37.92
C LYS A 384 43.22 13.81 39.00
N PHE A 385 42.32 14.80 38.91
CA PHE A 385 41.25 14.96 39.88
C PHE A 385 40.01 14.16 39.46
N LEU A 386 40.04 13.61 38.25
CA LEU A 386 39.00 12.70 37.78
C LEU A 386 39.42 11.23 37.95
N ILE A 387 38.62 10.48 38.72
CA ILE A 387 38.93 9.09 39.04
C ILE A 387 38.09 8.06 38.29
N HIS A 388 38.75 7.17 37.57
CA HIS A 388 38.09 6.09 36.85
C HIS A 388 37.66 4.99 37.84
N PRO A 389 36.42 4.47 37.67
CA PRO A 389 36.03 3.24 38.35
C PRO A 389 36.47 2.04 37.51
N THR A 390 37.57 1.41 37.89
CA THR A 390 38.08 0.28 37.13
C THR A 390 37.23 -0.98 37.33
N PHE A 391 37.22 -1.86 36.33
CA PHE A 391 36.39 -3.05 36.38
C PHE A 391 37.20 -4.26 35.99
N PRO A 392 37.03 -5.35 36.75
CA PRO A 392 37.82 -6.58 36.55
C PRO A 392 37.57 -7.18 35.17
N VAL A 393 38.60 -7.29 34.34
CA VAL A 393 38.39 -7.78 32.99
C VAL A 393 37.85 -9.21 32.95
N GLU A 394 38.22 -10.02 33.94
CA GLU A 394 37.74 -11.41 34.04
C GLU A 394 36.25 -11.50 34.09
N GLU A 395 35.61 -10.56 34.77
CA GLU A 395 34.17 -10.60 34.96
C GLU A 395 33.46 -10.20 33.65
N ILE A 396 34.07 -9.24 32.95
CA ILE A 396 33.59 -8.87 31.63
C ILE A 396 33.62 -10.04 30.67
N TYR A 397 34.71 -10.79 30.66
CA TYR A 397 34.75 -12.00 29.84
C TYR A 397 33.72 -13.07 30.24
N GLU A 398 33.45 -13.25 31.54
CA GLU A 398 32.49 -14.26 31.98
C GLU A 398 31.11 -13.85 31.49
N SER A 399 30.82 -12.56 31.67
CA SER A 399 29.51 -12.00 31.38
C SER A 399 29.13 -12.15 29.90
N ILE A 400 30.07 -11.86 29.02
CA ILE A 400 29.77 -11.83 27.59
C ILE A 400 29.50 -13.22 27.01
N ARG A 401 29.82 -14.27 27.75
CA ARG A 401 29.72 -15.64 27.25
C ARG A 401 28.31 -16.15 27.36
N TRP A 402 27.53 -15.48 28.22
CA TRP A 402 26.15 -15.85 28.44
C TRP A 402 25.21 -14.73 28.03
N THR A 403 23.94 -15.09 27.77
CA THR A 403 22.91 -14.11 27.39
C THR A 403 21.54 -14.60 27.90
N LYS A 404 20.67 -13.65 28.20
CA LYS A 404 19.29 -13.95 28.58
C LYS A 404 18.39 -13.46 27.46
N LYS A 405 18.98 -12.85 26.44
CA LYS A 405 18.21 -12.25 25.38
C LYS A 405 19.04 -12.21 24.11
N PRO A 406 19.29 -13.39 23.51
CA PRO A 406 20.10 -13.57 22.31
C PRO A 406 19.91 -12.45 21.29
N SER A 407 18.66 -12.08 21.03
CA SER A 407 18.35 -11.01 20.08
C SER A 407 18.89 -9.61 20.45
N GLN A 408 19.53 -9.45 21.60
CA GLN A 408 20.11 -8.14 21.91
C GLN A 408 21.50 -8.25 22.52
N MET A 409 22.40 -8.99 21.87
CA MET A 409 23.79 -9.01 22.33
C MET A 409 24.44 -7.64 22.09
N GLN A 410 23.85 -6.85 21.20
CA GLN A 410 24.39 -5.52 20.95
C GLN A 410 24.30 -4.67 22.23
N GLU A 411 23.12 -4.64 22.83
CA GLU A 411 22.90 -3.88 24.07
C GLU A 411 23.81 -4.42 25.14
N HIS A 412 23.90 -5.73 25.19
CA HIS A 412 24.79 -6.41 26.11
C HIS A 412 26.25 -5.93 25.91
N VAL A 413 26.73 -5.96 24.66
CA VAL A 413 28.10 -5.54 24.38
C VAL A 413 28.30 -4.09 24.79
N LEU A 414 27.31 -3.22 24.52
CA LEU A 414 27.43 -1.82 24.89
C LEU A 414 27.58 -1.64 26.40
N SER A 415 26.77 -2.37 27.15
CA SER A 415 26.90 -2.26 28.60
C SER A 415 28.33 -2.62 29.02
N LEU A 416 28.89 -3.67 28.43
CA LEU A 416 30.27 -4.04 28.79
C LEU A 416 31.33 -3.04 28.33
N CYS A 417 31.17 -2.43 27.16
CA CYS A 417 32.11 -1.41 26.70
C CYS A 417 32.17 -0.22 27.66
N HIS A 418 31.02 0.19 28.18
CA HIS A 418 30.98 1.26 29.16
C HIS A 418 31.67 0.87 30.49
N LEU A 419 31.78 -0.43 30.76
CA LEU A 419 32.53 -0.88 31.93
C LEU A 419 34.03 -0.96 31.65
N MET A 420 34.35 -1.45 30.45
CA MET A 420 35.71 -1.85 30.07
C MET A 420 36.68 -0.70 29.82
N TRP A 421 36.20 0.36 29.15
CA TRP A 421 37.11 1.38 28.66
C TRP A 421 37.84 2.14 29.75
N HIS A 422 37.27 2.20 30.95
CA HIS A 422 37.93 2.82 32.10
C HIS A 422 39.26 2.15 32.49
N ASN A 423 39.42 0.91 32.02
CA ASN A 423 40.61 0.12 32.28
C ASN A 423 41.75 0.56 31.40
N GLY A 424 41.46 1.36 30.37
CA GLY A 424 42.48 1.82 29.47
C GLY A 424 42.31 1.46 28.01
N PRO A 425 42.90 2.26 27.12
CA PRO A 425 42.78 2.15 25.66
C PRO A 425 43.21 0.79 25.14
N GLU A 426 44.34 0.28 25.61
CA GLU A 426 44.93 -0.90 24.99
C GLU A 426 44.19 -2.16 25.37
N ILE A 427 43.55 -2.20 26.54
CA ILE A 427 42.74 -3.36 26.88
C ILE A 427 41.44 -3.28 26.12
N TYR A 428 40.91 -2.06 26.02
CA TYR A 428 39.72 -1.79 25.23
C TYR A 428 39.96 -2.14 23.79
N LYS A 429 41.13 -1.77 23.30
CA LYS A 429 41.53 -2.15 21.95
C LYS A 429 41.42 -3.67 21.81
N ASP A 430 41.98 -4.40 22.77
CA ASP A 430 42.02 -5.85 22.68
C ASP A 430 40.63 -6.43 22.76
N PHE A 431 39.80 -5.85 23.61
CA PHE A 431 38.41 -6.26 23.73
C PHE A 431 37.68 -6.11 22.40
N GLU A 432 37.78 -4.93 21.78
CA GLU A 432 37.17 -4.70 20.45
C GLU A 432 37.59 -5.77 19.44
N THR A 433 38.90 -5.94 19.33
CA THR A 433 39.50 -6.92 18.43
C THR A 433 38.97 -8.34 18.66
N LYS A 434 38.95 -8.79 19.91
CA LYS A 434 38.40 -10.11 20.17
C LYS A 434 36.94 -10.20 19.72
N ILE A 435 36.18 -9.14 19.98
CA ILE A 435 34.78 -9.14 19.58
C ILE A 435 34.65 -9.33 18.08
N ARG A 436 35.52 -8.68 17.31
CA ARG A 436 35.39 -8.73 15.85
C ARG A 436 36.14 -9.91 15.21
N SER A 437 36.64 -10.84 16.02
CA SER A 437 37.23 -12.06 15.50
C SER A 437 36.16 -13.03 14.98
N VAL A 438 34.90 -12.68 15.16
CA VAL A 438 33.82 -13.52 14.65
C VAL A 438 32.77 -12.68 14.00
N SER A 439 31.92 -13.32 13.22
CA SER A 439 31.04 -12.62 12.33
C SER A 439 30.06 -11.78 13.12
N ALA A 440 29.54 -12.35 14.19
CA ALA A 440 28.53 -11.70 15.02
C ALA A 440 29.00 -10.37 15.62
N GLY A 441 30.25 -10.37 16.08
CA GLY A 441 30.87 -9.20 16.66
C GLY A 441 31.03 -8.10 15.63
N ARG A 442 31.31 -8.46 14.38
CA ARG A 442 31.55 -7.42 13.39
C ARG A 442 30.26 -6.76 12.97
N ALA A 443 29.16 -7.47 13.16
CA ALA A 443 27.84 -6.92 12.89
C ALA A 443 27.50 -5.78 13.88
N LEU A 444 28.18 -5.79 15.02
CA LEU A 444 27.88 -4.90 16.15
C LEU A 444 28.53 -3.52 16.05
N TYR A 445 27.78 -2.47 16.44
CA TYR A 445 28.34 -1.14 16.71
C TYR A 445 29.15 -1.16 18.02
N ILE A 446 30.38 -0.65 17.98
CA ILE A 446 31.18 -0.52 19.20
C ILE A 446 31.71 0.89 19.39
N PRO A 447 31.38 1.52 20.52
CA PRO A 447 31.83 2.90 20.72
C PRO A 447 33.36 2.99 20.75
N PRO A 448 33.91 3.97 20.02
CA PRO A 448 35.35 4.23 19.97
C PRO A 448 35.86 4.71 21.32
N TYR A 449 37.06 4.25 21.73
CA TYR A 449 37.61 4.61 23.04
C TYR A 449 37.56 6.12 23.28
N GLU A 450 37.91 6.91 22.27
CA GLU A 450 37.93 8.35 22.46
C GLU A 450 36.54 8.98 22.55
N LEU A 451 35.55 8.36 21.92
CA LEU A 451 34.18 8.84 22.04
C LEU A 451 33.74 8.65 23.47
N LEU A 452 33.99 7.46 24.02
CA LEU A 452 33.62 7.16 25.40
C LEU A 452 34.25 8.14 26.36
N ARG A 453 35.55 8.38 26.13
CA ARG A 453 36.34 9.27 26.94
C ARG A 453 35.79 10.66 27.00
N HIS A 454 35.51 11.26 25.85
CA HIS A 454 35.10 12.65 25.87
C HIS A 454 33.73 12.79 26.49
N GLU A 455 32.84 11.84 26.21
CA GLU A 455 31.51 11.79 26.82
C GLU A 455 31.59 11.76 28.35
N TRP A 456 32.61 11.09 28.86
CA TRP A 456 32.88 10.99 30.28
C TRP A 456 33.27 12.35 30.83
N TYR A 457 34.16 13.04 30.13
CA TYR A 457 34.61 14.36 30.54
C TYR A 457 33.44 15.34 30.63
N GLU A 458 32.48 15.24 29.71
CA GLU A 458 31.36 16.18 29.67
C GLU A 458 30.42 16.11 30.87
N LYS A 459 30.55 15.09 31.70
CA LYS A 459 29.65 14.89 32.84
C LYS A 459 30.17 15.61 34.10
N PHE A 460 31.28 16.34 33.98
CA PHE A 460 31.92 16.96 35.15
C PHE A 460 31.82 18.48 35.15
N GLY D 1 21.67 68.19 -4.86
CA GLY D 1 20.41 68.31 -5.57
C GLY D 1 20.35 69.35 -6.71
N GLN D 2 20.96 69.00 -7.85
CA GLN D 2 20.83 69.75 -9.11
C GLN D 2 20.33 68.85 -10.23
N ILE D 3 19.10 69.06 -10.69
CA ILE D 3 18.63 68.27 -11.83
C ILE D 3 19.31 68.66 -13.12
N GLN D 4 19.96 67.72 -13.78
CA GLN D 4 20.78 68.01 -14.96
C GLN D 4 20.02 67.86 -16.26
N ILE D 5 19.38 66.70 -16.44
CA ILE D 5 18.60 66.43 -17.64
C ILE D 5 17.21 65.91 -17.27
N SER D 6 16.22 66.18 -18.12
CA SER D 6 14.86 65.78 -17.81
C SER D 6 14.05 65.59 -19.11
N LYS D 7 13.72 64.33 -19.41
CA LYS D 7 13.11 63.96 -20.68
C LYS D 7 11.82 63.12 -20.50
N HIS D 8 11.02 63.04 -21.56
CA HIS D 8 9.89 62.12 -21.61
C HIS D 8 10.45 60.74 -21.85
N VAL D 9 9.92 59.75 -21.12
CA VAL D 9 10.49 58.40 -21.16
C VAL D 9 10.57 57.81 -22.59
N LYS D 10 9.57 58.11 -23.42
CA LYS D 10 9.52 57.60 -24.80
C LYS D 10 10.69 58.06 -25.67
N ASP D 11 11.16 59.28 -25.42
CA ASP D 11 12.28 59.89 -26.15
C ASP D 11 13.66 59.34 -25.72
N VAL D 12 13.67 58.25 -24.95
CA VAL D 12 14.92 57.62 -24.47
C VAL D 12 14.75 56.10 -24.43
N GLY D 13 13.63 55.63 -24.99
CA GLY D 13 13.33 54.22 -25.12
C GLY D 13 13.00 53.60 -23.78
N LEU D 14 12.45 54.44 -22.90
CA LEU D 14 12.11 54.00 -21.57
C LEU D 14 10.62 53.92 -21.37
N PRO D 15 10.18 52.89 -20.64
CA PRO D 15 8.77 52.71 -20.30
C PRO D 15 8.34 53.70 -19.22
N SER D 16 7.03 53.94 -19.04
CA SER D 16 6.54 54.69 -17.87
C SER D 16 6.24 53.70 -16.75
N ILE D 17 6.19 54.17 -15.51
CA ILE D 17 5.99 53.26 -14.37
C ILE D 17 4.70 53.51 -13.60
N HIS D 18 4.00 52.43 -13.26
CA HIS D 18 2.83 52.59 -12.40
C HIS D 18 3.23 53.11 -11.03
N THR D 19 2.73 54.28 -10.68
CA THR D 19 3.01 54.82 -9.35
C THR D 19 1.77 54.72 -8.48
N PRO D 20 1.89 54.00 -7.35
CA PRO D 20 0.78 53.81 -6.41
C PRO D 20 0.17 55.12 -5.96
N THR D 21 -1.05 55.04 -5.43
CA THR D 21 -1.83 56.24 -5.19
C THR D 21 -2.58 56.15 -3.85
N LYS D 22 -2.91 54.93 -3.46
CA LYS D 22 -3.71 54.72 -2.26
C LYS D 22 -2.85 54.46 -1.01
N THR D 23 -3.30 54.96 0.13
CA THR D 23 -2.62 54.68 1.41
C THR D 23 -3.03 53.34 2.03
N LYS D 24 -2.11 52.69 2.74
CA LYS D 24 -2.44 51.45 3.45
C LYS D 24 -2.94 51.79 4.85
N LEU D 25 -2.85 53.07 5.18
CA LEU D 25 -3.23 53.54 6.52
C LEU D 25 -4.72 53.78 6.63
N GLN D 26 -5.27 53.46 7.80
CA GLN D 26 -6.66 53.75 8.10
C GLN D 26 -6.83 53.95 9.61
N PRO D 27 -7.90 54.68 10.03
CA PRO D 27 -8.16 54.90 11.46
C PRO D 27 -8.32 53.62 12.21
N SER D 28 -7.73 53.55 13.40
CA SER D 28 -7.79 52.37 14.27
C SER D 28 -8.96 52.50 15.25
N VAL D 29 -9.18 51.46 16.06
CA VAL D 29 -10.25 51.54 17.05
C VAL D 29 -9.98 52.64 18.11
N PHE D 30 -8.80 53.28 18.06
CA PHE D 30 -8.50 54.30 19.05
C PHE D 30 -8.46 55.74 18.50
N TYR D 31 -8.70 55.88 17.20
CA TYR D 31 -8.77 57.15 16.49
C TYR D 31 -9.36 58.34 17.26
N ASP D 32 -10.40 58.11 18.04
CA ASP D 32 -11.04 59.21 18.77
C ASP D 32 -10.69 59.22 20.27
N ILE D 33 -9.98 58.20 20.75
CA ILE D 33 -9.64 58.05 22.19
C ILE D 33 -8.38 58.85 22.55
N PHE D 34 -7.57 59.10 21.54
CA PHE D 34 -6.31 59.79 21.74
C PHE D 34 -6.24 61.02 20.86
N PRO D 35 -5.44 62.02 21.28
CA PRO D 35 -5.35 63.28 20.53
C PRO D 35 -4.32 63.21 19.43
N GLY D 36 -4.57 63.89 18.30
CA GLY D 36 -3.61 63.92 17.22
C GLY D 36 -4.12 64.57 15.95
N SER D 37 -3.20 65.13 15.16
CA SER D 37 -3.56 65.91 13.98
C SER D 37 -3.03 65.24 12.72
N LYS D 38 -2.09 64.30 12.88
CA LYS D 38 -1.40 63.68 11.74
C LYS D 38 -2.31 62.84 10.84
N GLU D 39 -1.95 62.77 9.56
CA GLU D 39 -2.69 62.00 8.56
C GLU D 39 -1.75 61.54 7.42
N PRO D 40 -2.19 60.53 6.60
CA PRO D 40 -1.42 60.01 5.49
C PRO D 40 -0.94 61.11 4.55
N ALA D 41 0.25 60.98 4.00
CA ALA D 41 0.76 61.97 3.06
C ALA D 41 -0.02 61.98 1.74
N VAL D 42 0.09 63.09 1.03
CA VAL D 42 -0.48 63.21 -0.30
C VAL D 42 0.28 62.28 -1.27
N LEU D 43 -0.49 61.52 -2.06
CA LEU D 43 0.08 60.50 -2.95
C LEU D 43 -0.29 60.74 -4.42
N THR D 44 -1.21 61.67 -4.64
CA THR D 44 -1.67 62.02 -5.97
C THR D 44 -2.01 63.50 -6.00
N GLU D 45 -2.02 64.09 -7.20
CA GLU D 45 -2.38 65.50 -7.38
C GLU D 45 -3.88 65.71 -7.23
N LYS D 46 -4.62 64.62 -7.32
CA LYS D 46 -6.07 64.68 -7.26
C LYS D 46 -6.54 64.62 -5.80
N ASP D 47 -5.58 64.72 -4.88
CA ASP D 47 -5.90 64.74 -3.45
C ASP D 47 -6.54 66.08 -3.12
N PRO D 48 -7.78 66.01 -2.57
CA PRO D 48 -8.60 67.18 -2.22
C PRO D 48 -7.94 68.13 -1.21
N ARG D 49 -7.19 67.56 -0.28
CA ARG D 49 -6.51 68.30 0.77
C ARG D 49 -5.34 69.10 0.21
N LEU D 50 -4.95 68.77 -1.01
CA LEU D 50 -3.78 69.35 -1.65
C LEU D 50 -4.08 70.77 -2.13
N LYS D 51 -3.32 71.74 -1.62
CA LYS D 51 -3.59 73.15 -1.95
C LYS D 51 -2.45 73.82 -2.74
N VAL D 52 -1.57 73.02 -3.36
CA VAL D 52 -0.54 73.56 -4.25
C VAL D 52 -0.25 72.58 -5.40
N ASP D 53 0.62 72.97 -6.33
CA ASP D 53 0.98 72.07 -7.44
C ASP D 53 1.89 70.98 -6.92
N PHE D 54 1.40 69.74 -7.03
CA PHE D 54 2.11 68.59 -6.50
C PHE D 54 3.51 68.38 -7.08
N ASP D 55 3.60 68.34 -8.39
CA ASP D 55 4.86 68.05 -9.05
C ASP D 55 5.88 69.08 -8.60
N SER D 56 5.41 70.31 -8.48
CA SER D 56 6.29 71.42 -8.20
C SER D 56 6.82 71.39 -6.78
N ALA D 57 6.07 70.77 -5.88
CA ALA D 57 6.47 70.68 -4.47
C ALA D 57 7.41 69.50 -4.29
N LEU D 58 7.13 68.42 -5.03
CA LEU D 58 7.99 67.24 -5.00
C LEU D 58 9.37 67.59 -5.50
N PHE D 59 9.42 68.22 -6.67
CA PHE D 59 10.70 68.49 -7.32
C PHE D 59 11.33 69.81 -6.86
N SER D 60 10.65 70.50 -5.93
CA SER D 60 11.12 71.78 -5.41
C SER D 60 12.40 71.65 -4.58
N LYS D 61 12.56 70.48 -3.97
CA LYS D 61 13.72 70.25 -3.12
C LYS D 61 15.02 70.21 -3.93
N TYR D 62 14.90 70.03 -5.24
CA TYR D 62 16.09 70.08 -6.09
C TYR D 62 16.37 71.55 -6.45
N LYS D 63 17.34 72.13 -5.74
CA LYS D 63 17.75 73.51 -5.95
C LYS D 63 18.99 73.62 -6.86
N GLY D 64 20.16 73.36 -6.32
CA GLY D 64 21.36 73.41 -7.12
C GLY D 64 22.51 72.92 -6.29
N ASN D 65 23.70 73.40 -6.59
CA ASN D 65 24.88 73.09 -5.78
C ASN D 65 25.67 74.37 -5.55
N THR D 66 25.97 74.64 -4.29
CA THR D 66 26.81 75.78 -3.96
C THR D 66 28.21 75.62 -4.58
N GLU D 67 28.77 76.69 -5.10
CA GLU D 67 30.13 76.65 -5.64
C GLU D 67 31.16 76.41 -4.53
N CYS D 68 31.52 75.15 -4.32
CA CYS D 68 32.64 74.86 -3.43
C CYS D 68 33.57 73.80 -4.01
N SER D 69 34.81 73.85 -3.55
CA SER D 69 35.79 72.83 -3.86
C SER D 69 36.26 72.17 -2.58
N LEU D 70 36.93 71.03 -2.72
CA LEU D 70 37.67 70.46 -1.62
C LEU D 70 38.62 71.51 -0.98
N ASN D 71 39.09 71.24 0.23
CA ASN D 71 40.04 72.12 0.90
C ASN D 71 40.75 71.37 2.01
N GLU D 72 41.81 71.97 2.54
CA GLU D 72 42.69 71.26 3.48
C GLU D 72 41.95 70.71 4.71
N HIS D 73 40.93 71.42 5.19
CA HIS D 73 40.15 70.89 6.30
C HIS D 73 39.39 69.61 5.95
N ILE D 74 38.63 69.61 4.86
CA ILE D 74 37.99 68.37 4.43
C ILE D 74 39.05 67.27 4.29
N GLN D 75 40.24 67.62 3.78
CA GLN D 75 41.30 66.62 3.68
C GLN D 75 41.77 66.20 5.06
N VAL D 76 41.72 67.11 6.04
CA VAL D 76 42.08 66.70 7.38
C VAL D 76 41.07 65.72 7.90
N ALA D 77 39.80 66.05 7.69
CA ALA D 77 38.68 65.23 8.14
C ALA D 77 38.78 63.83 7.56
N VAL D 78 38.90 63.78 6.23
CA VAL D 78 39.08 62.50 5.55
C VAL D 78 40.27 61.73 6.13
N ALA D 79 41.39 62.41 6.35
CA ALA D 79 42.55 61.72 6.90
C ALA D 79 42.27 61.08 8.28
N HIS D 80 41.60 61.84 9.14
CA HIS D 80 41.34 61.44 10.53
C HIS D 80 40.29 60.33 10.68
N TYR D 81 39.17 60.47 9.96
CA TYR D 81 38.11 59.46 9.95
C TYR D 81 38.60 58.18 9.27
N SER D 82 39.38 58.31 8.19
CA SER D 82 40.04 57.16 7.55
C SER D 82 40.93 56.39 8.54
N ALA D 83 41.61 57.11 9.39
CA ALA D 83 42.51 56.44 10.31
C ALA D 83 41.71 55.73 11.41
N GLN D 84 40.62 56.36 11.83
CA GLN D 84 39.71 55.76 12.80
C GLN D 84 39.18 54.40 12.38
N LEU D 85 38.66 54.34 11.16
CA LEU D 85 38.05 53.14 10.69
C LEU D 85 39.10 52.03 10.53
N ALA D 86 40.31 52.42 10.13
CA ALA D 86 41.38 51.45 9.86
C ALA D 86 41.61 50.49 11.03
N THR D 87 41.33 50.97 12.23
CA THR D 87 41.51 50.17 13.43
C THR D 87 40.54 49.00 13.47
N LEU D 88 39.45 49.11 12.69
CA LEU D 88 38.45 48.04 12.63
C LEU D 88 38.89 46.85 11.79
N ASP D 89 39.91 47.06 10.96
CA ASP D 89 40.47 45.99 10.13
C ASP D 89 39.40 45.33 9.28
N ILE D 90 38.79 46.10 8.39
CA ILE D 90 37.74 45.62 7.50
C ILE D 90 38.38 44.94 6.28
N ASP D 91 37.91 43.74 5.94
CA ASP D 91 38.30 43.06 4.70
C ASP D 91 37.73 43.74 3.45
N PRO D 92 38.60 44.35 2.65
CA PRO D 92 38.14 45.08 1.47
C PRO D 92 37.72 44.15 0.34
N GLN D 93 37.88 42.84 0.53
CA GLN D 93 37.52 41.86 -0.49
C GLN D 93 36.01 41.84 -0.73
N PRO D 94 35.60 41.61 -1.98
CA PRO D 94 34.19 41.45 -2.29
C PRO D 94 33.61 40.26 -1.55
N ILE D 95 32.28 40.12 -1.49
CA ILE D 95 31.66 38.95 -0.90
C ILE D 95 31.02 38.06 -1.95
N ALA D 96 30.84 36.78 -1.61
CA ALA D 96 30.14 35.84 -2.49
C ALA D 96 28.69 36.23 -2.76
N MET D 97 28.25 35.91 -3.97
CA MET D 97 26.85 36.06 -4.40
C MET D 97 25.84 35.55 -3.37
N GLU D 98 26.06 34.32 -2.88
CA GLU D 98 25.17 33.75 -1.84
C GLU D 98 24.97 34.72 -0.67
N ASP D 99 26.05 35.34 -0.22
CA ASP D 99 25.93 36.29 0.88
C ASP D 99 25.26 37.60 0.40
N SER D 100 25.54 38.05 -0.82
CA SER D 100 24.86 39.23 -1.34
C SER D 100 23.34 39.03 -1.38
N VAL D 101 22.93 37.78 -1.57
CA VAL D 101 21.51 37.46 -1.68
C VAL D 101 20.91 37.11 -0.32
N PHE D 102 21.55 36.20 0.39
CA PHE D 102 20.96 35.62 1.59
C PHE D 102 21.56 36.15 2.85
N GLY D 103 22.59 36.96 2.72
CA GLY D 103 23.18 37.62 3.88
C GLY D 103 24.25 36.78 4.55
N MET D 104 24.82 37.36 5.59
CA MET D 104 25.93 36.80 6.34
C MET D 104 26.01 37.54 7.66
N ASP D 105 27.01 37.20 8.48
CA ASP D 105 27.18 37.84 9.77
C ASP D 105 27.27 39.36 9.58
N GLY D 106 26.28 40.04 10.15
CA GLY D 106 26.15 41.47 10.10
C GLY D 106 25.54 42.03 8.82
N LEU D 107 25.02 41.13 7.98
CA LEU D 107 24.36 41.57 6.76
C LEU D 107 23.06 40.79 6.63
N GLU D 108 21.93 41.50 6.66
CA GLU D 108 20.65 40.84 6.45
C GLU D 108 20.54 40.31 5.02
N ALA D 109 19.59 39.42 4.79
CA ALA D 109 19.31 38.94 3.45
C ALA D 109 18.59 40.06 2.71
N LEU D 110 18.59 39.97 1.38
CA LEU D 110 17.76 40.84 0.56
C LEU D 110 16.33 40.73 1.03
N ASP D 111 15.59 41.83 0.95
CA ASP D 111 14.16 41.88 1.32
C ASP D 111 13.28 41.31 0.19
N LEU D 112 12.93 40.03 0.30
CA LEU D 112 12.20 39.37 -0.78
C LEU D 112 10.77 39.87 -0.85
N ASN D 113 10.41 40.77 0.08
CA ASN D 113 9.06 41.33 0.14
C ASN D 113 8.94 42.72 -0.45
N THR D 114 10.07 43.34 -0.75
CA THR D 114 10.02 44.66 -1.38
C THR D 114 10.33 44.53 -2.87
N SER D 115 10.13 45.61 -3.62
CA SER D 115 10.30 45.57 -5.07
C SER D 115 11.69 45.14 -5.55
N ALA D 116 11.72 44.61 -6.77
CA ALA D 116 13.00 44.28 -7.41
C ALA D 116 13.44 45.50 -8.25
N GLY D 117 12.55 46.49 -8.40
CA GLY D 117 12.94 47.70 -9.10
C GLY D 117 12.97 47.62 -10.62
N TYR D 118 13.60 48.61 -11.26
CA TYR D 118 13.69 48.62 -12.72
C TYR D 118 14.69 47.57 -13.23
N PRO D 119 14.31 46.86 -14.30
CA PRO D 119 13.06 46.98 -15.06
C PRO D 119 11.94 45.99 -14.65
N TYR D 120 12.20 45.19 -13.62
CA TYR D 120 11.30 44.10 -13.21
C TYR D 120 9.90 44.56 -12.86
N VAL D 121 9.78 45.83 -12.48
CA VAL D 121 8.50 46.33 -12.03
C VAL D 121 7.53 46.55 -13.24
N THR D 122 8.09 46.77 -14.44
CA THR D 122 7.30 46.91 -15.67
C THR D 122 7.00 45.57 -16.37
N LEU D 123 7.54 44.49 -15.82
CA LEU D 123 7.38 43.18 -16.43
C LEU D 123 6.66 42.18 -15.52
N GLY D 124 6.02 42.71 -14.47
CA GLY D 124 5.33 41.88 -13.48
C GLY D 124 6.23 40.88 -12.77
N ILE D 125 7.53 41.17 -12.72
CA ILE D 125 8.48 40.32 -12.01
C ILE D 125 8.80 40.82 -10.58
N LYS D 126 8.58 39.93 -9.61
CA LYS D 126 8.86 40.18 -8.20
C LYS D 126 10.21 39.56 -7.83
N LYS D 127 10.79 40.02 -6.71
CA LYS D 127 12.02 39.42 -6.21
C LYS D 127 11.84 37.91 -5.99
N LYS D 128 10.68 37.53 -5.44
CA LYS D 128 10.45 36.12 -5.12
C LYS D 128 10.40 35.26 -6.38
N ASP D 129 10.10 35.87 -7.54
CA ASP D 129 10.13 35.13 -8.80
C ASP D 129 11.58 34.87 -9.25
N LEU D 130 12.54 35.66 -8.74
CA LEU D 130 13.96 35.49 -9.08
C LEU D 130 14.73 34.67 -8.06
N ILE D 131 14.30 34.75 -6.81
CA ILE D 131 14.97 34.09 -5.70
C ILE D 131 14.03 33.17 -4.92
N ASN D 132 14.41 31.89 -4.83
CA ASN D 132 13.66 30.90 -4.06
C ASN D 132 14.28 30.76 -2.66
N ASN D 133 13.66 31.43 -1.70
CA ASN D 133 14.18 31.46 -0.34
C ASN D 133 14.33 30.09 0.32
N LYS D 134 13.45 29.15 0.01
CA LYS D 134 13.45 27.86 0.69
C LYS D 134 14.43 26.86 0.07
N THR D 135 14.78 27.05 -1.20
CA THR D 135 15.71 26.13 -1.83
C THR D 135 17.07 26.76 -2.09
N LYS D 136 17.13 28.08 -1.97
CA LYS D 136 18.30 28.92 -2.30
C LYS D 136 18.64 28.90 -3.78
N ASP D 137 17.66 28.53 -4.60
CA ASP D 137 17.75 28.58 -6.04
C ASP D 137 17.71 30.04 -6.52
N ILE D 138 18.76 30.48 -7.22
CA ILE D 138 18.83 31.84 -7.75
C ILE D 138 19.21 31.84 -9.22
N SER D 139 18.95 30.72 -9.88
CA SER D 139 19.25 30.56 -11.30
C SER D 139 18.56 31.59 -12.17
N LYS D 140 17.33 31.88 -11.81
CA LYS D 140 16.55 32.83 -12.56
C LYS D 140 17.16 34.21 -12.32
N LEU D 141 17.55 34.48 -11.07
CA LEU D 141 18.19 35.74 -10.71
C LEU D 141 19.49 35.95 -11.47
N LYS D 142 20.34 34.94 -11.46
CA LYS D 142 21.59 34.98 -12.21
C LYS D 142 21.36 35.33 -13.70
N LEU D 143 20.32 34.77 -14.31
CA LEU D 143 19.94 35.10 -15.70
C LEU D 143 19.57 36.56 -15.88
N ALA D 144 18.75 37.07 -14.96
CA ALA D 144 18.30 38.45 -15.03
C ALA D 144 19.48 39.40 -14.89
N LEU D 145 20.41 39.04 -14.01
CA LEU D 145 21.57 39.86 -13.75
C LEU D 145 22.33 40.02 -15.05
N ASP D 146 22.53 38.89 -15.74
CA ASP D 146 23.23 38.91 -17.02
C ASP D 146 22.49 39.71 -18.07
N LYS D 147 21.18 39.45 -18.16
CA LYS D 147 20.32 40.06 -19.16
C LYS D 147 20.32 41.59 -19.11
N TYR D 148 20.22 42.14 -17.90
CA TYR D 148 20.05 43.58 -17.73
C TYR D 148 21.25 44.36 -17.16
N ASP D 149 22.34 43.66 -16.85
CA ASP D 149 23.57 44.32 -16.35
C ASP D 149 23.29 45.27 -15.16
N VAL D 150 24.04 46.36 -15.03
CA VAL D 150 23.94 47.20 -13.84
C VAL D 150 23.75 48.66 -14.16
N ASP D 151 23.92 49.52 -13.17
CA ASP D 151 23.68 50.95 -13.31
C ASP D 151 22.33 51.28 -14.02
N LEU D 152 21.28 50.58 -13.60
CA LEU D 152 19.90 50.86 -14.01
C LEU D 152 19.32 52.09 -13.28
N PRO D 153 18.23 52.69 -13.83
CA PRO D 153 17.65 53.89 -13.19
C PRO D 153 16.89 53.57 -11.91
N MET D 154 17.07 54.37 -10.87
CA MET D 154 16.26 54.22 -9.64
C MET D 154 14.87 54.73 -9.89
N ILE D 155 13.89 54.14 -9.24
CA ILE D 155 12.53 54.60 -9.46
C ILE D 155 11.99 55.41 -8.26
N THR D 156 11.51 56.61 -8.58
CA THR D 156 10.92 57.53 -7.61
C THR D 156 9.52 57.07 -7.25
N PHE D 157 9.29 56.85 -5.95
CA PHE D 157 7.96 56.60 -5.37
C PHE D 157 7.64 57.57 -4.23
N LEU D 158 6.35 57.77 -3.95
CA LEU D 158 5.98 58.61 -2.81
C LEU D 158 5.86 57.76 -1.53
N LYS D 159 6.44 58.24 -0.42
CA LYS D 159 6.45 57.46 0.83
C LYS D 159 5.14 57.54 1.60
N ASP D 160 4.54 56.37 1.75
CA ASP D 160 3.26 56.26 2.38
C ASP D 160 3.39 56.22 3.90
N GLU D 161 3.29 57.38 4.53
CA GLU D 161 3.45 57.48 5.97
C GLU D 161 2.53 58.53 6.55
N LEU D 162 2.38 58.51 7.87
CA LEU D 162 1.70 59.63 8.50
C LEU D 162 2.65 60.85 8.52
N ARG D 163 2.12 62.04 8.23
CA ARG D 163 2.88 63.29 8.39
C ARG D 163 2.10 64.26 9.28
N LYS D 164 2.77 65.34 9.71
CA LYS D 164 2.11 66.42 10.45
C LYS D 164 1.15 67.23 9.54
N LYS D 165 0.12 67.85 10.13
CA LYS D 165 -0.95 68.46 9.32
C LYS D 165 -0.45 69.48 8.30
N ASP D 166 0.60 70.21 8.64
CA ASP D 166 1.09 71.31 7.80
C ASP D 166 1.87 70.83 6.59
N LYS D 167 2.05 69.52 6.48
CA LYS D 167 2.76 68.96 5.33
C LYS D 167 1.76 68.45 4.30
N ILE D 168 0.50 68.37 4.72
CA ILE D 168 -0.54 67.82 3.88
C ILE D 168 -0.89 68.80 2.79
N ALA D 169 -1.44 69.95 3.19
CA ALA D 169 -1.86 71.00 2.25
C ALA D 169 -0.69 71.43 1.35
N ALA D 170 0.47 71.62 1.99
CA ALA D 170 1.73 71.96 1.33
C ALA D 170 2.25 70.88 0.35
N GLY D 171 1.64 69.70 0.39
CA GLY D 171 2.01 68.59 -0.47
C GLY D 171 3.43 68.09 -0.23
N LYS D 172 3.94 68.34 0.97
CA LYS D 172 5.30 67.95 1.34
C LYS D 172 5.43 66.46 1.68
N THR D 173 5.18 65.61 0.69
CA THR D 173 5.31 64.17 0.82
C THR D 173 6.78 63.81 0.59
N ARG D 174 7.29 62.77 1.25
CA ARG D 174 8.68 62.37 1.02
C ARG D 174 8.81 61.39 -0.16
N VAL D 175 9.85 61.56 -0.97
CA VAL D 175 10.02 60.67 -2.11
C VAL D 175 11.06 59.60 -1.80
N ILE D 176 10.90 58.46 -2.44
CA ILE D 176 11.77 57.33 -2.22
C ILE D 176 12.40 56.95 -3.56
N GLU D 177 13.63 56.44 -3.51
CA GLU D 177 14.35 56.03 -4.70
C GLU D 177 14.56 54.51 -4.66
N ALA D 178 13.82 53.79 -5.51
CA ALA D 178 13.83 52.33 -5.51
C ALA D 178 15.05 51.79 -6.27
N SER D 179 15.92 51.07 -5.56
CA SER D 179 17.13 50.52 -6.17
C SER D 179 16.87 49.26 -6.97
N SER D 180 17.40 49.17 -8.18
CA SER D 180 17.27 47.89 -8.87
C SER D 180 17.98 46.79 -8.09
N ILE D 181 17.30 45.64 -7.99
CA ILE D 181 17.88 44.49 -7.30
C ILE D 181 19.23 44.14 -7.92
N ASN D 182 19.33 44.36 -9.23
CA ASN D 182 20.62 44.25 -9.89
C ASN D 182 21.72 45.08 -9.21
N ASP D 183 21.42 46.35 -8.97
CA ASP D 183 22.38 47.26 -8.38
C ASP D 183 22.58 47.03 -6.88
N THR D 184 21.50 46.68 -6.17
CA THR D 184 21.56 46.43 -4.73
C THR D 184 22.56 45.33 -4.41
N ILE D 185 22.42 44.24 -5.15
CA ILE D 185 23.32 43.09 -5.08
C ILE D 185 24.77 43.48 -5.37
N LEU D 186 24.98 44.21 -6.49
CA LEU D 186 26.31 44.72 -6.87
C LEU D 186 27.04 45.50 -5.74
N PHE D 187 26.35 46.50 -5.19
CA PHE D 187 26.86 47.26 -4.07
C PHE D 187 27.15 46.39 -2.86
N ARG D 188 26.22 45.50 -2.56
CA ARG D 188 26.47 44.50 -1.54
C ARG D 188 27.76 43.71 -1.86
N THR D 189 27.87 43.11 -3.05
CA THR D 189 29.05 42.28 -3.39
C THR D 189 30.37 43.03 -3.16
N VAL D 190 30.36 44.33 -3.44
CA VAL D 190 31.55 45.17 -3.30
C VAL D 190 31.80 45.67 -1.87
N TYR D 191 30.74 46.20 -1.26
CA TYR D 191 30.84 46.91 0.00
C TYR D 191 30.35 46.06 1.18
N GLY D 192 29.95 44.82 0.90
CA GLY D 192 29.28 43.99 1.89
C GLY D 192 30.01 43.94 3.22
N ASN D 193 31.30 43.68 3.16
CA ASN D 193 32.11 43.60 4.36
C ASN D 193 32.09 44.89 5.18
N LEU D 194 32.03 46.03 4.48
CA LEU D 194 31.96 47.35 5.14
C LEU D 194 30.67 47.48 5.95
N PHE D 195 29.55 47.29 5.26
CA PHE D 195 28.23 47.30 5.87
C PHE D 195 28.18 46.40 7.11
N SER D 196 28.70 45.18 6.96
CA SER D 196 28.67 44.23 8.07
C SER D 196 29.41 44.78 9.28
N LYS D 197 30.69 45.08 9.11
CA LYS D 197 31.50 45.65 10.18
C LYS D 197 30.82 46.84 10.89
N PHE D 198 30.26 47.76 10.13
CA PHE D 198 29.50 48.88 10.71
C PHE D 198 28.33 48.40 11.57
N HIS D 199 27.48 47.54 11.00
CA HIS D 199 26.35 46.95 11.75
C HIS D 199 26.77 46.29 13.07
N LEU D 200 27.88 45.59 13.06
CA LEU D 200 28.27 44.85 14.24
C LEU D 200 29.00 45.74 15.25
N ASN D 201 29.19 47.01 14.91
CA ASN D 201 29.96 47.91 15.77
C ASN D 201 29.43 49.35 15.88
N PRO D 202 28.21 49.53 16.42
CA PRO D 202 27.76 50.90 16.70
C PRO D 202 28.60 51.48 17.83
N GLY D 203 28.99 52.73 17.69
CA GLY D 203 29.75 53.39 18.73
C GLY D 203 30.63 54.44 18.10
N VAL D 204 31.60 54.90 18.87
CA VAL D 204 32.38 56.04 18.47
C VAL D 204 33.57 55.72 17.56
N VAL D 205 33.75 54.45 17.21
CA VAL D 205 34.79 54.08 16.24
C VAL D 205 34.24 54.10 14.83
N THR D 206 33.10 53.45 14.58
CA THR D 206 32.49 53.58 13.25
C THR D 206 31.94 55.00 13.10
N GLY D 207 31.63 55.63 14.23
CA GLY D 207 30.99 56.93 14.23
C GLY D 207 29.52 56.79 13.85
N CYS D 208 28.95 55.62 14.14
CA CYS D 208 27.65 55.23 13.61
C CYS D 208 26.79 54.45 14.62
N ALA D 209 25.52 54.84 14.76
CA ALA D 209 24.59 54.19 15.66
C ALA D 209 23.85 53.02 14.98
N VAL D 210 23.94 52.93 13.66
CA VAL D 210 23.21 51.88 12.96
C VAL D 210 23.51 50.51 13.53
N GLY D 211 22.48 49.84 14.01
CA GLY D 211 22.68 48.53 14.58
C GLY D 211 22.61 48.51 16.09
N CYS D 212 22.34 49.66 16.70
CA CYS D 212 22.22 49.74 18.17
C CYS D 212 20.81 49.42 18.69
N ASP D 213 20.76 48.82 19.89
CA ASP D 213 19.52 48.69 20.67
C ASP D 213 19.48 49.83 21.67
N PRO D 214 18.70 50.87 21.37
CA PRO D 214 18.58 52.02 22.27
C PRO D 214 18.42 51.62 23.74
N GLU D 215 17.65 50.57 24.03
CA GLU D 215 17.41 50.16 25.43
C GLU D 215 18.71 49.80 26.14
N THR D 216 19.70 49.27 25.42
CA THR D 216 20.99 48.95 26.03
C THR D 216 22.05 49.98 25.69
N PHE D 217 21.94 50.56 24.50
CA PHE D 217 22.95 51.48 23.97
C PHE D 217 22.95 52.82 24.74
N TRP D 218 21.76 53.30 25.09
CA TRP D 218 21.64 54.56 25.81
C TRP D 218 22.48 54.60 27.07
N SER D 219 22.74 53.44 27.64
CA SER D 219 23.57 53.44 28.83
C SER D 219 25.04 53.57 28.46
N LYS D 220 25.43 53.16 27.25
CA LYS D 220 26.83 53.29 26.85
C LYS D 220 27.19 54.69 26.37
N ILE D 221 26.25 55.39 25.74
CA ILE D 221 26.57 56.68 25.09
C ILE D 221 27.37 57.69 25.97
N PRO D 222 26.95 57.93 27.23
CA PRO D 222 27.71 58.93 28.02
C PRO D 222 29.13 58.48 28.41
N LEU D 223 29.40 57.18 28.33
CA LEU D 223 30.76 56.66 28.47
C LEU D 223 31.57 56.93 27.21
N MET D 224 30.92 56.83 26.05
CA MET D 224 31.60 57.04 24.77
C MET D 224 31.82 58.51 24.44
N LEU D 225 30.79 59.33 24.62
CA LEU D 225 30.97 60.77 24.56
C LEU D 225 31.31 61.26 25.96
N ASP D 226 32.58 61.07 26.35
CA ASP D 226 33.03 61.33 27.72
C ASP D 226 33.12 62.82 27.97
N GLY D 227 32.93 63.58 26.90
CA GLY D 227 33.21 65.00 26.89
C GLY D 227 32.38 65.84 27.83
N ASP D 228 32.54 67.14 27.66
CA ASP D 228 32.08 68.14 28.61
C ASP D 228 30.90 68.86 27.97
N CYS D 229 31.16 69.39 26.79
CA CYS D 229 30.11 69.90 25.94
C CYS D 229 29.56 68.78 25.12
N ILE D 230 28.30 68.42 25.35
CA ILE D 230 27.66 67.48 24.46
C ILE D 230 26.67 68.25 23.59
N MET D 231 26.67 67.93 22.30
CA MET D 231 26.00 68.74 21.29
C MET D 231 25.32 67.88 20.23
N ALA D 232 24.42 68.50 19.46
CA ALA D 232 23.63 67.83 18.44
C ALA D 232 22.84 68.84 17.60
N PHE D 233 22.61 68.55 16.31
CA PHE D 233 21.65 69.38 15.57
C PHE D 233 20.94 68.76 14.37
N ASP D 234 20.28 69.66 13.61
CA ASP D 234 19.30 69.31 12.60
C ASP D 234 19.70 69.77 11.20
N TYR D 235 19.52 68.88 10.22
CA TYR D 235 19.71 69.20 8.80
C TYR D 235 18.36 69.42 8.12
N THR D 236 18.23 70.54 7.40
CA THR D 236 17.10 70.74 6.51
C THR D 236 17.43 70.06 5.19
N ASN D 237 16.68 69.01 4.86
CA ASN D 237 16.91 68.24 3.64
C ASN D 237 18.38 67.77 3.47
N TYR D 238 18.88 67.08 4.50
CA TYR D 238 20.24 66.54 4.48
C TYR D 238 20.59 65.81 3.20
N ASP D 239 19.72 64.94 2.75
CA ASP D 239 20.08 64.00 1.71
C ASP D 239 20.13 64.68 0.34
N GLY D 240 19.30 65.68 0.13
CA GLY D 240 19.30 66.42 -1.11
C GLY D 240 20.27 67.60 -1.14
N SER D 241 20.92 67.89 -0.01
CA SER D 241 21.84 69.03 0.04
C SER D 241 23.29 68.57 0.06
N ILE D 242 23.55 67.29 -0.15
CA ILE D 242 24.95 66.87 -0.15
C ILE D 242 25.64 67.26 -1.46
N HIS D 243 26.65 68.12 -1.35
CA HIS D 243 27.42 68.55 -2.52
C HIS D 243 28.28 67.41 -3.07
N PRO D 244 28.55 67.42 -4.38
CA PRO D 244 29.44 66.40 -4.95
C PRO D 244 30.81 66.29 -4.29
N ILE D 245 31.27 67.31 -3.57
CA ILE D 245 32.61 67.20 -2.98
C ILE D 245 32.67 66.22 -1.79
N TRP D 246 31.62 66.17 -0.96
CA TRP D 246 31.53 65.15 0.10
C TRP D 246 31.64 63.74 -0.46
N PHE D 247 31.14 63.56 -1.68
CA PHE D 247 31.25 62.28 -2.37
C PHE D 247 32.70 61.98 -2.70
N LYS D 248 33.43 63.00 -3.14
CA LYS D 248 34.84 62.80 -3.43
C LYS D 248 35.54 62.42 -2.12
N ALA D 249 35.19 63.16 -1.07
CA ALA D 249 35.67 62.87 0.27
C ALA D 249 35.40 61.41 0.67
N LEU D 250 34.13 61.00 0.59
CA LEU D 250 33.72 59.63 0.89
C LEU D 250 34.58 58.63 0.12
N GLY D 251 34.82 58.94 -1.14
CA GLY D 251 35.66 58.08 -1.96
C GLY D 251 37.03 57.91 -1.34
N MET D 252 37.61 59.02 -0.87
CA MET D 252 38.96 59.02 -0.31
C MET D 252 39.02 58.13 0.94
N VAL D 253 37.97 58.20 1.74
CA VAL D 253 37.88 57.32 2.88
C VAL D 253 37.83 55.88 2.40
N LEU D 254 36.87 55.56 1.55
CA LEU D 254 36.79 54.23 0.94
C LEU D 254 38.11 53.73 0.39
N ASP D 255 38.76 54.56 -0.43
CA ASP D 255 40.07 54.22 -0.98
C ASP D 255 41.12 53.92 0.09
N ASN D 256 41.19 54.74 1.14
CA ASN D 256 42.11 54.47 2.25
C ASN D 256 41.86 53.10 2.93
N LEU D 257 40.65 52.57 2.78
CA LEU D 257 40.32 51.26 3.33
C LEU D 257 40.51 50.14 2.30
N SER D 258 41.01 50.54 1.12
CA SER D 258 41.28 49.67 -0.03
C SER D 258 39.97 49.22 -0.68
N PHE D 259 38.92 50.01 -0.51
CA PHE D 259 37.69 49.74 -1.22
C PHE D 259 37.62 50.49 -2.53
N ASN D 260 36.66 50.12 -3.37
CA ASN D 260 36.47 50.81 -4.62
C ASN D 260 35.84 52.16 -4.38
N PRO D 261 36.52 53.24 -4.81
CA PRO D 261 36.00 54.58 -4.51
C PRO D 261 35.15 55.18 -5.63
N THR D 262 34.87 54.45 -6.70
CA THR D 262 34.25 55.11 -7.84
C THR D 262 32.77 54.79 -7.96
N LEU D 263 32.35 53.60 -7.50
CA LEU D 263 30.96 53.18 -7.65
C LEU D 263 30.00 54.20 -7.07
N ILE D 264 30.46 54.89 -6.04
CA ILE D 264 29.59 55.81 -5.34
C ILE D 264 29.32 57.04 -6.19
N ASN D 265 30.06 57.17 -7.30
CA ASN D 265 29.72 58.20 -8.27
C ASN D 265 28.39 57.91 -8.91
N ARG D 266 27.95 56.66 -8.84
CA ARG D 266 26.62 56.34 -9.35
C ARG D 266 25.56 56.86 -8.41
N LEU D 267 26.00 57.27 -7.23
CA LEU D 267 25.08 57.88 -6.28
C LEU D 267 25.04 59.39 -6.47
N CYS D 268 26.21 60.02 -6.52
CA CYS D 268 26.30 61.47 -6.76
C CYS D 268 25.54 61.80 -8.04
N ASN D 269 25.90 61.08 -9.10
CA ASN D 269 25.21 61.24 -10.37
C ASN D 269 24.32 60.05 -10.62
N SER D 270 23.03 60.24 -10.30
CA SER D 270 22.06 59.16 -10.27
C SER D 270 21.01 59.37 -11.34
N LYS D 271 20.49 58.25 -11.84
CA LYS D 271 19.48 58.22 -12.86
C LYS D 271 18.12 57.91 -12.25
N HIS D 272 17.07 58.62 -12.67
CA HIS D 272 15.73 58.35 -12.13
C HIS D 272 14.59 58.41 -13.14
N ILE D 273 13.57 57.60 -12.86
CA ILE D 273 12.26 57.67 -13.50
C ILE D 273 11.22 57.92 -12.44
N PHE D 274 10.40 58.96 -12.61
CA PHE D 274 9.31 59.20 -11.68
C PHE D 274 8.01 58.56 -12.17
N LYS D 275 7.48 59.06 -13.28
CA LYS D 275 6.29 58.45 -13.85
C LYS D 275 6.48 58.23 -15.33
N SER D 276 6.42 59.32 -16.09
CA SER D 276 6.68 59.30 -17.52
C SER D 276 7.85 60.23 -17.78
N THR D 277 8.58 60.54 -16.72
CA THR D 277 9.71 61.45 -16.80
C THR D 277 11.00 60.73 -16.37
N TYR D 278 12.00 60.75 -17.25
CA TYR D 278 13.34 60.27 -16.90
C TYR D 278 14.16 61.50 -16.53
N TYR D 279 14.92 61.43 -15.44
CA TYR D 279 15.80 62.56 -15.08
C TYR D 279 17.12 62.15 -14.44
N GLU D 280 18.10 63.05 -14.46
CA GLU D 280 19.43 62.74 -13.91
C GLU D 280 19.83 63.81 -12.93
N VAL D 281 20.45 63.41 -11.81
CA VAL D 281 20.72 64.35 -10.74
C VAL D 281 22.17 64.32 -10.31
N GLU D 282 22.77 65.51 -10.23
CA GLU D 282 24.15 65.65 -9.78
C GLU D 282 24.18 66.26 -8.38
N GLY D 283 24.68 65.48 -7.43
CA GLY D 283 24.64 65.86 -6.02
C GLY D 283 23.47 65.17 -5.34
N GLY D 284 23.52 65.15 -4.00
CA GLY D 284 22.55 64.44 -3.18
C GLY D 284 22.81 62.94 -3.03
N VAL D 285 22.62 62.42 -1.82
CA VAL D 285 22.54 60.97 -1.60
C VAL D 285 21.13 60.49 -1.89
N PRO D 286 20.98 59.62 -2.88
CA PRO D 286 19.66 59.12 -3.29
C PRO D 286 19.08 58.15 -2.25
N SER D 287 18.34 58.66 -1.26
CA SER D 287 17.79 57.80 -0.21
C SER D 287 16.95 56.62 -0.78
N GLY D 288 17.47 55.42 -0.58
CA GLY D 288 16.91 54.21 -1.16
C GLY D 288 17.98 53.39 -1.86
N CYS D 289 19.13 53.99 -2.07
CA CYS D 289 20.23 53.27 -2.72
C CYS D 289 20.77 52.23 -1.77
N SER D 290 21.58 51.32 -2.27
CA SER D 290 22.22 50.42 -1.34
C SER D 290 23.21 51.21 -0.51
N GLY D 291 23.09 51.05 0.81
CA GLY D 291 24.01 51.68 1.74
C GLY D 291 23.68 53.10 2.19
N THR D 292 22.47 53.61 1.89
CA THR D 292 22.10 54.97 2.34
C THR D 292 22.48 55.21 3.82
N SER D 293 22.03 54.34 4.73
CA SER D 293 22.34 54.54 6.15
C SER D 293 23.85 54.64 6.45
N ILE D 294 24.63 53.71 5.90
CA ILE D 294 26.07 53.71 6.15
C ILE D 294 26.71 54.94 5.50
N PHE D 295 26.51 55.08 4.19
CA PHE D 295 27.10 56.20 3.46
C PHE D 295 26.70 57.57 3.99
N ASN D 296 25.43 57.75 4.33
CA ASN D 296 24.99 59.01 4.93
C ASN D 296 25.76 59.29 6.21
N SER D 297 25.86 58.27 7.07
CA SER D 297 26.58 58.38 8.34
C SER D 297 28.05 58.70 8.17
N MET D 298 28.72 57.96 7.28
CA MET D 298 30.14 58.21 7.02
C MET D 298 30.31 59.66 6.56
N ILE D 299 29.43 60.11 5.69
CA ILE D 299 29.54 61.47 5.21
C ILE D 299 29.37 62.48 6.36
N ASN D 300 28.30 62.32 7.15
CA ASN D 300 28.10 63.12 8.36
C ASN D 300 29.35 63.22 9.22
N ASN D 301 30.01 62.07 9.42
CA ASN D 301 31.29 62.06 10.13
C ASN D 301 32.35 63.00 9.53
N ILE D 302 32.34 63.18 8.21
CA ILE D 302 33.30 64.07 7.55
C ILE D 302 32.90 65.55 7.71
N ILE D 303 31.69 65.86 7.31
CA ILE D 303 31.08 67.17 7.56
C ILE D 303 31.35 67.75 8.99
N ILE D 304 30.93 67.03 10.03
CA ILE D 304 31.12 67.49 11.40
C ILE D 304 32.59 67.85 11.73
N ARG D 305 33.53 66.95 11.41
CA ARG D 305 34.95 67.24 11.56
C ARG D 305 35.32 68.53 10.81
N THR D 306 34.90 68.61 9.55
CA THR D 306 35.17 69.76 8.70
C THR D 306 34.62 71.05 9.29
N LEU D 307 33.33 71.04 9.64
CA LEU D 307 32.64 72.23 10.21
C LEU D 307 33.26 72.78 11.49
N VAL D 308 33.60 71.90 12.40
CA VAL D 308 34.32 72.27 13.60
C VAL D 308 35.68 72.89 13.20
N LEU D 309 36.47 72.20 12.40
CA LEU D 309 37.73 72.75 11.89
C LEU D 309 37.61 74.14 11.27
N ASP D 310 36.52 74.39 10.57
CA ASP D 310 36.29 75.69 9.95
C ASP D 310 36.08 76.75 11.03
N ALA D 311 35.35 76.36 12.07
CA ALA D 311 34.86 77.27 13.12
C ALA D 311 35.88 77.48 14.23
N TYR D 312 36.80 76.54 14.35
CA TYR D 312 37.79 76.58 15.42
C TYR D 312 39.13 76.15 14.85
N LYS D 313 40.16 76.93 15.16
CA LYS D 313 41.43 76.80 14.46
C LYS D 313 42.30 75.67 15.00
N HIS D 314 42.29 75.46 16.33
CA HIS D 314 43.29 74.59 16.94
C HIS D 314 42.69 73.41 17.65
N ILE D 315 41.94 72.61 16.90
CA ILE D 315 41.11 71.55 17.46
C ILE D 315 41.80 70.20 17.60
N ASP D 316 41.47 69.50 18.68
CA ASP D 316 41.95 68.13 18.89
C ASP D 316 40.86 67.16 18.43
N LEU D 317 40.97 66.69 17.19
CA LEU D 317 39.93 65.84 16.61
C LEU D 317 39.73 64.55 17.41
N ASP D 318 40.81 64.00 17.98
CA ASP D 318 40.69 62.80 18.81
C ASP D 318 39.70 63.02 19.95
N LYS D 319 39.44 64.28 20.28
CA LYS D 319 38.52 64.62 21.35
C LYS D 319 37.16 65.11 20.81
N LEU D 320 36.99 65.09 19.48
CA LEU D 320 35.69 65.35 18.89
C LEU D 320 35.03 64.01 18.66
N LYS D 321 34.14 63.60 19.56
CA LYS D 321 33.55 62.25 19.51
C LYS D 321 32.23 62.33 18.77
N ILE D 322 32.02 61.43 17.81
CA ILE D 322 30.80 61.50 17.01
C ILE D 322 29.96 60.19 16.92
N ILE D 323 28.64 60.30 16.97
CA ILE D 323 27.76 59.17 16.61
C ILE D 323 26.65 59.67 15.68
N ALA D 324 26.56 59.07 14.49
CA ALA D 324 25.55 59.48 13.54
C ALA D 324 24.73 58.30 13.09
N TYR D 325 23.46 58.57 12.83
CA TYR D 325 22.61 57.65 12.11
C TYR D 325 22.06 58.43 10.92
N GLY D 326 22.77 58.39 9.81
CA GLY D 326 22.44 59.23 8.66
C GLY D 326 22.52 60.71 9.02
N ASP D 327 21.43 61.44 8.84
CA ASP D 327 21.48 62.87 9.15
C ASP D 327 21.46 63.12 10.66
N ASP D 328 20.87 62.22 11.46
CA ASP D 328 20.82 62.44 12.91
C ASP D 328 22.23 62.25 13.50
N VAL D 329 22.65 63.21 14.32
CA VAL D 329 23.98 63.18 14.89
C VAL D 329 24.02 63.78 16.30
N ILE D 330 24.75 63.09 17.18
CA ILE D 330 25.04 63.59 18.50
C ILE D 330 26.56 63.47 18.67
N PHE D 331 27.16 64.49 19.28
CA PHE D 331 28.61 64.50 19.42
C PHE D 331 29.09 65.33 20.63
N SER D 332 30.38 65.23 20.94
CA SER D 332 30.94 65.95 22.08
C SER D 332 32.38 66.39 21.81
N TYR D 333 32.79 67.44 22.52
CA TYR D 333 34.20 67.87 22.58
C TYR D 333 34.56 68.02 24.04
N LYS D 334 35.86 68.10 24.34
CA LYS D 334 36.32 68.23 25.72
C LYS D 334 36.06 69.64 26.27
N TYR D 335 36.12 70.65 25.41
CA TYR D 335 35.70 71.98 25.82
C TYR D 335 34.40 72.39 25.14
N LYS D 336 33.87 73.54 25.59
CA LYS D 336 32.59 74.04 25.09
C LYS D 336 32.73 74.74 23.76
N LEU D 337 31.99 74.25 22.76
CA LEU D 337 31.96 74.88 21.45
C LEU D 337 30.59 75.51 21.16
N ASP D 338 30.53 76.42 20.20
CA ASP D 338 29.27 77.09 19.84
C ASP D 338 28.58 76.42 18.67
N MET D 339 27.47 75.74 18.96
CA MET D 339 26.70 75.06 17.94
C MET D 339 26.26 76.04 16.86
N GLU D 340 25.82 77.23 17.27
CA GLU D 340 25.47 78.31 16.34
C GLU D 340 26.59 78.52 15.32
N ALA D 341 27.80 78.63 15.84
CA ALA D 341 28.96 78.97 15.03
C ALA D 341 29.34 77.86 14.06
N ILE D 342 29.23 76.62 14.54
CA ILE D 342 29.55 75.46 13.71
C ILE D 342 28.53 75.34 12.57
N ALA D 343 27.26 75.48 12.92
CA ALA D 343 26.18 75.38 11.94
C ALA D 343 26.34 76.40 10.81
N LYS D 344 26.86 77.57 11.16
CA LYS D 344 27.14 78.61 10.19
C LYS D 344 28.02 78.09 9.09
N GLU D 345 29.09 77.39 9.50
CA GLU D 345 30.12 76.94 8.58
C GLU D 345 29.62 75.98 7.51
N GLY D 346 28.38 75.52 7.70
CA GLY D 346 27.73 74.62 6.77
C GLY D 346 27.11 75.32 5.59
N GLN D 347 26.82 76.61 5.78
CA GLN D 347 26.20 77.39 4.71
C GLN D 347 27.01 77.40 3.40
N LYS D 348 28.30 77.70 3.48
CA LYS D 348 29.14 77.78 2.27
C LYS D 348 29.20 76.48 1.45
N TYR D 349 28.87 75.37 2.08
CA TYR D 349 28.89 74.08 1.41
C TYR D 349 27.51 73.75 0.84
N GLY D 350 26.49 74.49 1.29
CA GLY D 350 25.14 74.24 0.82
C GLY D 350 24.31 73.43 1.82
N LEU D 351 24.84 73.30 3.04
CA LEU D 351 24.12 72.57 4.09
C LEU D 351 23.31 73.55 4.87
N THR D 352 22.08 73.16 5.22
CA THR D 352 21.30 73.97 6.12
C THR D 352 21.18 73.29 7.48
N ILE D 353 21.84 73.87 8.48
CA ILE D 353 21.79 73.34 9.84
C ILE D 353 21.07 74.30 10.81
N THR D 354 20.15 73.74 11.57
CA THR D 354 19.27 74.56 12.42
C THR D 354 19.26 73.98 13.82
N PRO D 355 18.88 74.80 14.83
CA PRO D 355 18.87 74.32 16.21
C PRO D 355 18.16 72.98 16.36
N ALA D 356 18.75 72.11 17.18
CA ALA D 356 18.25 70.76 17.38
C ALA D 356 16.82 70.79 17.93
N ASP D 357 16.00 69.85 17.45
CA ASP D 357 14.60 69.71 17.85
C ASP D 357 13.81 71.02 17.80
N LYS D 358 13.93 71.69 16.66
CA LYS D 358 13.10 72.84 16.27
C LYS D 358 13.05 73.96 17.31
N SER D 359 14.20 74.25 17.94
CA SER D 359 14.37 75.44 18.77
C SER D 359 14.36 76.68 17.85
N SER D 360 14.25 77.87 18.43
CA SER D 360 14.25 79.10 17.62
C SER D 360 15.69 79.57 17.42
N GLU D 361 16.46 79.49 18.51
CA GLU D 361 17.89 79.76 18.48
C GLU D 361 18.62 78.55 19.08
N PHE D 362 19.95 78.54 18.93
CA PHE D 362 20.80 77.48 19.48
C PHE D 362 21.06 77.63 20.97
N LYS D 363 20.70 76.62 21.74
CA LYS D 363 20.94 76.68 23.17
C LYS D 363 21.87 75.56 23.57
N GLU D 364 22.45 75.71 24.76
CA GLU D 364 23.28 74.65 25.33
C GLU D 364 22.47 73.38 25.51
N LEU D 365 23.14 72.23 25.47
CA LEU D 365 22.47 70.98 25.71
C LEU D 365 23.24 70.15 26.71
N ASP D 366 22.51 69.31 27.45
CA ASP D 366 23.12 68.23 28.24
C ASP D 366 22.21 67.01 28.13
N TYR D 367 22.55 65.94 28.85
CA TYR D 367 21.75 64.71 28.77
C TYR D 367 20.34 64.89 29.36
N GLY D 368 19.99 66.12 29.72
CA GLY D 368 18.68 66.41 30.23
C GLY D 368 17.76 66.80 29.09
N ASN D 369 18.31 67.40 28.04
CA ASN D 369 17.47 67.93 26.96
C ASN D 369 17.91 67.57 25.54
N VAL D 370 18.96 66.75 25.41
CA VAL D 370 19.44 66.34 24.08
C VAL D 370 18.63 65.15 23.63
N THR D 371 18.46 64.97 22.32
CA THR D 371 17.76 63.79 21.82
C THR D 371 18.56 63.14 20.71
N PHE D 372 18.26 61.86 20.49
CA PHE D 372 18.91 61.10 19.42
C PHE D 372 17.95 60.01 19.01
N LEU D 373 17.75 59.83 17.70
CA LEU D 373 16.75 58.89 17.19
C LEU D 373 15.39 59.11 17.88
N LYS D 374 15.02 60.38 18.06
CA LYS D 374 13.78 60.87 18.70
C LYS D 374 13.70 60.64 20.20
N ARG D 375 14.73 60.00 20.75
CA ARG D 375 14.74 59.62 22.15
C ARG D 375 15.68 60.49 23.00
N GLY D 376 15.22 60.85 24.18
CA GLY D 376 15.98 61.61 25.17
C GLY D 376 16.59 60.70 26.20
N PHE D 377 17.28 61.27 27.18
CA PHE D 377 18.03 60.44 28.16
C PHE D 377 17.55 60.68 29.60
N ARG D 378 17.43 59.62 30.40
CA ARG D 378 17.05 59.76 31.80
C ARG D 378 17.53 58.54 32.56
N GLN D 379 18.09 58.77 33.75
CA GLN D 379 18.65 57.70 34.55
C GLN D 379 17.53 56.98 35.31
N ASP D 380 17.65 55.66 35.47
CA ASP D 380 16.73 54.90 36.34
C ASP D 380 16.70 55.49 37.76
N ASP D 381 15.55 55.47 38.43
CA ASP D 381 15.51 55.94 39.81
C ASP D 381 16.32 55.02 40.73
N LYS D 382 16.44 53.75 40.35
CA LYS D 382 17.14 52.81 41.21
C LYS D 382 18.64 52.65 40.85
N TYR D 383 18.94 52.25 39.61
CA TYR D 383 20.35 52.16 39.17
C TYR D 383 20.74 53.31 38.21
N LYS D 384 21.41 54.34 38.73
CA LYS D 384 21.63 55.62 38.01
C LYS D 384 22.57 55.49 36.82
N PHE D 385 23.21 54.34 36.72
CA PHE D 385 24.14 54.06 35.63
C PHE D 385 23.40 53.40 34.44
N LEU D 386 22.12 53.09 34.63
CA LEU D 386 21.25 52.64 33.55
C LEU D 386 20.40 53.78 32.99
N ILE D 387 20.53 54.02 31.69
CA ILE D 387 19.83 55.14 31.07
C ILE D 387 18.61 54.71 30.25
N HIS D 388 17.47 55.32 30.56
CA HIS D 388 16.25 55.11 29.81
C HIS D 388 16.30 55.91 28.52
N PRO D 389 15.89 55.29 27.39
CA PRO D 389 15.64 56.08 26.20
C PRO D 389 14.19 56.53 26.26
N THR D 390 13.94 57.77 26.65
CA THR D 390 12.59 58.29 26.74
C THR D 390 12.01 58.45 25.33
N PHE D 391 10.69 58.44 25.20
CA PHE D 391 10.06 58.59 23.89
C PHE D 391 8.88 59.57 23.98
N PRO D 392 8.76 60.47 22.99
CA PRO D 392 7.75 61.54 23.06
C PRO D 392 6.32 61.01 23.09
N VAL D 393 5.57 61.27 24.16
CA VAL D 393 4.24 60.67 24.29
C VAL D 393 3.27 61.07 23.19
N GLU D 394 3.39 62.30 22.72
CA GLU D 394 2.56 62.75 21.62
C GLU D 394 2.70 61.84 20.41
N GLU D 395 3.90 61.33 20.15
CA GLU D 395 4.07 60.51 18.94
C GLU D 395 3.38 59.19 19.13
N ILE D 396 3.44 58.67 20.34
CA ILE D 396 2.72 57.45 20.65
C ILE D 396 1.22 57.66 20.43
N TYR D 397 0.70 58.78 20.91
CA TYR D 397 -0.72 59.06 20.66
C TYR D 397 -1.01 59.22 19.16
N GLU D 398 -0.08 59.79 18.37
CA GLU D 398 -0.38 59.91 16.96
C GLU D 398 -0.42 58.52 16.31
N SER D 399 0.55 57.68 16.65
CA SER D 399 0.69 56.36 16.06
C SER D 399 -0.49 55.45 16.37
N ILE D 400 -0.99 55.48 17.61
CA ILE D 400 -2.04 54.54 18.03
C ILE D 400 -3.40 54.82 17.37
N ARG D 401 -3.52 55.94 16.68
CA ARG D 401 -4.77 56.38 16.03
C ARG D 401 -4.93 55.78 14.63
N TRP D 402 -3.83 55.31 14.07
CA TRP D 402 -3.86 54.70 12.73
C TRP D 402 -3.44 53.22 12.67
N THR D 403 -3.78 52.57 11.55
CA THR D 403 -3.38 51.18 11.38
C THR D 403 -3.20 50.83 9.91
N LYS D 404 -2.35 49.83 9.66
CA LYS D 404 -2.17 49.30 8.32
C LYS D 404 -2.72 47.87 8.32
N LYS D 405 -3.05 47.39 9.53
CA LYS D 405 -3.40 45.98 9.76
C LYS D 405 -4.34 45.80 10.98
N PRO D 406 -5.59 46.28 10.84
CA PRO D 406 -6.65 46.29 11.86
C PRO D 406 -6.68 45.04 12.73
N SER D 407 -6.57 43.92 12.05
CA SER D 407 -6.55 42.62 12.68
C SER D 407 -5.40 42.42 13.68
N GLN D 408 -4.49 43.39 13.81
CA GLN D 408 -3.41 43.24 14.80
C GLN D 408 -3.11 44.48 15.61
N MET D 409 -4.13 45.12 16.17
CA MET D 409 -3.83 46.26 17.03
C MET D 409 -3.14 45.81 18.31
N GLN D 410 -3.25 44.53 18.64
CA GLN D 410 -2.60 44.03 19.83
C GLN D 410 -1.07 44.14 19.66
N GLU D 411 -0.56 43.69 18.52
CA GLU D 411 0.87 43.77 18.20
C GLU D 411 1.31 45.23 18.28
N HIS D 412 0.47 46.09 17.73
CA HIS D 412 0.70 47.53 17.68
C HIS D 412 0.84 48.12 19.09
N VAL D 413 -0.13 47.81 19.94
CA VAL D 413 -0.19 48.32 21.31
C VAL D 413 1.04 47.88 22.10
N LEU D 414 1.45 46.63 21.86
CA LEU D 414 2.60 46.08 22.54
C LEU D 414 3.85 46.91 22.17
N SER D 415 3.97 47.22 20.89
CA SER D 415 5.11 48.02 20.42
C SER D 415 5.17 49.37 21.11
N LEU D 416 4.02 50.04 21.20
CA LEU D 416 4.01 51.32 21.85
C LEU D 416 4.29 51.15 23.35
N CYS D 417 3.77 50.08 23.95
CA CYS D 417 4.04 49.87 25.37
C CYS D 417 5.54 49.78 25.66
N HIS D 418 6.26 49.09 24.78
CA HIS D 418 7.70 48.95 24.89
C HIS D 418 8.46 50.27 24.72
N LEU D 419 7.81 51.23 24.08
CA LEU D 419 8.34 52.59 24.00
C LEU D 419 7.91 53.42 25.21
N MET D 420 6.65 53.26 25.60
CA MET D 420 6.02 54.19 26.53
C MET D 420 6.56 54.08 27.95
N TRP D 421 6.76 52.86 28.44
CA TRP D 421 7.05 52.68 29.87
C TRP D 421 8.38 53.33 30.34
N HIS D 422 9.34 53.51 29.43
CA HIS D 422 10.58 54.23 29.75
C HIS D 422 10.31 55.67 30.16
N ASN D 423 9.11 56.17 29.87
CA ASN D 423 8.71 57.51 30.26
C ASN D 423 8.25 57.65 31.71
N GLY D 424 8.02 56.53 32.37
CA GLY D 424 7.62 56.55 33.77
C GLY D 424 6.28 55.92 34.07
N PRO D 425 6.17 55.32 35.26
CA PRO D 425 5.05 54.48 35.70
C PRO D 425 3.68 55.16 35.58
N GLU D 426 3.59 56.41 35.97
CA GLU D 426 2.32 57.11 36.09
C GLU D 426 1.77 57.51 34.71
N ILE D 427 2.64 57.79 33.74
CA ILE D 427 2.19 58.07 32.38
C ILE D 427 1.75 56.78 31.68
N TYR D 428 2.53 55.73 31.92
CA TYR D 428 2.21 54.37 31.47
C TYR D 428 0.86 53.92 32.04
N LYS D 429 0.66 54.22 33.32
CA LYS D 429 -0.59 53.99 34.03
C LYS D 429 -1.73 54.64 33.27
N ASP D 430 -1.53 55.89 32.89
CA ASP D 430 -2.56 56.67 32.23
C ASP D 430 -2.81 56.07 30.87
N PHE D 431 -1.72 55.62 30.25
CA PHE D 431 -1.78 54.97 28.95
C PHE D 431 -2.68 53.73 28.99
N GLU D 432 -2.39 52.82 29.93
CA GLU D 432 -3.24 51.64 30.14
C GLU D 432 -4.69 52.04 30.29
N THR D 433 -4.94 52.94 31.24
CA THR D 433 -6.29 53.37 31.55
C THR D 433 -7.05 53.89 30.35
N LYS D 434 -6.43 54.79 29.59
CA LYS D 434 -7.07 55.32 28.41
C LYS D 434 -7.35 54.18 27.41
N ILE D 435 -6.40 53.26 27.27
CA ILE D 435 -6.59 52.14 26.35
C ILE D 435 -7.83 51.34 26.76
N ARG D 436 -8.03 51.15 28.06
CA ARG D 436 -9.17 50.35 28.55
C ARG D 436 -10.46 51.16 28.76
N SER D 437 -10.48 52.42 28.29
CA SER D 437 -11.72 53.20 28.33
C SER D 437 -12.71 52.75 27.25
N VAL D 438 -12.28 51.80 26.40
CA VAL D 438 -13.15 51.26 25.35
C VAL D 438 -13.00 49.74 25.25
N SER D 439 -13.97 49.09 24.58
CA SER D 439 -14.08 47.62 24.61
C SER D 439 -12.89 46.99 23.93
N ALA D 440 -12.49 47.60 22.82
CA ALA D 440 -11.39 47.06 22.04
C ALA D 440 -10.16 46.98 22.91
N GLY D 441 -9.96 48.01 23.75
CA GLY D 441 -8.83 48.05 24.63
C GLY D 441 -8.78 46.98 25.71
N ARG D 442 -9.93 46.67 26.31
CA ARG D 442 -9.94 45.74 27.43
C ARG D 442 -9.74 44.31 26.99
N ALA D 443 -10.01 44.05 25.71
CA ALA D 443 -9.73 42.73 25.15
C ALA D 443 -8.22 42.44 25.15
N LEU D 444 -7.43 43.52 25.15
CA LEU D 444 -5.99 43.47 24.93
C LEU D 444 -5.14 43.08 26.13
N TYR D 445 -4.15 42.22 25.90
CA TYR D 445 -3.07 42.04 26.86
C TYR D 445 -2.18 43.26 26.90
N ILE D 446 -1.94 43.78 28.09
CA ILE D 446 -0.99 44.88 28.27
C ILE D 446 0.05 44.57 29.36
N PRO D 447 1.36 44.54 28.97
CA PRO D 447 2.44 44.21 29.93
C PRO D 447 2.47 45.17 31.13
N PRO D 448 2.53 44.59 32.33
CA PRO D 448 2.57 45.41 33.56
C PRO D 448 3.88 46.15 33.67
N TYR D 449 3.83 47.42 34.12
CA TYR D 449 5.02 48.25 34.25
C TYR D 449 6.11 47.48 34.97
N GLU D 450 5.74 46.81 36.03
CA GLU D 450 6.78 46.15 36.79
C GLU D 450 7.39 44.95 36.04
N LEU D 451 6.64 44.34 35.13
CA LEU D 451 7.17 43.26 34.27
C LEU D 451 8.13 43.79 33.21
N LEU D 452 7.74 44.89 32.56
CA LEU D 452 8.57 45.54 31.57
C LEU D 452 9.90 45.97 32.19
N ARG D 453 9.81 46.58 33.37
CA ARG D 453 10.96 47.08 34.12
C ARG D 453 11.97 45.97 34.40
N HIS D 454 11.49 44.85 34.93
CA HIS D 454 12.42 43.82 35.35
C HIS D 454 13.06 43.12 34.14
N GLU D 455 12.28 42.87 33.09
CA GLU D 455 12.85 42.35 31.85
C GLU D 455 13.96 43.25 31.32
N TRP D 456 13.82 44.55 31.52
CA TRP D 456 14.83 45.49 31.10
C TRP D 456 16.11 45.24 31.87
N TYR D 457 16.03 45.14 33.19
CA TYR D 457 17.23 44.95 34.02
C TYR D 457 17.99 43.69 33.62
N GLU D 458 17.25 42.65 33.25
CA GLU D 458 17.87 41.37 32.90
C GLU D 458 18.73 41.45 31.63
N LYS D 459 18.68 42.58 30.94
CA LYS D 459 19.46 42.76 29.73
C LYS D 459 20.83 43.39 29.98
N PHE D 460 21.19 43.67 31.24
CA PHE D 460 22.47 44.35 31.52
C PHE D 460 23.53 43.53 32.27
N GLY G 1 11.87 1.75 5.26
CA GLY G 1 11.83 3.17 5.04
C GLY G 1 12.83 3.99 5.84
N GLN G 2 14.09 3.96 5.40
CA GLN G 2 15.13 4.84 5.90
C GLN G 2 15.75 5.63 4.76
N ILE G 3 15.57 6.95 4.74
CA ILE G 3 16.26 7.72 3.72
C ILE G 3 17.76 7.79 4.02
N GLN G 4 18.57 7.35 3.06
CA GLN G 4 20.00 7.25 3.25
C GLN G 4 20.69 8.46 2.70
N ILE G 5 20.42 8.79 1.45
CA ILE G 5 21.05 9.97 0.88
C ILE G 5 20.01 10.84 0.19
N SER G 6 20.30 12.15 0.16
CA SER G 6 19.38 13.15 -0.33
C SER G 6 20.13 14.34 -0.90
N LYS G 7 20.07 14.49 -2.22
CA LYS G 7 20.88 15.49 -2.89
C LYS G 7 20.03 16.34 -3.87
N HIS G 8 20.55 17.50 -4.25
CA HIS G 8 19.98 18.30 -5.34
C HIS G 8 20.37 17.61 -6.63
N VAL G 9 19.43 17.50 -7.56
CA VAL G 9 19.72 16.74 -8.77
C VAL G 9 20.94 17.24 -9.56
N LYS G 10 21.12 18.55 -9.65
CA LYS G 10 22.22 19.13 -10.43
C LYS G 10 23.59 18.70 -9.89
N ASP G 11 23.70 18.52 -8.57
CA ASP G 11 24.95 18.04 -7.96
C ASP G 11 25.22 16.54 -8.17
N VAL G 12 24.50 15.92 -9.09
CA VAL G 12 24.71 14.51 -9.43
C VAL G 12 24.50 14.42 -10.91
N GLY G 13 24.31 15.58 -11.53
CA GLY G 13 24.16 15.65 -12.98
C GLY G 13 22.85 15.05 -13.44
N LEU G 14 21.81 15.17 -12.61
CA LEU G 14 20.50 14.66 -12.95
C LEU G 14 19.54 15.81 -13.20
N PRO G 15 18.60 15.61 -14.14
CA PRO G 15 17.56 16.61 -14.47
C PRO G 15 16.45 16.70 -13.40
N SER G 16 15.65 17.75 -13.40
CA SER G 16 14.47 17.80 -12.54
C SER G 16 13.31 17.19 -13.29
N ILE G 17 12.27 16.77 -12.58
CA ILE G 17 11.14 16.12 -13.24
C ILE G 17 9.87 16.93 -13.13
N HIS G 18 9.21 17.14 -14.25
CA HIS G 18 7.91 17.79 -14.24
C HIS G 18 6.91 16.94 -13.50
N THR G 19 6.38 17.48 -12.40
CA THR G 19 5.39 16.76 -11.62
C THR G 19 4.01 17.37 -11.84
N PRO G 20 3.07 16.57 -12.40
CA PRO G 20 1.72 17.05 -12.68
C PRO G 20 1.02 17.53 -11.43
N THR G 21 0.03 18.40 -11.59
CA THR G 21 -0.52 19.14 -10.46
C THR G 21 -2.05 19.25 -10.48
N LYS G 22 -2.64 19.15 -11.66
CA LYS G 22 -4.08 19.18 -11.84
C LYS G 22 -4.64 17.76 -11.81
N THR G 23 -5.77 17.58 -11.14
CA THR G 23 -6.45 16.29 -11.07
C THR G 23 -7.28 16.04 -12.32
N LYS G 24 -7.46 14.77 -12.66
CA LYS G 24 -8.33 14.43 -13.79
C LYS G 24 -9.78 14.25 -13.33
N LEU G 25 -9.99 14.37 -12.02
CA LEU G 25 -11.30 14.11 -11.43
C LEU G 25 -12.20 15.34 -11.46
N GLN G 26 -13.48 15.15 -11.74
CA GLN G 26 -14.41 16.25 -11.62
C GLN G 26 -15.80 15.77 -11.23
N PRO G 27 -16.59 16.67 -10.62
CA PRO G 27 -17.94 16.28 -10.19
C PRO G 27 -18.78 15.73 -11.34
N SER G 28 -19.51 14.64 -11.09
CA SER G 28 -20.37 14.00 -12.09
C SER G 28 -21.81 14.48 -11.98
N VAL G 29 -22.69 14.06 -12.90
CA VAL G 29 -24.09 14.52 -12.84
C VAL G 29 -24.86 14.03 -11.61
N PHE G 30 -24.21 13.20 -10.80
CA PHE G 30 -24.83 12.69 -9.60
C PHE G 30 -24.21 13.29 -8.32
N TYR G 31 -23.20 14.15 -8.47
CA TYR G 31 -22.55 14.83 -7.36
C TYR G 31 -23.51 15.23 -6.22
N ASP G 32 -24.71 15.73 -6.55
CA ASP G 32 -25.62 16.19 -5.49
C ASP G 32 -26.71 15.20 -5.08
N ILE G 33 -26.79 14.08 -5.79
CA ILE G 33 -27.84 13.07 -5.56
C ILE G 33 -27.47 12.04 -4.47
N PHE G 34 -26.17 11.89 -4.24
CA PHE G 34 -25.65 10.88 -3.31
C PHE G 34 -24.80 11.54 -2.23
N PRO G 35 -24.70 10.89 -1.07
CA PRO G 35 -23.94 11.44 0.04
C PRO G 35 -22.48 11.13 -0.15
N GLY G 36 -21.58 11.99 0.30
CA GLY G 36 -20.17 11.70 0.20
C GLY G 36 -19.35 12.86 0.64
N SER G 37 -18.17 12.56 1.19
CA SER G 37 -17.33 13.59 1.78
C SER G 37 -16.03 13.68 1.04
N LYS G 38 -15.72 12.63 0.26
CA LYS G 38 -14.41 12.48 -0.39
C LYS G 38 -14.16 13.56 -1.45
N GLU G 39 -12.88 13.85 -1.69
CA GLU G 39 -12.49 14.80 -2.73
C GLU G 39 -11.08 14.43 -3.23
N PRO G 40 -10.68 14.98 -4.41
CA PRO G 40 -9.34 14.70 -4.95
C PRO G 40 -8.21 14.98 -3.97
N ALA G 41 -7.18 14.14 -3.97
CA ALA G 41 -6.04 14.33 -3.08
C ALA G 41 -5.27 15.61 -3.42
N VAL G 42 -4.50 16.13 -2.47
CA VAL G 42 -3.68 17.32 -2.67
C VAL G 42 -2.51 16.96 -3.59
N LEU G 43 -2.24 17.78 -4.61
CA LEU G 43 -1.25 17.43 -5.63
C LEU G 43 -0.12 18.47 -5.71
N THR G 44 -0.31 19.59 -5.02
CA THR G 44 0.67 20.69 -4.98
C THR G 44 0.64 21.37 -3.62
N GLU G 45 1.73 22.03 -3.24
CA GLU G 45 1.77 22.74 -1.95
C GLU G 45 0.91 24.00 -1.98
N LYS G 46 0.51 24.41 -3.18
CA LYS G 46 -0.28 25.60 -3.41
C LYS G 46 -1.77 25.32 -3.36
N ASP G 47 -2.13 24.10 -2.94
CA ASP G 47 -3.53 23.71 -2.73
C ASP G 47 -4.05 24.43 -1.50
N PRO G 48 -5.08 25.26 -1.67
CA PRO G 48 -5.67 26.06 -0.59
C PRO G 48 -6.20 25.22 0.58
N ARG G 49 -6.63 23.98 0.30
CA ARG G 49 -7.17 23.08 1.33
C ARG G 49 -6.12 22.55 2.32
N LEU G 50 -4.85 22.70 1.91
CA LEU G 50 -3.69 22.19 2.63
C LEU G 50 -3.36 23.04 3.85
N LYS G 51 -3.31 22.40 5.01
CA LYS G 51 -3.10 23.10 6.26
C LYS G 51 -1.79 22.72 6.98
N VAL G 52 -0.88 22.08 6.25
CA VAL G 52 0.45 21.73 6.75
C VAL G 52 1.50 21.85 5.65
N ASP G 53 2.76 21.63 6.00
CA ASP G 53 3.80 21.65 4.98
C ASP G 53 3.67 20.36 4.17
N PHE G 54 3.46 20.51 2.87
CA PHE G 54 3.27 19.37 1.98
C PHE G 54 4.46 18.38 1.97
N ASP G 55 5.68 18.87 1.73
CA ASP G 55 6.82 17.95 1.63
C ASP G 55 7.05 17.16 2.91
N SER G 56 6.87 17.80 4.06
CA SER G 56 7.17 17.13 5.33
C SER G 56 6.19 16.02 5.58
N ALA G 57 5.01 16.16 4.98
CA ALA G 57 3.94 15.19 5.12
C ALA G 57 4.16 14.04 4.15
N LEU G 58 4.67 14.38 2.98
CA LEU G 58 4.98 13.39 1.95
C LEU G 58 6.07 12.43 2.39
N PHE G 59 7.19 13.00 2.83
CA PHE G 59 8.37 12.20 3.21
C PHE G 59 8.35 11.77 4.69
N SER G 60 7.28 12.11 5.41
CA SER G 60 7.17 11.76 6.83
C SER G 60 7.11 10.26 7.03
N LYS G 61 6.60 9.53 6.04
CA LYS G 61 6.46 8.08 6.16
C LYS G 61 7.81 7.31 6.24
N TYR G 62 8.91 7.95 5.85
CA TYR G 62 10.21 7.31 5.98
C TYR G 62 10.77 7.52 7.40
N LYS G 63 10.64 6.51 8.26
CA LYS G 63 11.07 6.64 9.65
C LYS G 63 12.49 6.15 9.83
N GLY G 64 12.65 4.84 9.86
CA GLY G 64 13.96 4.23 9.96
C GLY G 64 13.71 2.75 9.82
N ASN G 65 14.57 1.95 10.41
CA ASN G 65 14.37 0.51 10.42
C ASN G 65 14.63 0.01 11.82
N THR G 66 13.72 -0.79 12.33
CA THR G 66 13.95 -1.42 13.62
C THR G 66 15.23 -2.26 13.60
N GLU G 67 16.00 -2.25 14.68
CA GLU G 67 17.12 -3.17 14.78
C GLU G 67 16.68 -4.62 14.91
N CYS G 68 16.58 -5.35 13.81
CA CYS G 68 16.36 -6.78 13.89
C CYS G 68 17.21 -7.52 12.89
N SER G 69 17.40 -8.80 13.16
CA SER G 69 18.07 -9.72 12.26
C SER G 69 17.14 -10.84 11.83
N LEU G 70 17.55 -11.62 10.84
CA LEU G 70 16.91 -12.91 10.60
C LEU G 70 16.96 -13.76 11.86
N ASN G 71 16.12 -14.77 11.92
CA ASN G 71 16.10 -15.70 13.03
C ASN G 71 15.45 -17.00 12.60
N GLU G 72 15.56 -18.03 13.43
CA GLU G 72 15.12 -19.35 13.04
C GLU G 72 13.65 -19.43 12.60
N HIS G 73 12.75 -18.67 13.24
CA HIS G 73 11.36 -18.72 12.80
C HIS G 73 11.20 -18.21 11.36
N ILE G 74 11.78 -17.05 11.06
CA ILE G 74 11.80 -16.58 9.67
C ILE G 74 12.34 -17.66 8.71
N GLN G 75 13.40 -18.36 9.12
CA GLN G 75 14.00 -19.38 8.27
C GLN G 75 13.06 -20.57 8.10
N VAL G 76 12.26 -20.84 9.13
CA VAL G 76 11.22 -21.86 9.07
C VAL G 76 10.09 -21.43 8.14
N ALA G 77 9.72 -20.15 8.25
CA ALA G 77 8.68 -19.58 7.40
C ALA G 77 9.13 -19.73 5.97
N VAL G 78 10.35 -19.24 5.69
CA VAL G 78 10.95 -19.39 4.37
C VAL G 78 10.94 -20.84 3.87
N ALA G 79 11.37 -21.77 4.72
CA ALA G 79 11.42 -23.18 4.37
C ALA G 79 10.06 -23.72 3.97
N HIS G 80 9.06 -23.35 4.77
CA HIS G 80 7.71 -23.84 4.57
C HIS G 80 7.05 -23.24 3.34
N TYR G 81 7.13 -21.93 3.20
CA TYR G 81 6.54 -21.30 2.03
C TYR G 81 7.29 -21.74 0.76
N SER G 82 8.61 -21.84 0.80
CA SER G 82 9.36 -22.35 -0.34
C SER G 82 8.90 -23.75 -0.79
N ALA G 83 8.57 -24.61 0.15
CA ALA G 83 8.21 -25.98 -0.18
C ALA G 83 6.86 -26.00 -0.84
N GLN G 84 6.00 -25.13 -0.38
CA GLN G 84 4.70 -24.95 -1.00
C GLN G 84 4.85 -24.57 -2.45
N LEU G 85 5.66 -23.55 -2.72
CA LEU G 85 5.71 -22.98 -4.05
C LEU G 85 6.31 -23.98 -5.05
N ALA G 86 7.29 -24.75 -4.61
CA ALA G 86 7.90 -25.76 -5.47
C ALA G 86 6.87 -26.72 -6.08
N THR G 87 5.76 -26.95 -5.41
CA THR G 87 4.80 -27.91 -5.91
C THR G 87 4.19 -27.42 -7.20
N LEU G 88 4.31 -26.13 -7.48
CA LEU G 88 3.75 -25.57 -8.72
C LEU G 88 4.62 -25.86 -9.94
N ASP G 89 5.88 -26.25 -9.69
CA ASP G 89 6.86 -26.49 -10.76
C ASP G 89 7.09 -25.31 -11.69
N ILE G 90 7.63 -24.23 -11.14
CA ILE G 90 7.89 -23.02 -11.91
C ILE G 90 9.22 -23.06 -12.67
N ASP G 91 9.15 -22.78 -13.96
CA ASP G 91 10.34 -22.70 -14.81
C ASP G 91 11.11 -21.44 -14.45
N PRO G 92 12.33 -21.61 -13.91
CA PRO G 92 13.19 -20.48 -13.53
C PRO G 92 13.90 -19.81 -14.71
N GLN G 93 13.73 -20.38 -15.89
CA GLN G 93 14.37 -19.84 -17.09
C GLN G 93 13.80 -18.46 -17.43
N PRO G 94 14.62 -17.57 -18.00
CA PRO G 94 14.16 -16.25 -18.45
C PRO G 94 13.08 -16.36 -19.50
N ILE G 95 12.41 -15.26 -19.80
CA ILE G 95 11.48 -15.26 -20.92
C ILE G 95 12.04 -14.40 -22.06
N ALA G 96 11.59 -14.69 -23.28
CA ALA G 96 11.96 -13.93 -24.47
C ALA G 96 11.55 -12.47 -24.40
N MET G 97 12.33 -11.61 -25.05
CA MET G 97 12.02 -10.20 -25.16
C MET G 97 10.59 -9.95 -25.62
N GLU G 98 10.18 -10.63 -26.69
CA GLU G 98 8.82 -10.52 -27.21
C GLU G 98 7.79 -10.70 -26.10
N ASP G 99 8.02 -11.69 -25.24
CA ASP G 99 7.13 -11.92 -24.14
C ASP G 99 7.21 -10.82 -23.09
N SER G 100 8.42 -10.33 -22.80
CA SER G 100 8.56 -9.23 -21.84
C SER G 100 7.84 -7.99 -22.32
N VAL G 101 7.77 -7.79 -23.64
CA VAL G 101 7.14 -6.57 -24.16
C VAL G 101 5.63 -6.76 -24.36
N PHE G 102 5.26 -7.84 -25.05
CA PHE G 102 3.90 -8.06 -25.50
C PHE G 102 3.10 -9.11 -24.70
N GLY G 103 3.75 -9.75 -23.73
CA GLY G 103 3.08 -10.71 -22.87
C GLY G 103 3.11 -12.13 -23.36
N MET G 104 2.52 -13.00 -22.56
CA MET G 104 2.46 -14.42 -22.78
C MET G 104 1.36 -14.96 -21.88
N ASP G 105 1.14 -16.26 -21.86
CA ASP G 105 0.08 -16.82 -21.00
C ASP G 105 0.26 -16.35 -19.56
N GLY G 106 -0.72 -15.62 -19.03
CA GLY G 106 -0.62 -15.21 -17.65
C GLY G 106 0.30 -14.03 -17.36
N LEU G 107 0.78 -13.37 -18.41
CA LEU G 107 1.55 -12.13 -18.29
C LEU G 107 1.01 -11.11 -19.28
N GLU G 108 0.46 -10.01 -18.77
CA GLU G 108 -0.08 -9.01 -19.67
C GLU G 108 1.02 -8.35 -20.47
N ALA G 109 0.64 -7.66 -21.54
CA ALA G 109 1.62 -6.89 -22.30
C ALA G 109 2.02 -5.65 -21.49
N LEU G 110 3.15 -5.04 -21.83
CA LEU G 110 3.51 -3.76 -21.22
C LEU G 110 2.41 -2.73 -21.41
N ASP G 111 2.25 -1.85 -20.44
CA ASP G 111 1.23 -0.82 -20.56
C ASP G 111 1.71 0.32 -21.43
N LEU G 112 1.30 0.31 -22.70
CA LEU G 112 1.76 1.34 -23.63
C LEU G 112 1.11 2.67 -23.35
N ASN G 113 0.19 2.70 -22.39
CA ASN G 113 -0.53 3.93 -22.05
C ASN G 113 0.00 4.68 -20.85
N THR G 114 0.94 4.07 -20.13
CA THR G 114 1.58 4.73 -19.01
C THR G 114 3.02 5.15 -19.37
N SER G 115 3.63 5.89 -18.45
CA SER G 115 4.97 6.47 -18.60
C SER G 115 6.09 5.46 -18.87
N ALA G 116 7.14 5.91 -19.53
CA ALA G 116 8.31 5.07 -19.76
C ALA G 116 9.32 5.28 -18.65
N GLY G 117 9.09 6.30 -17.85
CA GLY G 117 9.96 6.56 -16.72
C GLY G 117 11.23 7.28 -17.09
N TYR G 118 12.20 7.23 -16.21
CA TYR G 118 13.50 7.86 -16.47
C TYR G 118 14.28 7.03 -17.50
N PRO G 119 14.96 7.70 -18.44
CA PRO G 119 15.07 9.14 -18.56
C PRO G 119 14.07 9.74 -19.54
N TYR G 120 13.27 8.87 -20.15
CA TYR G 120 12.40 9.21 -21.27
C TYR G 120 11.40 10.33 -20.95
N VAL G 121 11.08 10.49 -19.67
CA VAL G 121 10.08 11.45 -19.24
C VAL G 121 10.65 12.87 -19.37
N THR G 122 11.98 12.98 -19.30
CA THR G 122 12.68 14.25 -19.53
C THR G 122 13.12 14.47 -20.97
N LEU G 123 12.83 13.55 -21.86
CA LEU G 123 13.25 13.70 -23.25
C LEU G 123 12.07 13.67 -24.20
N GLY G 124 10.85 13.77 -23.66
CA GLY G 124 9.65 13.66 -24.47
C GLY G 124 9.43 12.35 -25.22
N ILE G 125 9.98 11.25 -24.70
CA ILE G 125 9.75 9.91 -25.28
C ILE G 125 8.68 9.10 -24.54
N LYS G 126 7.65 8.68 -25.28
CA LYS G 126 6.57 7.86 -24.72
C LYS G 126 6.88 6.41 -24.98
N LYS G 127 6.26 5.51 -24.22
CA LYS G 127 6.38 4.08 -24.48
C LYS G 127 5.99 3.77 -25.93
N LYS G 128 4.93 4.41 -26.42
CA LYS G 128 4.46 4.13 -27.76
C LYS G 128 5.49 4.55 -28.82
N ASP G 129 6.39 5.46 -28.47
CA ASP G 129 7.49 5.86 -29.35
C ASP G 129 8.60 4.82 -29.43
N LEU G 130 8.64 3.92 -28.45
CA LEU G 130 9.63 2.83 -28.43
C LEU G 130 9.06 1.50 -28.97
N ILE G 131 7.77 1.27 -28.77
CA ILE G 131 7.13 0.02 -29.14
C ILE G 131 5.89 0.22 -30.04
N ASN G 132 5.91 -0.35 -31.25
CA ASN G 132 4.79 -0.27 -32.20
C ASN G 132 3.90 -1.48 -32.08
N ASN G 133 2.78 -1.31 -31.39
CA ASN G 133 1.86 -2.40 -31.07
C ASN G 133 1.28 -3.15 -32.27
N LYS G 134 1.12 -2.45 -33.39
CA LYS G 134 0.42 -3.06 -34.54
C LYS G 134 1.35 -3.87 -35.45
N THR G 135 2.64 -3.56 -35.45
CA THR G 135 3.61 -4.28 -36.25
C THR G 135 4.60 -5.09 -35.39
N LYS G 136 4.54 -4.89 -34.06
CA LYS G 136 5.44 -5.47 -33.05
C LYS G 136 6.89 -5.01 -33.21
N ASP G 137 7.08 -3.88 -33.88
CA ASP G 137 8.42 -3.33 -34.03
C ASP G 137 8.95 -2.81 -32.71
N ILE G 138 10.12 -3.30 -32.31
CA ILE G 138 10.69 -2.86 -31.06
C ILE G 138 12.14 -2.46 -31.26
N SER G 139 12.46 -2.07 -32.48
CA SER G 139 13.80 -1.63 -32.84
C SER G 139 14.27 -0.41 -32.06
N LYS G 140 13.35 0.54 -31.89
CA LYS G 140 13.64 1.78 -31.18
C LYS G 140 13.82 1.50 -29.67
N LEU G 141 12.99 0.61 -29.14
CA LEU G 141 13.10 0.18 -27.76
C LEU G 141 14.44 -0.50 -27.53
N LYS G 142 14.79 -1.45 -28.38
CA LYS G 142 16.09 -2.11 -28.28
C LYS G 142 17.27 -1.13 -28.25
N LEU G 143 17.23 -0.10 -29.09
CA LEU G 143 18.27 0.93 -29.07
C LEU G 143 18.33 1.70 -27.75
N ALA G 144 17.16 2.05 -27.19
CA ALA G 144 17.07 2.74 -25.90
C ALA G 144 17.54 1.88 -24.72
N LEU G 145 17.24 0.59 -24.76
CA LEU G 145 17.64 -0.31 -23.70
C LEU G 145 19.14 -0.35 -23.66
N ASP G 146 19.75 -0.47 -24.84
CA ASP G 146 21.22 -0.45 -24.92
C ASP G 146 21.77 0.89 -24.45
N LYS G 147 21.14 1.97 -24.91
CA LYS G 147 21.63 3.31 -24.61
C LYS G 147 21.72 3.65 -23.12
N TYR G 148 20.66 3.39 -22.36
CA TYR G 148 20.55 3.81 -20.97
C TYR G 148 20.70 2.67 -19.94
N ASP G 149 20.96 1.45 -20.43
CA ASP G 149 21.21 0.28 -19.58
C ASP G 149 20.09 0.06 -18.54
N VAL G 150 20.44 -0.32 -17.32
CA VAL G 150 19.42 -0.59 -16.30
C VAL G 150 19.72 0.03 -14.91
N ASP G 151 18.94 -0.39 -13.90
CA ASP G 151 18.95 0.21 -12.56
C ASP G 151 18.82 1.73 -12.62
N LEU G 152 17.90 2.23 -13.44
CA LEU G 152 17.64 3.67 -13.47
C LEU G 152 16.84 4.10 -12.25
N PRO G 153 16.82 5.40 -11.94
CA PRO G 153 16.09 5.87 -10.76
C PRO G 153 14.58 5.85 -10.95
N MET G 154 13.83 5.40 -9.95
CA MET G 154 12.37 5.49 -10.00
C MET G 154 11.95 6.94 -9.75
N ILE G 155 10.83 7.33 -10.36
CA ILE G 155 10.36 8.70 -10.22
C ILE G 155 9.15 8.80 -9.30
N THR G 156 9.26 9.66 -8.30
CA THR G 156 8.17 9.85 -7.37
C THR G 156 7.04 10.65 -8.00
N PHE G 157 5.85 10.06 -8.08
CA PHE G 157 4.66 10.82 -8.45
C PHE G 157 3.59 10.72 -7.38
N LEU G 158 2.72 11.72 -7.33
CA LEU G 158 1.59 11.70 -6.42
C LEU G 158 0.41 11.02 -7.11
N LYS G 159 -0.26 10.11 -6.39
CA LYS G 159 -1.39 9.37 -6.93
C LYS G 159 -2.69 10.19 -6.90
N ASP G 160 -3.23 10.43 -8.09
CA ASP G 160 -4.41 11.25 -8.30
C ASP G 160 -5.70 10.43 -8.07
N GLU G 161 -6.22 10.49 -6.85
CA GLU G 161 -7.39 9.68 -6.50
C GLU G 161 -8.33 10.43 -5.55
N LEU G 162 -9.52 9.88 -5.34
CA LEU G 162 -10.36 10.44 -4.30
C LEU G 162 -9.78 10.04 -2.97
N ARG G 163 -9.76 10.97 -2.01
CA ARG G 163 -9.40 10.56 -0.65
C ARG G 163 -10.48 10.99 0.34
N LYS G 164 -10.41 10.44 1.55
CA LYS G 164 -11.30 10.85 2.62
C LYS G 164 -10.93 12.29 3.00
N LYS G 165 -11.91 13.03 3.51
CA LYS G 165 -11.73 14.45 3.78
C LYS G 165 -10.55 14.72 4.71
N ASP G 166 -10.34 13.79 5.64
CA ASP G 166 -9.31 13.97 6.67
C ASP G 166 -7.92 13.72 6.12
N LYS G 167 -7.81 13.34 4.86
CA LYS G 167 -6.50 13.18 4.28
C LYS G 167 -6.20 14.44 3.49
N ILE G 168 -7.19 15.30 3.30
CA ILE G 168 -6.94 16.48 2.49
C ILE G 168 -6.12 17.54 3.22
N ALA G 169 -6.68 18.17 4.26
CA ALA G 169 -5.92 19.20 4.96
C ALA G 169 -4.57 18.68 5.48
N ALA G 170 -4.57 17.46 6.03
CA ALA G 170 -3.35 16.82 6.51
C ALA G 170 -2.34 16.54 5.39
N GLY G 171 -2.81 16.65 4.14
CA GLY G 171 -1.96 16.43 2.97
C GLY G 171 -1.46 15.01 2.83
N LYS G 172 -2.20 14.07 3.39
CA LYS G 172 -1.83 12.66 3.31
C LYS G 172 -2.12 12.05 1.93
N THR G 173 -1.41 12.51 0.91
CA THR G 173 -1.58 11.98 -0.43
C THR G 173 -0.67 10.74 -0.63
N ARG G 174 -1.12 9.75 -1.40
CA ARG G 174 -0.26 8.60 -1.64
C ARG G 174 0.74 8.86 -2.75
N VAL G 175 1.96 8.38 -2.56
CA VAL G 175 2.97 8.56 -3.59
C VAL G 175 3.16 7.26 -4.34
N ILE G 176 3.60 7.42 -5.58
CA ILE G 176 3.78 6.35 -6.52
C ILE G 176 5.24 6.36 -6.94
N GLU G 177 5.79 5.18 -7.21
CA GLU G 177 7.18 5.11 -7.66
C GLU G 177 7.27 4.59 -9.11
N ALA G 178 7.59 5.47 -10.07
CA ALA G 178 7.57 5.08 -11.49
C ALA G 178 8.80 4.29 -11.96
N SER G 179 8.59 3.05 -12.36
CA SER G 179 9.71 2.24 -12.86
C SER G 179 10.04 2.53 -14.32
N SER G 180 11.32 2.71 -14.61
CA SER G 180 11.74 2.88 -16.00
C SER G 180 11.46 1.63 -16.81
N ILE G 181 10.96 1.83 -18.02
CA ILE G 181 10.59 0.73 -18.88
C ILE G 181 11.76 -0.25 -19.05
N ASN G 182 12.98 0.29 -19.06
CA ASN G 182 14.22 -0.49 -19.05
C ASN G 182 14.23 -1.53 -17.95
N ASP G 183 13.87 -1.09 -16.74
CA ASP G 183 13.87 -1.94 -15.56
C ASP G 183 12.64 -2.86 -15.49
N THR G 184 11.50 -2.35 -15.92
CA THR G 184 10.28 -3.17 -15.93
C THR G 184 10.54 -4.38 -16.81
N ILE G 185 11.09 -4.10 -18.00
CA ILE G 185 11.42 -5.16 -18.93
C ILE G 185 12.39 -6.17 -18.33
N LEU G 186 13.45 -5.67 -17.71
CA LEU G 186 14.45 -6.52 -17.04
C LEU G 186 13.84 -7.50 -16.02
N PHE G 187 13.05 -6.98 -15.08
CA PHE G 187 12.37 -7.81 -14.09
C PHE G 187 11.42 -8.84 -14.70
N ARG G 188 10.63 -8.41 -15.67
CA ARG G 188 9.86 -9.35 -16.48
C ARG G 188 10.75 -10.46 -17.09
N THR G 189 11.84 -10.13 -17.79
CA THR G 189 12.70 -11.16 -18.40
C THR G 189 13.22 -12.21 -17.41
N VAL G 190 13.50 -11.79 -16.18
CA VAL G 190 13.98 -12.70 -15.14
C VAL G 190 12.83 -13.42 -14.40
N TYR G 191 11.84 -12.66 -13.96
CA TYR G 191 10.84 -13.17 -13.04
C TYR G 191 9.51 -13.49 -13.71
N GLY G 192 9.46 -13.31 -15.02
CA GLY G 192 8.22 -13.44 -15.78
C GLY G 192 7.45 -14.71 -15.53
N ASN G 193 8.19 -15.81 -15.58
CA ASN G 193 7.63 -17.15 -15.35
C ASN G 193 7.01 -17.28 -13.93
N LEU G 194 7.62 -16.64 -12.93
CA LEU G 194 7.08 -16.61 -11.56
C LEU G 194 5.78 -15.87 -11.52
N PHE G 195 5.81 -14.64 -12.05
CA PHE G 195 4.63 -13.76 -12.13
C PHE G 195 3.43 -14.44 -12.78
N SER G 196 3.70 -15.09 -13.91
CA SER G 196 2.67 -15.77 -14.66
C SER G 196 2.01 -16.83 -13.78
N LYS G 197 2.79 -17.82 -13.33
CA LYS G 197 2.26 -18.91 -12.49
C LYS G 197 1.37 -18.36 -11.36
N PHE G 198 1.80 -17.32 -10.67
CA PHE G 198 0.95 -16.70 -9.65
C PHE G 198 -0.37 -16.20 -10.26
N HIS G 199 -0.27 -15.36 -11.30
CA HIS G 199 -1.45 -14.85 -11.96
C HIS G 199 -2.42 -15.97 -12.30
N LEU G 200 -1.92 -17.12 -12.73
CA LEU G 200 -2.82 -18.20 -13.13
C LEU G 200 -3.27 -19.09 -11.98
N ASN G 201 -2.81 -18.84 -10.76
CA ASN G 201 -3.18 -19.76 -9.69
C ASN G 201 -3.48 -19.07 -8.36
N PRO G 202 -4.48 -18.20 -8.34
CA PRO G 202 -4.86 -17.61 -7.06
C PRO G 202 -5.37 -18.68 -6.12
N GLY G 203 -4.95 -18.62 -4.86
CA GLY G 203 -5.39 -19.59 -3.88
C GLY G 203 -4.40 -19.82 -2.74
N VAL G 204 -4.57 -20.96 -2.06
CA VAL G 204 -3.80 -21.22 -0.86
C VAL G 204 -2.47 -21.90 -1.13
N VAL G 205 -2.13 -22.12 -2.40
CA VAL G 205 -0.78 -22.64 -2.70
C VAL G 205 0.20 -21.51 -3.00
N THR G 206 -0.23 -20.58 -3.85
CA THR G 206 0.52 -19.36 -4.11
C THR G 206 0.50 -18.47 -2.88
N GLY G 207 -0.54 -18.59 -2.07
CA GLY G 207 -0.70 -17.76 -0.88
C GLY G 207 -1.10 -16.37 -1.31
N CYS G 208 -1.74 -16.31 -2.48
CA CYS G 208 -1.98 -15.09 -3.21
C CYS G 208 -3.32 -15.01 -3.93
N ALA G 209 -4.01 -13.87 -3.79
CA ALA G 209 -5.30 -13.65 -4.45
C ALA G 209 -5.20 -12.97 -5.82
N VAL G 210 -4.02 -12.44 -6.17
CA VAL G 210 -3.86 -11.79 -7.48
C VAL G 210 -4.26 -12.72 -8.64
N GLY G 211 -5.22 -12.28 -9.46
CA GLY G 211 -5.68 -13.02 -10.61
C GLY G 211 -7.04 -13.66 -10.43
N CYS G 212 -7.65 -13.42 -9.25
CA CYS G 212 -8.98 -13.93 -8.92
C CYS G 212 -10.15 -13.03 -9.37
N ASP G 213 -11.26 -13.68 -9.71
CA ASP G 213 -12.57 -13.04 -9.84
C ASP G 213 -13.38 -13.27 -8.58
N PRO G 214 -13.47 -12.25 -7.73
CA PRO G 214 -14.28 -12.25 -6.50
C PRO G 214 -15.71 -12.78 -6.66
N GLU G 215 -16.38 -12.53 -7.79
CA GLU G 215 -17.73 -13.07 -7.99
C GLU G 215 -17.77 -14.62 -8.02
N THR G 216 -16.70 -15.28 -8.47
CA THR G 216 -16.61 -16.75 -8.43
C THR G 216 -15.67 -17.31 -7.37
N PHE G 217 -14.59 -16.58 -7.09
CA PHE G 217 -13.54 -16.96 -6.16
C PHE G 217 -14.07 -16.90 -4.72
N TRP G 218 -14.98 -15.97 -4.43
CA TRP G 218 -15.57 -15.88 -3.08
C TRP G 218 -16.23 -17.19 -2.59
N SER G 219 -16.74 -18.01 -3.51
CA SER G 219 -17.34 -19.27 -3.12
C SER G 219 -16.30 -20.34 -2.81
N LYS G 220 -15.09 -20.19 -3.36
CA LYS G 220 -14.02 -21.15 -3.09
C LYS G 220 -13.33 -20.89 -1.74
N ILE G 221 -13.23 -19.62 -1.34
CA ILE G 221 -12.43 -19.26 -0.15
C ILE G 221 -12.74 -20.08 1.13
N PRO G 222 -14.02 -20.25 1.51
CA PRO G 222 -14.26 -21.02 2.74
C PRO G 222 -13.90 -22.50 2.60
N LEU G 223 -13.77 -22.99 1.36
CA LEU G 223 -13.24 -24.35 1.10
C LEU G 223 -11.72 -24.41 1.28
N MET G 224 -11.03 -23.34 0.89
CA MET G 224 -9.58 -23.29 0.96
C MET G 224 -9.10 -23.00 2.38
N LEU G 225 -9.74 -22.04 3.05
CA LEU G 225 -9.50 -21.84 4.47
C LEU G 225 -10.48 -22.71 5.28
N ASP G 226 -10.21 -24.01 5.31
CA ASP G 226 -11.16 -24.98 5.86
C ASP G 226 -11.24 -24.81 7.37
N GLY G 227 -10.36 -23.99 7.91
CA GLY G 227 -10.13 -23.90 9.32
C GLY G 227 -11.28 -23.39 10.16
N ASP G 228 -10.99 -23.22 11.44
CA ASP G 228 -11.95 -23.06 12.52
C ASP G 228 -11.96 -21.60 12.95
N CYS G 229 -10.76 -21.11 13.18
CA CYS G 229 -10.51 -19.70 13.34
C CYS G 229 -10.18 -19.09 11.99
N ILE G 230 -11.03 -18.18 11.51
CA ILE G 230 -10.66 -17.40 10.34
C ILE G 230 -10.41 -15.96 10.79
N MET G 231 -9.33 -15.37 10.28
CA MET G 231 -8.77 -14.13 10.81
C MET G 231 -8.26 -13.21 9.71
N ALA G 232 -8.05 -11.94 10.07
CA ALA G 232 -7.57 -10.93 9.14
C ALA G 232 -7.20 -9.70 9.92
N PHE G 233 -6.21 -8.94 9.42
CA PHE G 233 -5.99 -7.63 9.99
C PHE G 233 -5.31 -6.61 9.05
N ASP G 234 -4.95 -5.47 9.63
CA ASP G 234 -4.57 -4.28 8.88
C ASP G 234 -3.14 -3.81 9.18
N TYR G 235 -2.42 -3.42 8.12
CA TYR G 235 -1.10 -2.83 8.24
C TYR G 235 -1.14 -1.31 8.07
N THR G 236 -0.54 -0.61 9.00
CA THR G 236 -0.30 0.83 8.88
C THR G 236 0.97 1.03 8.06
N ASN G 237 0.83 1.56 6.84
CA ASN G 237 1.96 1.75 5.91
C ASN G 237 2.82 0.48 5.69
N TYR G 238 2.18 -0.61 5.27
CA TYR G 238 2.85 -1.88 4.98
C TYR G 238 4.11 -1.75 4.15
N ASP G 239 3.98 -1.03 3.04
CA ASP G 239 5.00 -1.10 2.02
C ASP G 239 6.26 -0.43 2.51
N GLY G 240 6.09 0.61 3.33
CA GLY G 240 7.23 1.35 3.83
C GLY G 240 7.85 0.82 5.10
N SER G 241 7.21 -0.16 5.72
CA SER G 241 7.75 -0.70 6.96
C SER G 241 8.38 -2.09 6.77
N ILE G 242 8.63 -2.47 5.53
CA ILE G 242 9.33 -3.72 5.27
C ILE G 242 10.81 -3.62 5.55
N HIS G 243 11.27 -4.35 6.57
CA HIS G 243 12.67 -4.33 6.97
C HIS G 243 13.52 -5.05 5.96
N PRO G 244 14.79 -4.64 5.82
CA PRO G 244 15.63 -5.33 4.84
C PRO G 244 15.66 -6.84 5.03
N ILE G 245 15.40 -7.33 6.23
CA ILE G 245 15.51 -8.77 6.42
C ILE G 245 14.43 -9.57 5.67
N TRP G 246 13.20 -9.06 5.55
CA TRP G 246 12.18 -9.72 4.70
C TRP G 246 12.64 -9.88 3.25
N PHE G 247 13.42 -8.92 2.78
CA PHE G 247 13.99 -8.98 1.45
C PHE G 247 15.03 -10.09 1.37
N LYS G 248 15.80 -10.27 2.44
CA LYS G 248 16.74 -11.39 2.49
C LYS G 248 15.90 -12.70 2.45
N ALA G 249 14.80 -12.73 3.19
CA ALA G 249 13.86 -13.85 3.11
C ALA G 249 13.33 -14.07 1.69
N LEU G 250 12.76 -13.02 1.12
CA LEU G 250 12.21 -13.10 -0.23
C LEU G 250 13.22 -13.69 -1.20
N GLY G 251 14.46 -13.21 -1.11
CA GLY G 251 15.55 -13.74 -1.90
C GLY G 251 15.78 -15.22 -1.66
N MET G 252 15.68 -15.64 -0.41
CA MET G 252 15.94 -17.04 -0.12
C MET G 252 14.90 -17.93 -0.79
N VAL G 253 13.64 -17.52 -0.70
CA VAL G 253 12.52 -18.20 -1.38
C VAL G 253 12.77 -18.22 -2.88
N LEU G 254 13.03 -17.04 -3.45
CA LEU G 254 13.48 -16.95 -4.83
C LEU G 254 14.61 -17.97 -5.14
N ASP G 255 15.68 -17.95 -4.35
CA ASP G 255 16.77 -18.90 -4.56
C ASP G 255 16.35 -20.37 -4.51
N ASN G 256 15.53 -20.76 -3.55
CA ASN G 256 15.00 -22.14 -3.48
C ASN G 256 14.18 -22.59 -4.72
N LEU G 257 13.64 -21.61 -5.46
CA LEU G 257 12.93 -21.87 -6.72
C LEU G 257 13.89 -21.71 -7.88
N SER G 258 15.16 -21.47 -7.58
CA SER G 258 16.24 -21.32 -8.57
C SER G 258 16.11 -20.03 -9.38
N PHE G 259 15.48 -19.02 -8.80
CA PHE G 259 15.45 -17.70 -9.42
C PHE G 259 16.61 -16.90 -8.87
N ASN G 260 16.88 -15.78 -9.52
CA ASN G 260 17.93 -14.90 -9.06
C ASN G 260 17.48 -14.11 -7.86
N PRO G 261 18.19 -14.27 -6.74
CA PRO G 261 17.77 -13.66 -5.48
C PRO G 261 18.40 -12.33 -5.21
N THR G 262 19.15 -11.78 -6.16
CA THR G 262 19.90 -10.54 -5.93
C THR G 262 19.24 -9.32 -6.57
N LEU G 263 18.52 -9.50 -7.68
CA LEU G 263 17.88 -8.36 -8.35
C LEU G 263 16.95 -7.61 -7.43
N ILE G 264 16.40 -8.28 -6.43
CA ILE G 264 15.41 -7.61 -5.61
C ILE G 264 16.06 -6.64 -4.63
N ASN G 265 17.37 -6.67 -4.48
CA ASN G 265 18.06 -5.67 -3.68
C ASN G 265 17.93 -4.27 -4.31
N ARG G 266 17.51 -4.22 -5.58
CA ARG G 266 17.24 -2.95 -6.24
C ARG G 266 15.90 -2.39 -5.76
N LEU G 267 15.13 -3.24 -5.09
CA LEU G 267 13.89 -2.81 -4.48
C LEU G 267 14.15 -2.41 -3.06
N CYS G 268 14.88 -3.25 -2.33
CA CYS G 268 15.27 -2.95 -0.94
C CYS G 268 16.03 -1.61 -0.84
N ASN G 269 17.08 -1.47 -1.63
CA ASN G 269 17.83 -0.23 -1.69
C ASN G 269 17.57 0.45 -3.04
N SER G 270 16.67 1.42 -3.05
CA SER G 270 16.14 1.96 -4.30
C SER G 270 16.51 3.40 -4.53
N LYS G 271 16.61 3.78 -5.80
CA LYS G 271 16.95 5.13 -6.19
C LYS G 271 15.67 5.87 -6.59
N HIS G 272 15.56 7.13 -6.20
CA HIS G 272 14.41 7.93 -6.55
C HIS G 272 14.76 9.37 -6.88
N ILE G 273 13.95 9.97 -7.74
CA ILE G 273 13.95 11.41 -7.97
C ILE G 273 12.55 11.90 -7.67
N PHE G 274 12.42 12.89 -6.79
CA PHE G 274 11.10 13.44 -6.56
C PHE G 274 10.88 14.66 -7.44
N LYS G 275 11.52 15.76 -7.17
CA LYS G 275 11.32 16.85 -8.11
C LYS G 275 12.66 17.37 -8.53
N SER G 276 13.32 18.06 -7.60
CA SER G 276 14.63 18.53 -7.87
C SER G 276 15.52 17.82 -6.87
N THR G 277 14.95 16.77 -6.27
CA THR G 277 15.65 15.98 -5.25
C THR G 277 15.89 14.52 -5.62
N TYR G 278 17.15 14.12 -5.61
CA TYR G 278 17.54 12.73 -5.81
C TYR G 278 17.72 12.11 -4.44
N TYR G 279 17.16 10.93 -4.21
CA TYR G 279 17.35 10.25 -2.92
C TYR G 279 17.41 8.74 -3.02
N GLU G 280 17.94 8.13 -1.98
CA GLU G 280 18.05 6.67 -1.93
C GLU G 280 17.45 6.19 -0.60
N VAL G 281 16.74 5.06 -0.65
CA VAL G 281 15.98 4.58 0.51
C VAL G 281 16.33 3.14 0.81
N GLU G 282 16.61 2.85 2.08
CA GLU G 282 16.94 1.48 2.47
C GLU G 282 15.79 0.85 3.24
N GLY G 283 15.18 -0.18 2.65
CA GLY G 283 13.97 -0.77 3.20
C GLY G 283 12.75 -0.25 2.48
N GLY G 284 11.63 -0.92 2.69
CA GLY G 284 10.38 -0.57 2.02
C GLY G 284 10.33 -1.13 0.61
N VAL G 285 9.17 -1.66 0.22
CA VAL G 285 8.92 -2.06 -1.19
C VAL G 285 8.42 -0.85 -1.95
N PRO G 286 9.16 -0.44 -2.99
CA PRO G 286 8.78 0.77 -3.72
C PRO G 286 7.54 0.53 -4.57
N SER G 287 6.34 0.75 -4.04
CA SER G 287 5.13 0.49 -4.82
C SER G 287 5.17 1.21 -6.16
N GLY G 288 5.16 0.42 -7.23
CA GLY G 288 5.31 0.93 -8.57
C GLY G 288 6.36 0.19 -9.37
N CYS G 289 7.16 -0.60 -8.66
CA CYS G 289 8.20 -1.41 -9.28
C CYS G 289 7.58 -2.58 -10.05
N SER G 290 8.38 -3.27 -10.84
CA SER G 290 7.86 -4.48 -11.42
C SER G 290 7.68 -5.49 -10.32
N GLY G 291 6.51 -6.09 -10.26
CA GLY G 291 6.24 -7.14 -9.32
C GLY G 291 5.78 -6.70 -7.96
N THR G 292 5.44 -5.42 -7.79
CA THR G 292 4.95 -4.99 -6.47
C THR G 292 3.90 -5.93 -5.87
N SER G 293 2.81 -6.21 -6.59
CA SER G 293 1.78 -7.09 -6.04
C SER G 293 2.33 -8.47 -5.64
N ILE G 294 3.07 -9.13 -6.53
CA ILE G 294 3.58 -10.47 -6.24
C ILE G 294 4.59 -10.44 -5.07
N PHE G 295 5.67 -9.66 -5.20
CA PHE G 295 6.66 -9.59 -4.14
C PHE G 295 6.08 -9.15 -2.78
N ASN G 296 5.19 -8.14 -2.76
CA ASN G 296 4.50 -7.79 -1.52
C ASN G 296 3.73 -8.95 -0.93
N SER G 297 3.01 -9.67 -1.79
CA SER G 297 2.25 -10.85 -1.39
C SER G 297 3.10 -11.98 -0.83
N MET G 298 4.19 -12.32 -1.54
CA MET G 298 5.11 -13.35 -1.07
C MET G 298 5.66 -12.97 0.29
N ILE G 299 6.03 -11.70 0.43
CA ILE G 299 6.56 -11.24 1.69
C ILE G 299 5.51 -11.44 2.77
N ASN G 300 4.30 -10.95 2.58
CA ASN G 300 3.23 -11.23 3.55
C ASN G 300 3.10 -12.72 3.97
N ASN G 301 3.15 -13.66 3.02
CA ASN G 301 3.18 -15.08 3.39
C ASN G 301 4.32 -15.47 4.38
N ILE G 302 5.46 -14.78 4.31
CA ILE G 302 6.58 -15.02 5.23
C ILE G 302 6.32 -14.35 6.61
N ILE G 303 6.04 -13.06 6.61
CA ILE G 303 5.58 -12.33 7.79
C ILE G 303 4.55 -13.08 8.65
N ILE G 304 3.39 -13.41 8.07
CA ILE G 304 2.32 -14.12 8.80
C ILE G 304 2.79 -15.43 9.46
N ARG G 305 3.46 -16.28 8.67
CA ARG G 305 4.08 -17.50 9.20
C ARG G 305 4.98 -17.18 10.41
N THR G 306 5.89 -16.23 10.22
CA THR G 306 6.84 -15.82 11.26
C THR G 306 6.12 -15.35 12.52
N LEU G 307 5.15 -14.46 12.35
CA LEU G 307 4.42 -13.88 13.48
C LEU G 307 3.74 -14.96 14.32
N VAL G 308 3.08 -15.90 13.65
CA VAL G 308 2.46 -17.03 14.32
C VAL G 308 3.50 -17.89 15.05
N LEU G 309 4.59 -18.28 14.37
CA LEU G 309 5.69 -19.00 15.04
C LEU G 309 6.22 -18.28 16.28
N ASP G 310 6.25 -16.95 16.23
CA ASP G 310 6.67 -16.12 17.35
C ASP G 310 5.69 -16.17 18.50
N ALA G 311 4.40 -16.16 18.19
CA ALA G 311 3.36 -16.01 19.20
C ALA G 311 2.93 -17.33 19.80
N TYR G 312 3.19 -18.42 19.08
CA TYR G 312 2.72 -19.74 19.52
C TYR G 312 3.79 -20.79 19.30
N LYS G 313 3.98 -21.66 20.30
CA LYS G 313 5.16 -22.49 20.31
C LYS G 313 5.07 -23.74 19.44
N HIS G 314 3.90 -24.35 19.31
CA HIS G 314 3.87 -25.67 18.68
C HIS G 314 2.96 -25.75 17.45
N ILE G 315 3.22 -24.90 16.45
CA ILE G 315 2.25 -24.71 15.37
C ILE G 315 2.37 -25.67 14.17
N ASP G 316 1.21 -26.01 13.61
CA ASP G 316 1.14 -26.86 12.43
C ASP G 316 1.05 -25.98 11.19
N LEU G 317 2.20 -25.65 10.61
CA LEU G 317 2.24 -24.68 9.52
C LEU G 317 1.39 -25.12 8.31
N ASP G 318 1.28 -26.43 8.07
CA ASP G 318 0.43 -26.92 6.98
C ASP G 318 -1.05 -26.57 7.14
N LYS G 319 -1.47 -26.26 8.36
CA LYS G 319 -2.87 -25.94 8.60
C LYS G 319 -3.08 -24.44 8.76
N LEU G 320 -2.02 -23.68 8.59
CA LEU G 320 -2.10 -22.23 8.58
C LEU G 320 -2.26 -21.78 7.14
N LYS G 321 -3.50 -21.55 6.73
CA LYS G 321 -3.78 -21.31 5.33
C LYS G 321 -3.82 -19.81 5.08
N ILE G 322 -3.10 -19.37 4.07
CA ILE G 322 -2.98 -17.94 3.81
C ILE G 322 -3.32 -17.60 2.37
N ILE G 323 -4.01 -16.48 2.23
CA ILE G 323 -4.24 -15.80 0.96
C ILE G 323 -3.97 -14.33 1.16
N ALA G 324 -3.07 -13.76 0.36
CA ALA G 324 -2.77 -12.36 0.50
C ALA G 324 -2.89 -11.64 -0.84
N TYR G 325 -3.32 -10.39 -0.80
CA TYR G 325 -3.23 -9.53 -1.97
C TYR G 325 -2.43 -8.32 -1.51
N GLY G 326 -1.12 -8.44 -1.68
CA GLY G 326 -0.20 -7.44 -1.16
C GLY G 326 -0.34 -7.35 0.35
N ASP G 327 -0.61 -6.15 0.83
CA ASP G 327 -0.68 -6.01 2.27
C ASP G 327 -1.95 -6.63 2.82
N ASP G 328 -2.97 -6.73 1.98
CA ASP G 328 -4.24 -7.28 2.43
C ASP G 328 -4.14 -8.77 2.58
N VAL G 329 -4.61 -9.29 3.69
CA VAL G 329 -4.48 -10.71 3.96
C VAL G 329 -5.67 -11.26 4.74
N ILE G 330 -6.05 -12.46 4.36
CA ILE G 330 -7.03 -13.26 5.06
C ILE G 330 -6.36 -14.63 5.25
N PHE G 331 -6.57 -15.28 6.41
CA PHE G 331 -5.94 -16.57 6.73
C PHE G 331 -6.74 -17.42 7.74
N SER G 332 -6.33 -18.66 7.97
CA SER G 332 -7.02 -19.48 8.98
C SER G 332 -6.08 -20.46 9.68
N TYR G 333 -6.47 -20.85 10.89
CA TYR G 333 -5.80 -21.96 11.56
C TYR G 333 -6.86 -22.96 11.97
N LYS G 334 -6.43 -24.18 12.28
CA LYS G 334 -7.35 -25.24 12.66
C LYS G 334 -7.95 -25.03 14.06
N TYR G 335 -7.21 -24.40 14.96
CA TYR G 335 -7.77 -23.99 16.26
C TYR G 335 -7.83 -22.47 16.33
N LYS G 336 -8.32 -21.94 17.45
CA LYS G 336 -8.47 -20.49 17.62
C LYS G 336 -7.17 -19.81 18.07
N LEU G 337 -6.70 -18.79 17.34
CA LEU G 337 -5.56 -18.00 17.79
C LEU G 337 -5.93 -16.56 18.16
N ASP G 338 -5.06 -15.91 18.92
CA ASP G 338 -5.32 -14.55 19.37
C ASP G 338 -4.70 -13.55 18.42
N MET G 339 -5.55 -12.89 17.63
CA MET G 339 -5.12 -11.92 16.66
C MET G 339 -4.32 -10.86 17.35
N GLU G 340 -4.82 -10.39 18.48
CA GLU G 340 -4.12 -9.41 19.31
C GLU G 340 -2.67 -9.79 19.56
N ALA G 341 -2.48 -11.04 19.96
CA ALA G 341 -1.18 -11.57 20.31
C ALA G 341 -0.26 -11.72 19.10
N ILE G 342 -0.82 -12.10 17.96
CA ILE G 342 0.00 -12.23 16.77
C ILE G 342 0.46 -10.86 16.29
N ALA G 343 -0.49 -9.92 16.24
CA ALA G 343 -0.17 -8.58 15.75
C ALA G 343 0.96 -7.97 16.58
N LYS G 344 0.96 -8.27 17.88
CA LYS G 344 1.98 -7.77 18.77
C LYS G 344 3.38 -8.08 18.25
N GLU G 345 3.54 -9.30 17.77
CA GLU G 345 4.85 -9.83 17.38
C GLU G 345 5.48 -9.10 16.18
N GLY G 346 4.67 -8.30 15.48
CA GLY G 346 5.14 -7.59 14.32
C GLY G 346 5.88 -6.34 14.72
N GLN G 347 5.61 -5.89 15.95
CA GLN G 347 6.24 -4.67 16.45
C GLN G 347 7.78 -4.70 16.40
N LYS G 348 8.41 -5.76 16.89
CA LYS G 348 9.87 -5.86 16.88
C LYS G 348 10.51 -5.82 15.49
N TYR G 349 9.71 -6.08 14.47
CA TYR G 349 10.18 -6.10 13.09
C TYR G 349 9.96 -4.76 12.41
N GLY G 350 9.18 -3.91 13.07
CA GLY G 350 8.89 -2.59 12.55
C GLY G 350 7.54 -2.55 11.90
N LEU G 351 6.76 -3.62 12.08
CA LEU G 351 5.42 -3.65 11.49
C LEU G 351 4.42 -3.13 12.47
N THR G 352 3.49 -2.32 11.98
CA THR G 352 2.38 -1.87 12.79
C THR G 352 1.10 -2.55 12.34
N ILE G 353 0.60 -3.46 13.16
CA ILE G 353 -0.60 -4.18 12.83
C ILE G 353 -1.76 -3.83 13.74
N THR G 354 -2.91 -3.55 13.13
CA THR G 354 -4.08 -3.02 13.83
C THR G 354 -5.35 -3.83 13.52
N PRO G 355 -6.35 -3.78 14.42
CA PRO G 355 -7.57 -4.57 14.21
C PRO G 355 -8.14 -4.33 12.82
N ALA G 356 -8.60 -5.38 12.16
CA ALA G 356 -9.11 -5.28 10.80
C ALA G 356 -10.29 -4.34 10.69
N ASP G 357 -10.35 -3.60 9.59
CA ASP G 357 -11.40 -2.63 9.28
C ASP G 357 -11.68 -1.69 10.46
N LYS G 358 -10.58 -1.11 10.94
CA LYS G 358 -10.54 0.03 11.86
C LYS G 358 -11.40 -0.11 13.11
N SER G 359 -11.54 -1.31 13.67
CA SER G 359 -12.11 -1.41 15.01
C SER G 359 -11.11 -0.86 16.03
N SER G 360 -11.57 -0.70 17.25
CA SER G 360 -10.72 -0.15 18.30
C SER G 360 -9.88 -1.25 18.93
N GLU G 361 -10.50 -2.41 19.15
CA GLU G 361 -9.79 -3.59 19.66
C GLU G 361 -9.97 -4.78 18.73
N PHE G 362 -9.16 -5.80 18.99
CA PHE G 362 -9.22 -7.03 18.22
C PHE G 362 -10.40 -7.84 18.67
N LYS G 363 -11.26 -8.21 17.73
CA LYS G 363 -12.39 -9.07 18.05
C LYS G 363 -12.32 -10.32 17.21
N GLU G 364 -13.09 -11.33 17.61
CA GLU G 364 -13.23 -12.53 16.81
C GLU G 364 -13.85 -12.22 15.46
N LEU G 365 -13.49 -13.02 14.45
CA LEU G 365 -14.06 -12.83 13.13
C LEU G 365 -14.56 -14.18 12.60
N ASP G 366 -15.61 -14.10 11.79
CA ASP G 366 -16.08 -15.23 11.01
C ASP G 366 -16.49 -14.68 9.63
N TYR G 367 -17.01 -15.54 8.76
CA TYR G 367 -17.37 -15.09 7.43
C TYR G 367 -18.53 -14.11 7.45
N GLY G 368 -18.96 -13.71 8.65
CA GLY G 368 -20.04 -12.75 8.79
C GLY G 368 -19.56 -11.32 8.80
N ASN G 369 -18.34 -11.11 9.30
CA ASN G 369 -17.85 -9.75 9.48
C ASN G 369 -16.45 -9.56 8.93
N VAL G 370 -15.90 -10.61 8.35
CA VAL G 370 -14.56 -10.49 7.82
C VAL G 370 -14.65 -9.93 6.40
N THR G 371 -13.61 -9.20 5.99
CA THR G 371 -13.56 -8.72 4.63
C THR G 371 -12.19 -8.93 4.01
N PHE G 372 -12.21 -8.91 2.69
CA PHE G 372 -11.03 -9.06 1.86
C PHE G 372 -11.30 -8.29 0.58
N LEU G 373 -10.30 -7.52 0.13
CA LEU G 373 -10.46 -6.68 -1.06
C LEU G 373 -11.74 -5.84 -1.01
N LYS G 374 -11.99 -5.27 0.18
CA LYS G 374 -13.12 -4.40 0.52
C LYS G 374 -14.44 -5.13 0.57
N ARG G 375 -14.42 -6.42 0.25
CA ARG G 375 -15.67 -7.14 0.13
C ARG G 375 -15.96 -8.07 1.30
N GLY G 376 -17.24 -8.16 1.66
CA GLY G 376 -17.69 -9.08 2.69
C GLY G 376 -18.23 -10.36 2.08
N PHE G 377 -18.67 -11.29 2.93
CA PHE G 377 -19.13 -12.58 2.43
C PHE G 377 -20.57 -12.79 2.82
N ARG G 378 -21.36 -13.36 1.91
CA ARG G 378 -22.76 -13.74 2.19
C ARG G 378 -23.30 -14.82 1.28
N GLN G 379 -23.99 -15.80 1.86
CA GLN G 379 -24.46 -16.93 1.07
C GLN G 379 -25.73 -16.56 0.34
N ASP G 380 -25.86 -17.05 -0.87
CA ASP G 380 -27.09 -16.88 -1.62
C ASP G 380 -28.28 -17.38 -0.80
N ASP G 381 -29.41 -16.71 -0.92
CA ASP G 381 -30.62 -17.15 -0.23
C ASP G 381 -31.09 -18.47 -0.80
N LYS G 382 -30.79 -18.71 -2.07
CA LYS G 382 -31.22 -19.92 -2.78
C LYS G 382 -30.17 -21.03 -2.80
N TYR G 383 -28.99 -20.75 -3.33
CA TYR G 383 -27.94 -21.75 -3.31
C TYR G 383 -26.91 -21.35 -2.26
N LYS G 384 -26.97 -21.98 -1.08
CA LYS G 384 -26.21 -21.52 0.06
C LYS G 384 -24.71 -21.77 -0.10
N PHE G 385 -24.37 -22.52 -1.14
CA PHE G 385 -22.98 -22.84 -1.38
C PHE G 385 -22.34 -21.78 -2.27
N LEU G 386 -23.17 -20.88 -2.78
CA LEU G 386 -22.70 -19.71 -3.52
C LEU G 386 -22.63 -18.45 -2.64
N ILE G 387 -21.42 -17.88 -2.55
CA ILE G 387 -21.14 -16.74 -1.71
C ILE G 387 -21.01 -15.45 -2.48
N HIS G 388 -21.81 -14.46 -2.13
CA HIS G 388 -21.74 -13.15 -2.71
C HIS G 388 -20.55 -12.38 -2.12
N PRO G 389 -19.83 -11.64 -2.96
CA PRO G 389 -18.86 -10.65 -2.45
C PRO G 389 -19.55 -9.32 -2.19
N THR G 390 -19.87 -9.02 -0.94
CA THR G 390 -20.57 -7.76 -0.63
C THR G 390 -19.68 -6.54 -0.73
N PHE G 391 -20.30 -5.39 -1.01
CA PHE G 391 -19.54 -4.16 -1.21
C PHE G 391 -20.19 -3.03 -0.42
N PRO G 392 -19.35 -2.20 0.21
CA PRO G 392 -19.81 -1.12 1.09
C PRO G 392 -20.64 -0.11 0.30
N VAL G 393 -21.89 0.12 0.67
CA VAL G 393 -22.71 1.05 -0.11
C VAL G 393 -22.12 2.46 -0.08
N GLU G 394 -21.47 2.82 1.04
CA GLU G 394 -20.88 4.15 1.17
C GLU G 394 -19.90 4.44 0.08
N GLU G 395 -19.10 3.43 -0.28
CA GLU G 395 -18.03 3.64 -1.26
C GLU G 395 -18.59 3.79 -2.68
N ILE G 396 -19.67 3.06 -2.96
CA ILE G 396 -20.40 3.25 -4.20
C ILE G 396 -20.97 4.67 -4.33
N TYR G 397 -21.58 5.17 -3.26
CA TYR G 397 -22.07 6.56 -3.29
C TYR G 397 -20.94 7.58 -3.47
N GLU G 398 -19.75 7.35 -2.89
CA GLU G 398 -18.64 8.28 -3.07
C GLU G 398 -18.19 8.26 -4.52
N SER G 399 -18.08 7.05 -5.07
CA SER G 399 -17.57 6.81 -6.41
C SER G 399 -18.42 7.46 -7.51
N ILE G 400 -19.73 7.37 -7.37
CA ILE G 400 -20.65 7.86 -8.41
C ILE G 400 -20.69 9.38 -8.51
N ARG G 401 -20.11 10.08 -7.53
CA ARG G 401 -20.21 11.53 -7.46
C ARG G 401 -19.13 12.17 -8.33
N TRP G 402 -18.08 11.40 -8.64
CA TRP G 402 -16.99 11.91 -9.46
C TRP G 402 -16.85 11.17 -10.77
N THR G 403 -16.16 11.78 -11.72
CA THR G 403 -15.92 11.20 -13.03
C THR G 403 -14.60 11.72 -13.60
N LYS G 404 -13.96 10.89 -14.41
CA LYS G 404 -12.74 11.27 -15.12
C LYS G 404 -13.06 11.32 -16.63
N LYS G 405 -14.28 10.94 -16.98
CA LYS G 405 -14.68 10.80 -18.37
C LYS G 405 -16.17 11.02 -18.45
N PRO G 406 -16.61 12.28 -18.25
CA PRO G 406 -18.00 12.72 -18.21
C PRO G 406 -18.88 12.03 -19.26
N SER G 407 -18.37 11.94 -20.48
CA SER G 407 -19.08 11.29 -21.59
C SER G 407 -19.40 9.80 -21.41
N GLN G 408 -18.93 9.16 -20.34
CA GLN G 408 -19.23 7.75 -20.12
C GLN G 408 -19.63 7.46 -18.68
N MET G 409 -20.59 8.21 -18.17
CA MET G 409 -21.14 7.89 -16.86
C MET G 409 -21.96 6.60 -16.93
N GLN G 410 -22.41 6.25 -18.13
CA GLN G 410 -23.17 5.03 -18.30
C GLN G 410 -22.30 3.84 -17.95
N GLU G 411 -21.10 3.78 -18.51
CA GLU G 411 -20.17 2.70 -18.22
C GLU G 411 -19.85 2.69 -16.74
N HIS G 412 -19.63 3.90 -16.21
CA HIS G 412 -19.38 4.11 -14.79
C HIS G 412 -20.51 3.51 -13.92
N VAL G 413 -21.76 3.83 -14.26
CA VAL G 413 -22.92 3.30 -13.53
C VAL G 413 -23.01 1.78 -13.62
N LEU G 414 -22.69 1.23 -14.78
CA LEU G 414 -22.74 -0.23 -14.97
C LEU G 414 -21.74 -0.88 -14.04
N SER G 415 -20.55 -0.30 -14.01
CA SER G 415 -19.50 -0.82 -13.16
C SER G 415 -19.99 -0.87 -11.72
N LEU G 416 -20.69 0.16 -11.27
CA LEU G 416 -21.20 0.15 -9.91
C LEU G 416 -22.33 -0.86 -9.65
N CYS G 417 -23.22 -1.04 -10.63
CA CYS G 417 -24.31 -2.01 -10.51
C CYS G 417 -23.81 -3.44 -10.30
N HIS G 418 -22.75 -3.79 -11.01
CA HIS G 418 -22.16 -5.10 -10.82
C HIS G 418 -21.55 -5.20 -9.41
N LEU G 419 -21.25 -4.07 -8.80
CA LEU G 419 -20.80 -4.09 -7.43
C LEU G 419 -21.99 -4.11 -6.47
N MET G 420 -23.02 -3.35 -6.80
CA MET G 420 -24.11 -3.06 -5.87
C MET G 420 -25.06 -4.24 -5.61
N TRP G 421 -25.40 -4.98 -6.66
CA TRP G 421 -26.48 -5.94 -6.58
C TRP G 421 -26.23 -7.09 -5.63
N HIS G 422 -24.97 -7.42 -5.42
CA HIS G 422 -24.62 -8.46 -4.46
C HIS G 422 -25.08 -8.12 -3.04
N ASN G 423 -25.36 -6.85 -2.79
CA ASN G 423 -25.80 -6.39 -1.48
C ASN G 423 -27.28 -6.70 -1.23
N GLY G 424 -28.00 -7.09 -2.28
CA GLY G 424 -29.41 -7.39 -2.13
C GLY G 424 -30.34 -6.56 -2.99
N PRO G 425 -31.52 -7.13 -3.30
CA PRO G 425 -32.52 -6.55 -4.20
C PRO G 425 -32.97 -5.16 -3.80
N GLU G 426 -33.26 -4.97 -2.51
CA GLU G 426 -33.91 -3.76 -2.07
C GLU G 426 -32.94 -2.59 -2.03
N ILE G 427 -31.66 -2.86 -1.78
CA ILE G 427 -30.71 -1.77 -1.83
C ILE G 427 -30.44 -1.40 -3.27
N TYR G 428 -30.38 -2.43 -4.12
CA TYR G 428 -30.28 -2.24 -5.56
C TYR G 428 -31.45 -1.45 -6.10
N LYS G 429 -32.63 -1.81 -5.61
CA LYS G 429 -33.85 -1.08 -5.92
C LYS G 429 -33.66 0.40 -5.56
N ASP G 430 -33.18 0.67 -4.35
CA ASP G 430 -33.07 2.05 -3.88
C ASP G 430 -32.07 2.80 -4.72
N PHE G 431 -30.97 2.11 -5.08
CA PHE G 431 -29.95 2.67 -5.96
C PHE G 431 -30.52 3.06 -7.33
N GLU G 432 -31.24 2.14 -8.00
CA GLU G 432 -31.87 2.48 -9.30
C GLU G 432 -32.73 3.74 -9.24
N THR G 433 -33.62 3.72 -8.26
CA THR G 433 -34.54 4.82 -8.03
C THR G 433 -33.81 6.14 -7.81
N LYS G 434 -32.79 6.14 -6.97
CA LYS G 434 -32.00 7.36 -6.78
C LYS G 434 -31.39 7.81 -8.08
N ILE G 435 -30.89 6.89 -8.86
CA ILE G 435 -30.29 7.24 -10.13
C ILE G 435 -31.29 7.93 -11.04
N ARG G 436 -32.53 7.42 -11.05
CA ARG G 436 -33.57 7.94 -11.94
C ARG G 436 -34.39 9.11 -11.36
N SER G 437 -33.93 9.65 -10.23
CA SER G 437 -34.50 10.87 -9.65
C SER G 437 -34.03 12.11 -10.40
N VAL G 438 -33.15 11.94 -11.38
CA VAL G 438 -32.71 13.05 -12.22
C VAL G 438 -32.64 12.58 -13.64
N SER G 439 -32.60 13.55 -14.55
CA SER G 439 -32.79 13.27 -15.94
C SER G 439 -31.64 12.44 -16.51
N ALA G 440 -30.42 12.79 -16.10
CA ALA G 440 -29.23 12.11 -16.59
C ALA G 440 -29.27 10.60 -16.33
N GLY G 441 -29.79 10.24 -15.16
CA GLY G 441 -29.99 8.86 -14.75
C GLY G 441 -31.03 8.11 -15.57
N ARG G 442 -32.07 8.80 -16.02
CA ARG G 442 -33.15 8.11 -16.75
C ARG G 442 -32.74 7.84 -18.19
N ALA G 443 -31.77 8.60 -18.68
CA ALA G 443 -31.23 8.36 -20.01
C ALA G 443 -30.46 7.04 -20.07
N LEU G 444 -30.07 6.55 -18.89
CA LEU G 444 -29.18 5.39 -18.73
C LEU G 444 -29.87 4.01 -18.73
N TYR G 445 -29.23 3.06 -19.40
CA TYR G 445 -29.54 1.64 -19.20
C TYR G 445 -29.04 1.14 -17.84
N ILE G 446 -29.92 0.49 -17.10
CA ILE G 446 -29.54 -0.14 -15.84
C ILE G 446 -29.96 -1.59 -15.79
N PRO G 447 -29.00 -2.50 -15.58
CA PRO G 447 -29.34 -3.92 -15.55
C PRO G 447 -30.32 -4.26 -14.43
N PRO G 448 -31.35 -5.05 -14.75
CA PRO G 448 -32.35 -5.51 -13.78
C PRO G 448 -31.73 -6.46 -12.79
N TYR G 449 -32.10 -6.34 -11.51
CA TYR G 449 -31.55 -7.19 -10.45
C TYR G 449 -31.62 -8.68 -10.85
N GLU G 450 -32.73 -9.09 -11.43
CA GLU G 450 -32.85 -10.49 -11.78
C GLU G 450 -31.95 -10.88 -12.94
N LEU G 451 -31.65 -9.95 -13.83
CA LEU G 451 -30.74 -10.26 -14.93
C LEU G 451 -29.35 -10.50 -14.37
N LEU G 452 -28.91 -9.62 -13.48
CA LEU G 452 -27.61 -9.74 -12.85
C LEU G 452 -27.47 -11.06 -12.15
N ARG G 453 -28.51 -11.39 -11.40
CA ARG G 453 -28.56 -12.62 -10.63
C ARG G 453 -28.35 -13.85 -11.49
N HIS G 454 -29.13 -13.99 -12.56
CA HIS G 454 -29.04 -15.23 -13.31
C HIS G 454 -27.69 -15.32 -14.03
N GLU G 455 -27.20 -14.20 -14.54
CA GLU G 455 -25.88 -14.19 -15.18
C GLU G 455 -24.79 -14.69 -14.24
N TRP G 456 -24.95 -14.36 -12.96
CA TRP G 456 -24.03 -14.78 -11.92
C TRP G 456 -24.08 -16.28 -11.79
N TYR G 457 -25.30 -16.80 -11.73
CA TYR G 457 -25.48 -18.22 -11.59
C TYR G 457 -24.82 -18.98 -12.74
N GLU G 458 -24.94 -18.45 -13.95
CA GLU G 458 -24.42 -19.15 -15.12
C GLU G 458 -22.90 -19.30 -15.12
N LYS G 459 -22.22 -18.63 -14.20
CA LYS G 459 -20.75 -18.68 -14.19
C LYS G 459 -20.21 -19.86 -13.34
N PHE G 460 -21.12 -20.65 -12.78
CA PHE G 460 -20.74 -21.72 -11.85
C PHE G 460 -20.94 -23.13 -12.40
N GLY J 1 -52.35 -55.14 -58.86
CA GLY J 1 -52.05 -54.73 -60.21
C GLY J 1 -52.97 -55.31 -61.28
N GLN J 2 -54.17 -54.74 -61.38
CA GLN J 2 -55.10 -55.02 -62.47
C GLN J 2 -55.52 -53.74 -63.19
N ILE J 3 -55.09 -53.59 -64.44
CA ILE J 3 -55.56 -52.44 -65.23
C ILE J 3 -57.03 -52.51 -65.54
N GLN J 4 -57.77 -51.48 -65.16
CA GLN J 4 -59.22 -51.50 -65.32
C GLN J 4 -59.64 -50.82 -66.62
N ILE J 5 -59.18 -49.59 -66.82
CA ILE J 5 -59.56 -48.86 -68.04
C ILE J 5 -58.29 -48.31 -68.69
N SER J 6 -58.34 -48.14 -70.00
CA SER J 6 -57.17 -47.70 -70.74
C SER J 6 -57.62 -46.97 -72.02
N LYS J 7 -57.42 -45.65 -72.04
CA LYS J 7 -57.94 -44.80 -73.11
C LYS J 7 -56.86 -43.88 -73.72
N HIS J 8 -57.16 -43.31 -74.87
CA HIS J 8 -56.34 -42.23 -75.44
C HIS J 8 -56.65 -40.95 -74.68
N VAL J 9 -55.61 -40.19 -74.36
CA VAL J 9 -55.77 -39.01 -73.52
C VAL J 9 -56.79 -38.01 -74.09
N LYS J 10 -56.82 -37.87 -75.42
CA LYS J 10 -57.73 -36.93 -76.10
C LYS J 10 -59.21 -37.29 -75.87
N ASP J 11 -59.50 -38.58 -75.78
CA ASP J 11 -60.86 -39.10 -75.54
C ASP J 11 -61.34 -38.95 -74.07
N VAL J 12 -60.64 -38.13 -73.29
CA VAL J 12 -60.99 -37.84 -71.89
C VAL J 12 -60.65 -36.39 -71.59
N GLY J 13 -60.24 -35.66 -72.60
CA GLY J 13 -59.91 -34.25 -72.46
C GLY J 13 -58.62 -34.03 -71.68
N LEU J 14 -57.71 -34.99 -71.79
CA LEU J 14 -56.42 -34.93 -71.11
C LEU J 14 -55.31 -34.73 -72.12
N PRO J 15 -54.30 -33.96 -71.73
CA PRO J 15 -53.13 -33.71 -72.58
C PRO J 15 -52.20 -34.92 -72.62
N SER J 16 -51.29 -35.01 -73.59
CA SER J 16 -50.21 -36.01 -73.54
C SER J 16 -48.99 -35.41 -72.83
N ILE J 17 -48.11 -36.25 -72.30
CA ILE J 17 -47.00 -35.74 -71.49
C ILE J 17 -45.60 -36.00 -72.04
N HIS J 18 -44.77 -34.96 -72.06
CA HIS J 18 -43.40 -35.18 -72.45
C HIS J 18 -42.72 -36.13 -71.47
N THR J 19 -42.30 -37.28 -71.98
CA THR J 19 -41.58 -38.27 -71.20
C THR J 19 -40.11 -38.27 -71.60
N PRO J 20 -39.21 -38.03 -70.63
CA PRO J 20 -37.76 -38.01 -70.87
C PRO J 20 -37.24 -39.31 -71.50
N THR J 21 -36.06 -39.19 -72.11
CA THR J 21 -35.55 -40.24 -72.95
C THR J 21 -34.04 -40.44 -72.75
N LYS J 22 -33.35 -39.35 -72.40
CA LYS J 22 -31.91 -39.42 -72.24
C LYS J 22 -31.53 -39.69 -70.78
N THR J 23 -30.48 -40.49 -70.59
CA THR J 23 -29.95 -40.77 -69.26
C THR J 23 -29.00 -39.68 -68.80
N LYS J 24 -28.98 -39.43 -67.49
CA LYS J 24 -28.04 -38.47 -66.93
C LYS J 24 -26.73 -39.16 -66.61
N LEU J 25 -26.71 -40.47 -66.78
CA LEU J 25 -25.53 -41.27 -66.45
C LEU J 25 -24.51 -41.33 -67.60
N GLN J 26 -23.22 -41.30 -67.25
CA GLN J 26 -22.15 -41.47 -68.22
C GLN J 26 -20.92 -42.12 -67.55
N PRO J 27 -20.01 -42.75 -68.34
CA PRO J 27 -18.80 -43.35 -67.78
C PRO J 27 -17.93 -42.36 -67.04
N SER J 28 -17.42 -42.78 -65.88
CA SER J 28 -16.54 -41.95 -65.06
C SER J 28 -15.10 -42.24 -65.41
N VAL J 29 -14.16 -41.50 -64.81
CA VAL J 29 -12.74 -41.75 -65.04
C VAL J 29 -12.28 -43.14 -64.56
N PHE J 30 -13.14 -43.90 -63.90
CA PHE J 30 -12.71 -45.21 -63.44
C PHE J 30 -13.37 -46.37 -64.21
N TYR J 31 -14.25 -46.04 -65.14
CA TYR J 31 -14.94 -47.00 -66.01
C TYR J 31 -14.17 -48.26 -66.40
N ASP J 32 -12.88 -48.12 -66.69
CA ASP J 32 -12.14 -49.28 -67.12
C ASP J 32 -11.27 -49.83 -65.99
N ILE J 33 -11.20 -49.11 -64.88
CA ILE J 33 -10.33 -49.48 -63.74
C ILE J 33 -10.95 -50.53 -62.81
N PHE J 34 -12.27 -50.59 -62.82
CA PHE J 34 -13.01 -51.49 -61.97
C PHE J 34 -13.90 -52.36 -62.84
N PRO J 35 -14.22 -53.56 -62.33
CA PRO J 35 -15.01 -54.54 -63.09
C PRO J 35 -16.52 -54.28 -62.97
N GLY J 36 -17.29 -54.54 -64.03
CA GLY J 36 -18.73 -54.35 -63.93
C GLY J 36 -19.52 -54.45 -65.23
N SER J 37 -20.79 -54.87 -65.12
CA SER J 37 -21.57 -55.20 -66.31
C SER J 37 -22.76 -54.26 -66.48
N LYS J 38 -23.09 -53.54 -65.41
CA LYS J 38 -24.28 -52.69 -65.35
C LYS J 38 -24.23 -51.50 -66.32
N GLU J 39 -25.41 -51.09 -66.79
CA GLU J 39 -25.55 -49.93 -67.68
C GLU J 39 -26.94 -49.29 -67.46
N PRO J 40 -27.13 -48.03 -67.93
CA PRO J 40 -28.39 -47.30 -67.79
C PRO J 40 -29.58 -48.09 -68.32
N ALA J 41 -30.74 -47.99 -67.67
CA ALA J 41 -31.92 -48.70 -68.13
C ALA J 41 -32.38 -48.21 -69.49
N VAL J 42 -33.19 -49.03 -70.18
CA VAL J 42 -33.78 -48.62 -71.45
C VAL J 42 -34.85 -47.56 -71.16
N LEU J 43 -34.87 -46.47 -71.94
CA LEU J 43 -35.78 -45.34 -71.66
C LEU J 43 -36.73 -45.07 -72.83
N THR J 44 -36.44 -45.67 -73.98
CA THR J 44 -37.23 -45.48 -75.18
C THR J 44 -37.23 -46.78 -75.96
N GLU J 45 -38.24 -46.99 -76.80
CA GLU J 45 -38.31 -48.19 -77.64
C GLU J 45 -37.25 -48.15 -78.75
N LYS J 46 -36.72 -46.96 -78.99
CA LYS J 46 -35.75 -46.79 -80.04
C LYS J 46 -34.33 -47.11 -79.54
N ASP J 47 -34.24 -47.68 -78.34
CA ASP J 47 -32.95 -48.09 -77.78
C ASP J 47 -32.50 -49.34 -78.51
N PRO J 48 -31.30 -49.27 -79.12
CA PRO J 48 -30.70 -50.35 -79.90
C PRO J 48 -30.50 -51.65 -79.12
N ARG J 49 -30.18 -51.54 -77.84
CA ARG J 49 -29.91 -52.70 -76.99
C ARG J 49 -31.16 -53.49 -76.70
N LEU J 50 -32.30 -52.86 -76.96
CA LEU J 50 -33.62 -53.39 -76.63
C LEU J 50 -34.01 -54.50 -77.60
N LYS J 51 -34.29 -55.69 -77.08
CA LYS J 51 -34.58 -56.83 -77.93
C LYS J 51 -36.00 -57.38 -77.76
N VAL J 52 -36.91 -56.58 -77.19
CA VAL J 52 -38.33 -56.96 -77.09
C VAL J 52 -39.23 -55.70 -77.23
N ASP J 53 -40.56 -55.87 -77.23
CA ASP J 53 -41.44 -54.70 -77.29
C ASP J 53 -41.44 -54.00 -75.94
N PHE J 54 -41.02 -52.74 -75.94
CA PHE J 54 -40.89 -51.97 -74.72
C PHE J 54 -42.19 -51.84 -73.92
N ASP J 55 -43.27 -51.41 -74.58
CA ASP J 55 -44.55 -51.20 -73.89
C ASP J 55 -45.02 -52.51 -73.25
N SER J 56 -44.84 -53.62 -73.97
CA SER J 56 -45.35 -54.91 -73.51
C SER J 56 -44.59 -55.37 -72.30
N ALA J 57 -43.36 -54.90 -72.16
CA ALA J 57 -42.52 -55.25 -71.04
C ALA J 57 -42.82 -54.34 -69.86
N LEU J 58 -43.04 -53.07 -70.16
CA LEU J 58 -43.33 -52.11 -69.12
C LEU J 58 -44.61 -52.52 -68.42
N PHE J 59 -45.66 -52.70 -69.22
CA PHE J 59 -47.00 -52.93 -68.68
C PHE J 59 -47.27 -54.39 -68.37
N SER J 60 -46.28 -55.25 -68.57
CA SER J 60 -46.43 -56.68 -68.33
C SER J 60 -46.61 -57.00 -66.85
N LYS J 61 -46.05 -56.14 -66.00
CA LYS J 61 -46.10 -56.35 -64.57
C LYS J 61 -47.53 -56.24 -64.05
N TYR J 62 -48.43 -55.67 -64.86
CA TYR J 62 -49.84 -55.65 -64.49
C TYR J 62 -50.48 -56.96 -64.96
N LYS J 63 -50.68 -57.88 -64.02
CA LYS J 63 -51.31 -59.17 -64.29
C LYS J 63 -52.81 -59.12 -63.97
N GLY J 64 -53.14 -59.20 -62.69
CA GLY J 64 -54.51 -59.13 -62.25
C GLY J 64 -54.50 -59.13 -60.76
N ASN J 65 -55.56 -59.64 -60.16
CA ASN J 65 -55.66 -59.80 -58.73
C ASN J 65 -56.21 -61.18 -58.45
N THR J 66 -55.50 -61.91 -57.58
CA THR J 66 -55.94 -63.21 -57.10
C THR J 66 -57.29 -63.10 -56.34
N GLU J 67 -58.18 -64.06 -56.54
CA GLU J 67 -59.45 -64.10 -55.78
C GLU J 67 -59.21 -64.41 -54.30
N CYS J 68 -59.14 -63.38 -53.46
CA CYS J 68 -59.13 -63.60 -52.01
C CYS J 68 -60.02 -62.59 -51.30
N SER J 69 -60.46 -62.95 -50.09
CA SER J 69 -61.16 -62.02 -49.22
C SER J 69 -60.38 -61.83 -47.93
N LEU J 70 -60.76 -60.82 -47.16
CA LEU J 70 -60.33 -60.73 -45.77
C LEU J 70 -60.62 -62.04 -45.01
N ASN J 71 -59.96 -62.23 -43.87
CA ASN J 71 -60.21 -63.40 -43.03
C ASN J 71 -59.71 -63.17 -41.61
N GLU J 72 -60.07 -64.08 -40.71
CA GLU J 72 -59.79 -63.89 -39.28
C GLU J 72 -58.29 -63.69 -38.98
N HIS J 73 -57.42 -64.36 -39.72
CA HIS J 73 -56.00 -64.13 -39.52
C HIS J 73 -55.57 -62.71 -39.87
N ILE J 74 -55.92 -62.25 -41.07
CA ILE J 74 -55.66 -60.86 -41.42
C ILE J 74 -56.23 -59.94 -40.34
N GLN J 75 -57.41 -60.28 -39.84
CA GLN J 75 -58.03 -59.44 -38.80
C GLN J 75 -57.23 -59.51 -37.49
N VAL J 76 -56.64 -60.68 -37.20
CA VAL J 76 -55.82 -60.77 -35.98
C VAL J 76 -54.61 -59.89 -36.15
N ALA J 77 -54.04 -59.97 -37.35
CA ALA J 77 -52.86 -59.20 -37.70
C ALA J 77 -53.10 -57.71 -37.52
N VAL J 78 -54.15 -57.22 -38.18
CA VAL J 78 -54.56 -55.84 -38.05
C VAL J 78 -54.74 -55.46 -36.56
N ALA J 79 -55.43 -56.30 -35.80
CA ALA J 79 -55.64 -56.02 -34.37
C ALA J 79 -54.33 -55.84 -33.57
N HIS J 80 -53.39 -56.75 -33.83
CA HIS J 80 -52.11 -56.82 -33.11
C HIS J 80 -51.19 -55.66 -33.49
N TYR J 81 -51.07 -55.44 -34.80
CA TYR J 81 -50.24 -54.34 -35.30
C TYR J 81 -50.85 -52.96 -34.92
N SER J 82 -52.18 -52.83 -34.96
CA SER J 82 -52.85 -51.63 -34.45
C SER J 82 -52.54 -51.35 -32.99
N ALA J 83 -52.49 -52.40 -32.19
CA ALA J 83 -52.29 -52.19 -30.75
C ALA J 83 -50.85 -51.78 -30.48
N GLN J 84 -49.92 -52.35 -31.25
CA GLN J 84 -48.51 -51.99 -31.17
C GLN J 84 -48.30 -50.50 -31.37
N LEU J 85 -48.90 -49.99 -32.44
CA LEU J 85 -48.70 -48.61 -32.84
C LEU J 85 -49.30 -47.67 -31.79
N ALA J 86 -50.40 -48.09 -31.18
CA ALA J 86 -51.08 -47.25 -30.20
C ALA J 86 -50.15 -46.78 -29.06
N THR J 87 -49.13 -47.58 -28.77
CA THR J 87 -48.19 -47.25 -27.70
C THR J 87 -47.36 -46.01 -28.05
N LEU J 88 -47.31 -45.67 -29.34
CA LEU J 88 -46.57 -44.50 -29.79
C LEU J 88 -47.33 -43.20 -29.53
N ASP J 89 -48.64 -43.30 -29.31
CA ASP J 89 -49.47 -42.13 -29.03
C ASP J 89 -49.37 -41.01 -30.07
N ILE J 90 -49.77 -41.35 -31.29
CA ILE J 90 -49.72 -40.42 -32.41
C ILE J 90 -50.97 -39.53 -32.43
N ASP J 91 -50.75 -38.23 -32.54
CA ASP J 91 -51.82 -37.28 -32.72
C ASP J 91 -52.43 -37.43 -34.14
N PRO J 92 -53.68 -37.90 -34.24
CA PRO J 92 -54.37 -38.15 -35.52
C PRO J 92 -54.86 -36.85 -36.17
N GLN J 93 -54.63 -35.71 -35.52
CA GLN J 93 -54.99 -34.40 -36.06
C GLN J 93 -54.19 -34.04 -37.30
N PRO J 94 -54.82 -33.36 -38.25
CA PRO J 94 -54.09 -32.85 -39.41
C PRO J 94 -52.99 -31.87 -39.02
N ILE J 95 -52.10 -31.57 -39.96
CA ILE J 95 -51.06 -30.57 -39.74
C ILE J 95 -51.31 -29.30 -40.58
N ALA J 96 -50.77 -28.18 -40.10
CA ALA J 96 -50.83 -26.91 -40.82
C ALA J 96 -50.15 -26.95 -42.19
N MET J 97 -50.74 -26.21 -43.13
CA MET J 97 -50.20 -26.04 -44.47
C MET J 97 -48.70 -25.75 -44.48
N GLU J 98 -48.28 -24.81 -43.64
CA GLU J 98 -46.86 -24.45 -43.54
C GLU J 98 -45.96 -25.67 -43.33
N ASP J 99 -46.38 -26.55 -42.43
CA ASP J 99 -45.61 -27.76 -42.16
C ASP J 99 -45.70 -28.73 -43.35
N SER J 100 -46.87 -28.80 -44.00
CA SER J 100 -47.04 -29.63 -45.19
C SER J 100 -46.10 -29.24 -46.32
N VAL J 101 -45.75 -27.96 -46.37
CA VAL J 101 -44.92 -27.42 -47.41
C VAL J 101 -43.45 -27.46 -46.98
N PHE J 102 -43.18 -26.95 -45.78
CA PHE J 102 -41.79 -26.73 -45.35
C PHE J 102 -41.30 -27.74 -44.30
N GLY J 103 -42.18 -28.63 -43.87
CA GLY J 103 -41.79 -29.67 -42.95
C GLY J 103 -41.95 -29.24 -41.51
N MET J 104 -41.61 -30.16 -40.60
CA MET J 104 -41.70 -30.01 -39.15
C MET J 104 -40.86 -31.13 -38.57
N ASP J 105 -40.81 -31.20 -37.23
CA ASP J 105 -40.04 -32.23 -36.56
C ASP J 105 -40.49 -33.60 -37.08
N GLY J 106 -39.54 -34.29 -37.73
CA GLY J 106 -39.77 -35.60 -38.30
C GLY J 106 -40.42 -35.62 -39.69
N LEU J 107 -40.54 -34.45 -40.31
CA LEU J 107 -41.03 -34.41 -41.67
C LEU J 107 -40.17 -33.44 -42.49
N GLU J 108 -39.53 -33.92 -43.54
CA GLU J 108 -38.76 -33.04 -44.42
C GLU J 108 -39.67 -32.05 -45.15
N ALA J 109 -39.09 -31.01 -45.75
CA ALA J 109 -39.88 -30.09 -46.58
C ALA J 109 -40.20 -30.76 -47.89
N LEU J 110 -41.19 -30.23 -48.61
CA LEU J 110 -41.41 -30.66 -49.98
C LEU J 110 -40.11 -30.51 -50.78
N ASP J 111 -39.86 -31.41 -51.72
CA ASP J 111 -38.65 -31.38 -52.56
C ASP J 111 -38.83 -30.34 -53.68
N LEU J 112 -38.31 -29.13 -53.47
CA LEU J 112 -38.56 -28.04 -54.42
C LEU J 112 -37.81 -28.24 -55.75
N ASN J 113 -37.01 -29.33 -55.80
CA ASN J 113 -36.19 -29.67 -56.97
C ASN J 113 -36.81 -30.78 -57.85
N THR J 114 -37.83 -31.47 -57.36
CA THR J 114 -38.47 -32.47 -58.21
C THR J 114 -39.76 -31.88 -58.73
N SER J 115 -40.39 -32.59 -59.66
CA SER J 115 -41.59 -32.11 -60.37
C SER J 115 -42.79 -31.74 -59.48
N ALA J 116 -43.67 -30.90 -60.02
CA ALA J 116 -44.93 -30.62 -59.33
C ALA J 116 -45.99 -31.61 -59.86
N GLY J 117 -45.68 -32.30 -60.96
CA GLY J 117 -46.59 -33.29 -61.49
C GLY J 117 -47.74 -32.69 -62.26
N TYR J 118 -48.77 -33.51 -62.51
CA TYR J 118 -49.94 -33.04 -63.26
C TYR J 118 -50.78 -32.08 -62.42
N PRO J 119 -51.25 -30.99 -63.03
CA PRO J 119 -51.10 -30.64 -64.44
C PRO J 119 -49.92 -29.70 -64.75
N TYR J 120 -49.14 -29.34 -63.74
CA TYR J 120 -48.11 -28.30 -63.87
C TYR J 120 -47.00 -28.62 -64.88
N VAL J 121 -46.81 -29.91 -65.16
CA VAL J 121 -45.73 -30.35 -66.04
C VAL J 121 -46.07 -30.02 -67.51
N THR J 122 -47.37 -29.93 -67.82
CA THR J 122 -47.88 -29.54 -69.15
C THR J 122 -48.08 -28.02 -69.33
N LEU J 123 -47.79 -27.27 -68.27
CA LEU J 123 -47.94 -25.83 -68.28
C LEU J 123 -46.62 -25.10 -67.96
N GLY J 124 -45.50 -25.83 -68.07
CA GLY J 124 -44.19 -25.27 -67.79
C GLY J 124 -44.06 -24.70 -66.38
N ILE J 125 -44.89 -25.18 -65.45
CA ILE J 125 -44.81 -24.75 -64.06
C ILE J 125 -44.03 -25.71 -63.13
N LYS J 126 -43.02 -25.16 -62.47
CA LYS J 126 -42.20 -25.89 -61.51
C LYS J 126 -42.70 -25.63 -60.09
N LYS J 127 -42.30 -26.50 -59.16
CA LYS J 127 -42.63 -26.27 -57.75
C LYS J 127 -42.13 -24.88 -57.31
N LYS J 128 -40.90 -24.55 -57.71
CA LYS J 128 -40.28 -23.31 -57.26
C LYS J 128 -41.04 -22.07 -57.77
N ASP J 129 -41.86 -22.26 -58.81
CA ASP J 129 -42.76 -21.21 -59.27
C ASP J 129 -43.99 -21.08 -58.34
N LEU J 130 -44.29 -22.13 -57.55
CA LEU J 130 -45.41 -22.06 -56.63
C LEU J 130 -44.99 -21.71 -55.21
N ILE J 131 -43.79 -22.11 -54.83
CA ILE J 131 -43.31 -21.92 -53.47
C ILE J 131 -42.00 -21.14 -53.46
N ASN J 132 -41.96 -20.05 -52.72
CA ASN J 132 -40.75 -19.26 -52.56
C ASN J 132 -40.01 -19.66 -51.27
N ASN J 133 -39.00 -20.51 -51.42
CA ASN J 133 -38.32 -21.04 -50.25
C ASN J 133 -37.72 -19.99 -49.30
N LYS J 134 -37.22 -18.87 -49.83
CA LYS J 134 -36.52 -17.91 -48.98
C LYS J 134 -37.46 -16.95 -48.29
N THR J 135 -38.66 -16.76 -48.83
CA THR J 135 -39.63 -15.88 -48.19
C THR J 135 -40.82 -16.62 -47.57
N LYS J 136 -40.94 -17.90 -47.88
CA LYS J 136 -42.06 -18.78 -47.46
C LYS J 136 -43.42 -18.35 -48.03
N ASP J 137 -43.36 -17.57 -49.11
CA ASP J 137 -44.53 -17.17 -49.86
C ASP J 137 -45.07 -18.40 -50.62
N ILE J 138 -46.33 -18.76 -50.36
CA ILE J 138 -46.99 -19.89 -51.03
C ILE J 138 -48.36 -19.45 -51.56
N SER J 139 -48.48 -18.15 -51.80
CA SER J 139 -49.71 -17.58 -52.34
C SER J 139 -50.03 -18.16 -53.71
N LYS J 140 -48.99 -18.33 -54.52
CA LYS J 140 -49.17 -18.89 -55.86
C LYS J 140 -49.53 -20.39 -55.73
N LEU J 141 -48.90 -21.07 -54.78
CA LEU J 141 -49.25 -22.46 -54.47
C LEU J 141 -50.67 -22.59 -54.00
N LYS J 142 -51.07 -21.74 -53.05
CA LYS J 142 -52.45 -21.74 -52.55
C LYS J 142 -53.50 -21.60 -53.68
N LEU J 143 -53.28 -20.70 -54.63
CA LEU J 143 -54.19 -20.52 -55.79
C LEU J 143 -54.32 -21.77 -56.65
N ALA J 144 -53.18 -22.39 -56.91
CA ALA J 144 -53.15 -23.57 -57.75
C ALA J 144 -53.93 -24.69 -57.08
N LEU J 145 -53.80 -24.78 -55.76
CA LEU J 145 -54.48 -25.81 -55.00
C LEU J 145 -55.98 -25.66 -55.21
N ASP J 146 -56.47 -24.42 -55.08
CA ASP J 146 -57.88 -24.12 -55.35
C ASP J 146 -58.23 -24.43 -56.77
N LYS J 147 -57.38 -23.94 -57.67
CA LYS J 147 -57.64 -24.04 -59.09
C LYS J 147 -57.86 -25.48 -59.52
N TYR J 148 -56.99 -26.38 -59.09
CA TYR J 148 -57.04 -27.74 -59.61
C TYR J 148 -57.55 -28.83 -58.67
N ASP J 149 -57.88 -28.47 -57.43
CA ASP J 149 -58.38 -29.42 -56.44
C ASP J 149 -57.42 -30.63 -56.24
N VAL J 150 -57.97 -31.81 -55.98
CA VAL J 150 -57.13 -32.97 -55.64
C VAL J 150 -57.47 -34.22 -56.46
N ASP J 151 -56.96 -35.37 -56.03
CA ASP J 151 -57.14 -36.64 -56.73
C ASP J 151 -56.90 -36.53 -58.26
N LEU J 152 -55.83 -35.82 -58.62
CA LEU J 152 -55.32 -35.72 -59.99
C LEU J 152 -54.56 -37.00 -60.37
N PRO J 153 -54.34 -37.26 -61.68
CA PRO J 153 -53.64 -38.47 -62.16
C PRO J 153 -52.14 -38.47 -61.88
N MET J 154 -51.60 -39.60 -61.42
CA MET J 154 -50.14 -39.71 -61.27
C MET J 154 -49.52 -39.89 -62.64
N ILE J 155 -48.31 -39.37 -62.85
CA ILE J 155 -47.69 -39.51 -64.15
C ILE J 155 -46.58 -40.56 -64.11
N THR J 156 -46.69 -41.53 -65.02
CA THR J 156 -45.74 -42.63 -65.15
C THR J 156 -44.46 -42.15 -65.83
N PHE J 157 -43.32 -42.29 -65.16
CA PHE J 157 -41.98 -42.04 -65.75
C PHE J 157 -41.08 -43.26 -65.64
N LEU J 158 -40.07 -43.33 -66.51
CA LEU J 158 -39.11 -44.42 -66.41
C LEU J 158 -37.97 -43.99 -65.48
N LYS J 159 -37.55 -44.89 -64.61
CA LYS J 159 -36.51 -44.57 -63.64
C LYS J 159 -35.12 -44.63 -64.27
N ASP J 160 -34.44 -43.51 -64.23
CA ASP J 160 -33.14 -43.41 -64.85
C ASP J 160 -32.06 -43.91 -63.91
N GLU J 161 -31.71 -45.19 -64.00
CA GLU J 161 -30.71 -45.76 -63.09
C GLU J 161 -29.88 -46.81 -63.79
N LEU J 162 -28.80 -47.21 -63.14
CA LEU J 162 -28.06 -48.35 -63.62
C LEU J 162 -28.87 -49.60 -63.26
N ARG J 163 -28.94 -50.55 -64.19
CA ARG J 163 -29.49 -51.89 -63.92
C ARG J 163 -28.48 -52.96 -64.35
N LYS J 164 -28.72 -54.21 -63.95
CA LYS J 164 -27.91 -55.36 -64.38
C LYS J 164 -28.13 -55.68 -65.87
N LYS J 165 -27.12 -56.26 -66.52
CA LYS J 165 -27.14 -56.43 -67.98
C LYS J 165 -28.38 -57.17 -68.53
N ASP J 166 -28.90 -58.13 -67.77
CA ASP J 166 -30.04 -58.95 -68.23
C ASP J 166 -31.37 -58.19 -68.19
N LYS J 167 -31.34 -56.95 -67.70
CA LYS J 167 -32.55 -56.14 -67.62
C LYS J 167 -32.60 -55.19 -68.80
N ILE J 168 -31.50 -55.12 -69.53
CA ILE J 168 -31.40 -54.19 -70.64
C ILE J 168 -32.15 -54.71 -71.86
N ALA J 169 -31.66 -55.81 -72.42
CA ALA J 169 -32.27 -56.44 -73.59
C ALA J 169 -33.74 -56.76 -73.32
N ALA J 170 -33.97 -57.28 -72.11
CA ALA J 170 -35.31 -57.59 -71.61
C ALA J 170 -36.24 -56.37 -71.44
N GLY J 171 -35.65 -55.19 -71.49
CA GLY J 171 -36.37 -53.94 -71.34
C GLY J 171 -37.00 -53.80 -69.97
N LYS J 172 -36.46 -54.50 -68.98
CA LYS J 172 -36.97 -54.46 -67.60
C LYS J 172 -36.57 -53.18 -66.86
N THR J 173 -37.09 -52.04 -67.33
CA THR J 173 -36.85 -50.76 -66.70
C THR J 173 -37.90 -50.53 -65.62
N ARG J 174 -37.52 -49.92 -64.49
CA ARG J 174 -38.49 -49.67 -63.42
C ARG J 174 -39.27 -48.35 -63.68
N VAL J 175 -40.59 -48.38 -63.46
CA VAL J 175 -41.40 -47.20 -63.70
C VAL J 175 -41.72 -46.50 -62.39
N ILE J 176 -41.88 -45.20 -62.48
CA ILE J 176 -42.14 -44.36 -61.34
C ILE J 176 -43.49 -43.68 -61.56
N GLU J 177 -44.17 -43.39 -60.47
CA GLU J 177 -45.46 -42.72 -60.49
C GLU J 177 -45.30 -41.33 -59.82
N ALA J 178 -45.39 -40.29 -60.62
CA ALA J 178 -45.18 -38.91 -60.12
C ALA J 178 -46.46 -38.34 -59.50
N SER J 179 -46.39 -38.02 -58.20
CA SER J 179 -47.53 -37.45 -57.47
C SER J 179 -47.75 -35.96 -57.71
N SER J 180 -48.99 -35.55 -57.94
CA SER J 180 -49.24 -34.12 -58.01
C SER J 180 -48.94 -33.49 -56.66
N ILE J 181 -48.29 -32.34 -56.72
CA ILE J 181 -47.97 -31.60 -55.51
C ILE J 181 -49.25 -31.30 -54.71
N ASN J 182 -50.34 -31.09 -55.43
CA ASN J 182 -51.64 -30.97 -54.79
C ASN J 182 -51.90 -32.13 -53.84
N ASP J 183 -51.72 -33.34 -54.40
CA ASP J 183 -52.01 -34.59 -53.71
C ASP J 183 -50.96 -34.93 -52.64
N THR J 184 -49.69 -34.63 -52.94
CA THR J 184 -48.62 -34.86 -51.96
C THR J 184 -48.89 -34.08 -50.70
N ILE J 185 -49.22 -32.81 -50.89
CA ILE J 185 -49.55 -31.92 -49.80
C ILE J 185 -50.77 -32.40 -48.99
N LEU J 186 -51.86 -32.73 -49.69
CA LEU J 186 -53.04 -33.27 -49.04
C LEU J 186 -52.74 -34.46 -48.09
N PHE J 187 -52.05 -35.48 -48.63
CA PHE J 187 -51.65 -36.64 -47.84
C PHE J 187 -50.78 -36.26 -46.65
N ARG J 188 -49.82 -35.38 -46.88
CA ARG J 188 -49.08 -34.82 -45.78
C ARG J 188 -50.01 -34.18 -44.73
N THR J 189 -50.88 -33.25 -45.13
CA THR J 189 -51.79 -32.56 -44.20
C THR J 189 -52.59 -33.51 -43.33
N VAL J 190 -52.99 -34.64 -43.90
CA VAL J 190 -53.78 -35.62 -43.15
C VAL J 190 -52.92 -36.59 -42.31
N TYR J 191 -51.90 -37.13 -42.96
CA TYR J 191 -51.14 -38.21 -42.37
C TYR J 191 -49.80 -37.76 -41.82
N GLY J 192 -49.52 -36.45 -41.88
CA GLY J 192 -48.21 -35.91 -41.52
C GLY J 192 -47.65 -36.38 -40.21
N ASN J 193 -48.50 -36.32 -39.18
CA ASN J 193 -48.13 -36.75 -37.85
C ASN J 193 -47.71 -38.24 -37.78
N LEU J 194 -48.38 -39.07 -38.57
CA LEU J 194 -48.05 -40.48 -38.69
C LEU J 194 -46.64 -40.67 -39.27
N PHE J 195 -46.45 -40.11 -40.45
CA PHE J 195 -45.16 -40.12 -41.12
C PHE J 195 -44.04 -39.70 -40.18
N SER J 196 -44.26 -38.61 -39.43
CA SER J 196 -43.23 -38.11 -38.52
C SER J 196 -42.83 -39.12 -37.44
N LYS J 197 -43.83 -39.54 -36.64
CA LYS J 197 -43.60 -40.55 -35.60
C LYS J 197 -42.81 -41.75 -36.11
N PHE J 198 -43.22 -42.27 -37.28
CA PHE J 198 -42.49 -43.36 -37.89
C PHE J 198 -41.05 -43.00 -38.17
N HIS J 199 -40.83 -41.88 -38.86
CA HIS J 199 -39.47 -41.36 -39.10
C HIS J 199 -38.63 -41.22 -37.82
N LEU J 200 -39.24 -40.70 -36.75
CA LEU J 200 -38.47 -40.44 -35.54
C LEU J 200 -38.31 -41.68 -34.67
N ASN J 201 -38.90 -42.80 -35.09
CA ASN J 201 -38.86 -44.02 -34.29
C ASN J 201 -38.66 -45.31 -35.11
N PRO J 202 -37.50 -45.44 -35.77
CA PRO J 202 -37.22 -46.75 -36.37
C PRO J 202 -37.06 -47.81 -35.29
N GLY J 203 -37.59 -49.00 -35.52
CA GLY J 203 -37.44 -50.09 -34.58
C GLY J 203 -38.61 -51.05 -34.64
N VAL J 204 -38.73 -51.87 -33.61
CA VAL J 204 -39.71 -52.96 -33.58
C VAL J 204 -41.08 -52.55 -33.06
N VAL J 205 -41.27 -51.26 -32.71
CA VAL J 205 -42.59 -50.74 -32.35
C VAL J 205 -43.30 -50.25 -33.60
N THR J 206 -42.62 -49.44 -34.41
CA THR J 206 -43.22 -49.07 -35.71
C THR J 206 -43.21 -50.27 -36.67
N GLY J 207 -42.26 -51.18 -36.48
CA GLY J 207 -42.08 -52.29 -37.40
C GLY J 207 -41.43 -51.78 -38.67
N CYS J 208 -40.68 -50.69 -38.53
CA CYS J 208 -40.19 -49.94 -39.67
C CYS J 208 -38.78 -49.41 -39.48
N ALA J 209 -37.93 -49.60 -40.49
CA ALA J 209 -36.56 -49.11 -40.45
C ALA J 209 -36.41 -47.67 -40.98
N VAL J 210 -37.43 -47.14 -41.66
CA VAL J 210 -37.31 -45.82 -42.27
C VAL J 210 -36.89 -44.74 -41.29
N GLY J 211 -35.73 -44.13 -41.54
CA GLY J 211 -35.22 -43.14 -40.64
C GLY J 211 -34.05 -43.62 -39.80
N CYS J 212 -33.57 -44.83 -40.06
CA CYS J 212 -32.38 -45.34 -39.35
C CYS J 212 -31.04 -44.97 -40.00
N ASP J 213 -30.01 -44.87 -39.17
CA ASP J 213 -28.61 -44.81 -39.61
C ASP J 213 -28.00 -46.21 -39.42
N PRO J 214 -27.89 -46.98 -40.52
CA PRO J 214 -27.32 -48.33 -40.44
C PRO J 214 -26.03 -48.42 -39.60
N GLU J 215 -25.19 -47.40 -39.68
CA GLU J 215 -23.93 -47.36 -38.93
C GLU J 215 -24.16 -47.40 -37.42
N THR J 216 -25.28 -46.88 -36.94
CA THR J 216 -25.60 -46.95 -35.50
C THR J 216 -26.72 -47.97 -35.21
N PHE J 217 -27.63 -48.14 -36.17
CA PHE J 217 -28.79 -48.99 -35.98
C PHE J 217 -28.38 -50.47 -35.97
N TRP J 218 -27.45 -50.83 -36.85
CA TRP J 218 -26.97 -52.23 -36.95
C TRP J 218 -26.55 -52.84 -35.64
N SER J 219 -26.12 -52.01 -34.69
CA SER J 219 -25.78 -52.57 -33.40
C SER J 219 -27.05 -52.77 -32.56
N LYS J 220 -28.10 -51.99 -32.83
CA LYS J 220 -29.32 -52.17 -32.04
C LYS J 220 -30.15 -53.39 -32.48
N ILE J 221 -30.10 -53.73 -33.78
CA ILE J 221 -30.98 -54.75 -34.35
C ILE J 221 -30.99 -56.10 -33.59
N PRO J 222 -29.82 -56.65 -33.23
CA PRO J 222 -29.88 -57.95 -32.54
C PRO J 222 -30.45 -57.87 -31.11
N LEU J 223 -30.43 -56.68 -30.50
CA LEU J 223 -31.11 -56.52 -29.24
C LEU J 223 -32.63 -56.49 -29.45
N MET J 224 -33.07 -55.89 -30.56
CA MET J 224 -34.51 -55.77 -30.86
C MET J 224 -35.14 -57.06 -31.39
N LEU J 225 -34.46 -57.73 -32.31
CA LEU J 225 -34.87 -59.09 -32.67
C LEU J 225 -34.12 -60.03 -31.74
N ASP J 226 -34.59 -60.14 -30.50
CA ASP J 226 -33.89 -60.89 -29.47
C ASP J 226 -33.98 -62.39 -29.73
N GLY J 227 -34.78 -62.73 -30.75
CA GLY J 227 -35.18 -64.10 -31.01
C GLY J 227 -34.06 -65.04 -31.39
N ASP J 228 -34.48 -66.25 -31.75
CA ASP J 228 -33.63 -67.42 -31.87
C ASP J 228 -33.47 -67.75 -33.35
N CYS J 229 -34.62 -67.88 -33.99
CA CYS J 229 -34.73 -67.94 -35.43
C CYS J 229 -34.78 -66.51 -35.94
N ILE J 230 -33.77 -66.11 -36.68
CA ILE J 230 -33.85 -64.82 -37.36
C ILE J 230 -34.02 -65.09 -38.86
N MET J 231 -34.95 -64.36 -39.48
CA MET J 231 -35.41 -64.68 -40.84
C MET J 231 -35.61 -63.42 -41.70
N ALA J 232 -35.71 -63.63 -43.01
CA ALA J 232 -35.89 -62.56 -43.99
C ALA J 232 -36.15 -63.17 -45.37
N PHE J 233 -36.90 -62.47 -46.22
CA PHE J 233 -36.97 -62.91 -47.61
C PHE J 233 -37.33 -61.84 -48.63
N ASP J 234 -37.60 -62.31 -49.84
CA ASP J 234 -37.70 -61.48 -51.05
C ASP J 234 -39.06 -61.52 -51.74
N TYR J 235 -39.56 -60.33 -52.12
CA TYR J 235 -40.78 -60.19 -52.90
C TYR J 235 -40.49 -59.95 -54.39
N THR J 236 -41.13 -60.72 -55.26
CA THR J 236 -41.13 -60.46 -56.70
C THR J 236 -42.25 -59.46 -56.99
N ASN J 237 -41.86 -58.26 -57.45
CA ASN J 237 -42.80 -57.17 -57.72
C ASN J 237 -43.75 -56.89 -56.54
N TYR J 238 -43.16 -56.66 -55.37
CA TYR J 238 -43.94 -56.35 -54.17
C TYR J 238 -45.04 -55.34 -54.42
N ASP J 239 -44.70 -54.23 -55.06
CA ASP J 239 -45.59 -53.08 -55.08
C ASP J 239 -46.78 -53.28 -56.00
N GLY J 240 -46.58 -54.03 -57.09
CA GLY J 240 -47.67 -54.29 -57.99
C GLY J 240 -48.49 -55.51 -57.61
N SER J 241 -48.05 -56.25 -56.59
CA SER J 241 -48.77 -57.47 -56.22
C SER J 241 -49.61 -57.27 -54.97
N ILE J 242 -49.74 -56.03 -54.50
CA ILE J 242 -50.58 -55.86 -53.33
C ILE J 242 -52.06 -55.91 -53.69
N HIS J 243 -52.74 -56.92 -53.16
CA HIS J 243 -54.16 -57.07 -53.39
C HIS J 243 -54.97 -55.99 -52.66
N PRO J 244 -56.14 -55.62 -53.21
CA PRO J 244 -56.96 -54.61 -52.52
C PRO J 244 -57.32 -54.91 -51.06
N ILE J 245 -57.24 -56.16 -50.62
CA ILE J 245 -57.63 -56.45 -49.24
C ILE J 245 -56.61 -55.92 -48.22
N TRP J 246 -55.33 -55.99 -48.58
CA TRP J 246 -54.31 -55.37 -47.73
C TRP J 246 -54.61 -53.88 -47.51
N PHE J 247 -55.15 -53.23 -48.53
CA PHE J 247 -55.53 -51.83 -48.42
C PHE J 247 -56.69 -51.67 -47.44
N LYS J 248 -57.63 -52.62 -47.44
CA LYS J 248 -58.71 -52.57 -46.46
C LYS J 248 -58.11 -52.73 -45.07
N ALA J 249 -57.20 -53.70 -44.95
CA ALA J 249 -56.47 -53.93 -43.72
C ALA J 249 -55.77 -52.64 -43.24
N LEU J 250 -54.97 -52.05 -44.11
CA LEU J 250 -54.28 -50.80 -43.80
C LEU J 250 -55.25 -49.73 -43.26
N GLY J 251 -56.40 -49.60 -43.92
CA GLY J 251 -57.42 -48.67 -43.49
C GLY J 251 -57.86 -48.97 -42.07
N MET J 252 -58.04 -50.26 -41.78
CA MET J 252 -58.48 -50.68 -40.45
C MET J 252 -57.44 -50.29 -39.40
N VAL J 253 -56.16 -50.44 -39.76
CA VAL J 253 -55.09 -49.99 -38.88
C VAL J 253 -55.18 -48.48 -38.64
N LEU J 254 -55.12 -47.72 -39.73
CA LEU J 254 -55.31 -46.27 -39.68
C LEU J 254 -56.51 -45.87 -38.82
N ASP J 255 -57.67 -46.46 -39.14
CA ASP J 255 -58.89 -46.17 -38.40
C ASP J 255 -58.74 -46.39 -36.90
N ASN J 256 -58.15 -47.51 -36.50
CA ASN J 256 -57.88 -47.76 -35.09
C ASN J 256 -57.00 -46.67 -34.47
N LEU J 257 -56.23 -45.98 -35.30
CA LEU J 257 -55.38 -44.90 -34.81
C LEU J 257 -56.09 -43.55 -34.89
N SER J 258 -57.37 -43.62 -35.28
CA SER J 258 -58.26 -42.47 -35.40
C SER J 258 -57.86 -41.58 -36.60
N PHE J 259 -57.17 -42.19 -37.57
CA PHE J 259 -56.86 -41.50 -38.83
C PHE J 259 -57.88 -41.75 -39.91
N ASN J 260 -57.79 -40.98 -40.99
CA ASN J 260 -58.72 -41.23 -42.08
C ASN J 260 -58.33 -42.48 -42.83
N PRO J 261 -59.26 -43.44 -42.93
CA PRO J 261 -58.99 -44.73 -43.58
C PRO J 261 -59.45 -44.80 -45.03
N THR J 262 -59.92 -43.69 -45.61
CA THR J 262 -60.54 -43.76 -46.93
C THR J 262 -59.64 -43.19 -48.01
N LEU J 263 -58.81 -42.22 -47.64
CA LEU J 263 -57.93 -41.58 -48.63
C LEU J 263 -57.05 -42.58 -49.37
N ILE J 264 -56.71 -43.65 -48.67
CA ILE J 264 -55.80 -44.62 -49.21
C ILE J 264 -56.43 -45.43 -50.32
N ASN J 265 -57.75 -45.32 -50.48
CA ASN J 265 -58.39 -45.94 -51.63
C ASN J 265 -57.95 -45.29 -52.91
N ARG J 266 -57.45 -44.06 -52.80
CA ARG J 266 -56.92 -43.37 -53.97
C ARG J 266 -55.58 -43.96 -54.38
N LEU J 267 -55.05 -44.82 -53.52
CA LEU J 267 -53.83 -45.56 -53.84
C LEU J 267 -54.20 -46.91 -54.46
N CYS J 268 -55.09 -47.65 -53.81
CA CYS J 268 -55.55 -48.93 -54.34
C CYS J 268 -56.10 -48.73 -55.75
N ASN J 269 -57.00 -47.78 -55.88
CA ASN J 269 -57.55 -47.43 -57.18
C ASN J 269 -56.97 -46.10 -57.63
N SER J 270 -55.96 -46.20 -58.48
CA SER J 270 -55.13 -45.07 -58.85
C SER J 270 -55.27 -44.71 -60.32
N LYS J 271 -55.12 -43.43 -60.60
CA LYS J 271 -55.23 -42.89 -61.95
C LYS J 271 -53.86 -42.58 -62.51
N HIS J 272 -53.62 -42.90 -63.78
CA HIS J 272 -52.33 -42.60 -64.42
C HIS J 272 -52.38 -42.13 -65.87
N ILE J 273 -51.40 -41.30 -66.22
CA ILE J 273 -51.07 -40.93 -67.60
C ILE J 273 -49.66 -41.38 -67.87
N PHE J 274 -49.45 -42.18 -68.91
CA PHE J 274 -48.09 -42.55 -69.26
C PHE J 274 -47.52 -41.61 -70.33
N LYS J 275 -48.04 -41.67 -71.54
CA LYS J 275 -47.56 -40.73 -72.55
C LYS J 275 -48.74 -40.08 -73.22
N SER J 276 -49.42 -40.88 -74.01
CA SER J 276 -50.64 -40.48 -74.68
C SER J 276 -51.75 -41.44 -74.23
N THR J 277 -51.48 -42.15 -73.15
CA THR J 277 -52.44 -43.13 -72.67
C THR J 277 -52.88 -42.80 -71.23
N TYR J 278 -54.19 -42.68 -71.01
CA TYR J 278 -54.73 -42.55 -69.65
C TYR J 278 -55.16 -43.95 -69.19
N TYR J 279 -54.81 -44.33 -67.96
CA TYR J 279 -55.30 -45.61 -67.40
C TYR J 279 -55.56 -45.57 -65.90
N GLU J 280 -56.34 -46.54 -65.44
CA GLU J 280 -56.71 -46.66 -64.03
C GLU J 280 -56.40 -48.05 -63.54
N VAL J 281 -55.82 -48.17 -62.33
CA VAL J 281 -55.32 -49.47 -61.84
C VAL J 281 -55.86 -49.80 -60.46
N GLU J 282 -56.40 -51.02 -60.35
CA GLU J 282 -56.96 -51.50 -59.10
C GLU J 282 -56.02 -52.52 -58.50
N GLY J 283 -55.52 -52.20 -57.31
CA GLY J 283 -54.51 -53.01 -56.67
C GLY J 283 -53.17 -52.38 -56.93
N GLY J 284 -52.18 -52.82 -56.16
CA GLY J 284 -50.85 -52.28 -56.22
C GLY J 284 -50.72 -50.98 -55.46
N VAL J 285 -49.62 -50.84 -54.73
CA VAL J 285 -49.21 -49.55 -54.19
C VAL J 285 -48.42 -48.81 -55.26
N PRO J 286 -48.95 -47.64 -55.67
CA PRO J 286 -48.31 -46.84 -56.73
C PRO J 286 -47.03 -46.21 -56.18
N SER J 287 -45.90 -46.90 -56.31
CA SER J 287 -44.65 -46.35 -55.79
C SER J 287 -44.38 -44.96 -56.39
N GLY J 288 -44.38 -43.95 -55.52
CA GLY J 288 -44.26 -42.57 -55.94
C GLY J 288 -45.32 -41.72 -55.28
N CYS J 289 -46.31 -42.38 -54.69
CA CYS J 289 -47.38 -41.68 -53.99
C CYS J 289 -46.85 -41.07 -52.70
N SER J 290 -47.64 -40.22 -52.04
CA SER J 290 -47.15 -39.78 -50.74
C SER J 290 -47.22 -40.95 -49.75
N GLY J 291 -46.13 -41.17 -49.03
CA GLY J 291 -46.12 -42.19 -48.01
C GLY J 291 -45.81 -43.60 -48.52
N THR J 292 -45.33 -43.73 -49.76
CA THR J 292 -44.98 -45.06 -50.28
C THR J 292 -44.15 -45.84 -49.25
N SER J 293 -43.07 -45.24 -48.76
CA SER J 293 -42.25 -45.96 -47.80
C SER J 293 -43.03 -46.41 -46.52
N ILE J 294 -43.82 -45.52 -45.93
CA ILE J 294 -44.54 -45.85 -44.71
C ILE J 294 -45.63 -46.88 -44.95
N PHE J 295 -46.52 -46.58 -45.89
CA PHE J 295 -47.63 -47.46 -46.20
C PHE J 295 -47.17 -48.86 -46.61
N ASN J 296 -46.13 -48.93 -47.45
CA ASN J 296 -45.57 -50.23 -47.84
C ASN J 296 -45.11 -50.98 -46.60
N SER J 297 -44.35 -50.28 -45.75
CA SER J 297 -43.83 -50.88 -44.52
C SER J 297 -44.94 -51.36 -43.61
N MET J 298 -45.94 -50.51 -43.39
CA MET J 298 -47.07 -50.91 -42.56
C MET J 298 -47.72 -52.14 -43.15
N ILE J 299 -47.90 -52.15 -44.46
CA ILE J 299 -48.58 -53.29 -45.07
C ILE J 299 -47.77 -54.57 -44.85
N ASN J 300 -46.48 -54.51 -45.16
CA ASN J 300 -45.56 -55.62 -44.88
C ASN J 300 -45.70 -56.19 -43.45
N ASN J 301 -45.82 -55.31 -42.45
CA ASN J 301 -46.12 -55.76 -41.08
C ASN J 301 -47.39 -56.63 -40.95
N ILE J 302 -48.42 -56.34 -41.76
CA ILE J 302 -49.66 -57.10 -41.70
C ILE J 302 -49.54 -58.46 -42.38
N ILE J 303 -49.10 -58.43 -43.64
CA ILE J 303 -48.73 -59.62 -44.38
C ILE J 303 -47.92 -60.67 -43.57
N ILE J 304 -46.74 -60.28 -43.07
CA ILE J 304 -45.92 -61.20 -42.30
C ILE J 304 -46.69 -61.82 -41.12
N ARG J 305 -47.35 -60.98 -40.32
CA ARG J 305 -48.22 -61.50 -39.26
C ARG J 305 -49.22 -62.47 -39.86
N THR J 306 -49.86 -62.04 -40.94
CA THR J 306 -50.83 -62.89 -41.62
C THR J 306 -50.19 -64.22 -42.07
N LEU J 307 -49.13 -64.17 -42.86
CA LEU J 307 -48.54 -65.40 -43.41
C LEU J 307 -48.10 -66.41 -42.36
N VAL J 308 -47.48 -65.92 -41.29
CA VAL J 308 -47.11 -66.77 -40.17
C VAL J 308 -48.34 -67.47 -39.53
N LEU J 309 -49.37 -66.70 -39.22
CA LEU J 309 -50.64 -67.27 -38.74
C LEU J 309 -51.17 -68.37 -39.65
N ASP J 310 -50.98 -68.20 -40.95
CA ASP J 310 -51.46 -69.20 -41.89
C ASP J 310 -50.64 -70.48 -41.76
N ALA J 311 -49.34 -70.30 -41.55
CA ALA J 311 -48.38 -71.41 -41.58
C ALA J 311 -48.26 -72.14 -40.24
N TYR J 312 -48.65 -71.46 -39.17
CA TYR J 312 -48.52 -72.00 -37.82
C TYR J 312 -49.75 -71.61 -37.02
N LYS J 313 -50.34 -72.56 -36.32
CA LYS J 313 -51.67 -72.37 -35.76
C LYS J 313 -51.68 -71.60 -34.44
N HIS J 314 -50.62 -71.81 -33.64
CA HIS J 314 -50.63 -71.36 -32.24
C HIS J 314 -49.47 -70.43 -31.94
N ILE J 315 -49.42 -69.32 -32.66
CA ILE J 315 -48.28 -68.41 -32.63
C ILE J 315 -48.40 -67.31 -31.58
N ASP J 316 -47.28 -66.95 -30.95
CA ASP J 316 -47.25 -65.83 -30.02
C ASP J 316 -46.77 -64.60 -30.77
N LEU J 317 -47.70 -63.80 -31.26
CA LEU J 317 -47.34 -62.65 -32.09
C LEU J 317 -46.44 -61.66 -31.37
N ASP J 318 -46.62 -61.48 -30.05
CA ASP J 318 -45.76 -60.58 -29.28
C ASP J 318 -44.29 -60.98 -29.42
N LYS J 319 -44.05 -62.21 -29.83
CA LYS J 319 -42.69 -62.72 -29.99
C LYS J 319 -42.27 -62.77 -31.46
N LEU J 320 -43.17 -62.35 -32.34
CA LEU J 320 -42.84 -62.22 -33.77
C LEU J 320 -42.40 -60.79 -34.02
N LYS J 321 -41.10 -60.55 -34.02
CA LYS J 321 -40.57 -59.19 -34.12
C LYS J 321 -40.26 -58.85 -35.58
N ILE J 322 -40.72 -57.68 -36.02
CA ILE J 322 -40.58 -57.26 -37.41
C ILE J 322 -39.93 -55.87 -37.59
N ILE J 323 -39.08 -55.74 -38.61
CA ILE J 323 -38.59 -54.45 -39.11
C ILE J 323 -38.72 -54.49 -40.63
N ALA J 324 -39.44 -53.54 -41.19
CA ALA J 324 -39.58 -53.50 -42.65
C ALA J 324 -39.19 -52.15 -43.16
N TYR J 325 -38.62 -52.13 -44.35
CA TYR J 325 -38.46 -50.90 -45.10
C TYR J 325 -39.09 -51.19 -46.47
N GLY J 326 -40.38 -50.90 -46.58
CA GLY J 326 -41.15 -51.27 -47.75
C GLY J 326 -41.13 -52.78 -47.93
N ASP J 327 -40.70 -53.24 -49.09
CA ASP J 327 -40.71 -54.69 -49.36
C ASP J 327 -39.62 -55.42 -48.59
N ASP J 328 -38.53 -54.72 -48.31
CA ASP J 328 -37.43 -55.35 -47.60
C ASP J 328 -37.86 -55.61 -46.14
N VAL J 329 -37.62 -56.81 -45.65
CA VAL J 329 -38.02 -57.16 -44.30
C VAL J 329 -37.04 -58.16 -43.67
N ILE J 330 -36.75 -57.93 -42.40
CA ILE J 330 -36.02 -58.87 -41.58
C ILE J 330 -36.83 -59.05 -40.27
N PHE J 331 -36.94 -60.30 -39.81
CA PHE J 331 -37.78 -60.57 -38.64
C PHE J 331 -37.33 -61.82 -37.86
N SER J 332 -37.92 -62.02 -36.67
CA SER J 332 -37.53 -63.15 -35.84
C SER J 332 -38.69 -63.70 -35.03
N TYR J 333 -38.57 -64.98 -34.65
CA TYR J 333 -39.46 -65.61 -33.67
C TYR J 333 -38.62 -66.30 -32.59
N LYS J 334 -39.24 -66.60 -31.45
CA LYS J 334 -38.52 -67.24 -30.34
C LYS J 334 -38.19 -68.71 -30.66
N TYR J 335 -39.04 -69.37 -31.44
CA TYR J 335 -38.69 -70.71 -31.93
C TYR J 335 -38.42 -70.66 -33.43
N LYS J 336 -37.92 -71.77 -33.96
CA LYS J 336 -37.54 -71.87 -35.36
C LYS J 336 -38.71 -72.12 -36.25
N LEU J 337 -38.90 -71.25 -37.25
CA LEU J 337 -39.93 -71.39 -38.26
C LEU J 337 -39.39 -71.69 -39.65
N ASP J 338 -40.25 -72.23 -40.51
CA ASP J 338 -39.82 -72.58 -41.86
C ASP J 338 -40.13 -71.44 -42.82
N MET J 339 -39.07 -70.77 -43.25
CA MET J 339 -39.22 -69.67 -44.18
C MET J 339 -39.94 -70.13 -45.47
N GLU J 340 -39.54 -71.29 -45.99
CA GLU J 340 -40.19 -71.93 -47.16
C GLU J 340 -41.71 -71.99 -46.99
N ALA J 341 -42.12 -72.44 -45.80
CA ALA J 341 -43.51 -72.67 -45.48
C ALA J 341 -44.27 -71.37 -45.40
N ILE J 342 -43.62 -70.36 -44.81
CA ILE J 342 -44.27 -69.06 -44.69
C ILE J 342 -44.43 -68.44 -46.07
N ALA J 343 -43.37 -68.47 -46.87
CA ALA J 343 -43.43 -67.90 -48.21
C ALA J 343 -44.54 -68.51 -49.05
N LYS J 344 -44.82 -69.81 -48.83
CA LYS J 344 -45.89 -70.52 -49.53
C LYS J 344 -47.23 -69.82 -49.38
N GLU J 345 -47.52 -69.43 -48.15
CA GLU J 345 -48.84 -68.92 -47.77
C GLU J 345 -49.21 -67.60 -48.48
N GLY J 346 -48.21 -66.97 -49.10
CA GLY J 346 -48.39 -65.72 -49.78
C GLY J 346 -48.97 -65.91 -51.16
N GLN J 347 -48.81 -67.13 -51.67
CA GLN J 347 -49.32 -67.47 -53.00
C GLN J 347 -50.82 -67.17 -53.15
N LYS J 348 -51.65 -67.69 -52.24
CA LYS J 348 -53.11 -67.48 -52.34
C LYS J 348 -53.55 -66.03 -52.34
N TYR J 349 -52.68 -65.15 -51.85
CA TYR J 349 -53.01 -63.75 -51.78
C TYR J 349 -52.51 -63.05 -53.03
N GLY J 350 -51.65 -63.72 -53.80
CA GLY J 350 -51.08 -63.10 -54.98
C GLY J 350 -49.66 -62.58 -54.76
N LEU J 351 -49.07 -62.98 -53.64
CA LEU J 351 -47.70 -62.59 -53.33
C LEU J 351 -46.68 -63.60 -53.81
N THR J 352 -45.61 -63.11 -54.41
CA THR J 352 -44.52 -63.99 -54.76
C THR J 352 -43.30 -63.73 -53.86
N ILE J 353 -43.03 -64.70 -52.99
CA ILE J 353 -41.90 -64.62 -52.09
C ILE J 353 -40.85 -65.69 -52.44
N THR J 354 -39.59 -65.26 -52.51
CA THR J 354 -38.53 -66.15 -52.95
C THR J 354 -37.39 -66.07 -51.95
N PRO J 355 -36.55 -67.13 -51.90
CA PRO J 355 -35.45 -67.16 -50.92
C PRO J 355 -34.65 -65.86 -50.93
N ALA J 356 -34.30 -65.40 -49.73
CA ALA J 356 -33.64 -64.12 -49.54
C ALA J 356 -32.32 -64.07 -50.33
N ASP J 357 -32.01 -62.90 -50.89
CA ASP J 357 -30.77 -62.68 -51.64
C ASP J 357 -30.48 -63.77 -52.68
N LYS J 358 -31.50 -64.05 -53.49
CA LYS J 358 -31.43 -64.87 -54.71
C LYS J 358 -30.76 -66.24 -54.48
N SER J 359 -31.09 -66.87 -53.35
CA SER J 359 -30.76 -68.27 -53.12
C SER J 359 -31.63 -69.08 -54.09
N SER J 360 -31.35 -70.37 -54.24
CA SER J 360 -32.15 -71.19 -55.13
C SER J 360 -33.35 -71.76 -54.37
N GLU J 361 -33.07 -72.21 -53.14
CA GLU J 361 -34.06 -72.69 -52.18
C GLU J 361 -33.89 -71.95 -50.84
N PHE J 362 -34.87 -72.10 -49.95
CA PHE J 362 -34.83 -71.43 -48.66
C PHE J 362 -33.87 -72.10 -47.67
N LYS J 363 -32.91 -71.33 -47.18
CA LYS J 363 -31.99 -71.86 -46.19
C LYS J 363 -32.08 -71.07 -44.91
N GLU J 364 -31.60 -71.70 -43.84
CA GLU J 364 -31.50 -71.07 -42.55
C GLU J 364 -30.60 -69.84 -42.65
N LEU J 365 -30.89 -68.87 -41.80
CA LEU J 365 -30.11 -67.64 -41.74
C LEU J 365 -29.76 -67.33 -40.30
N ASP J 366 -28.60 -66.71 -40.09
CA ASP J 366 -28.22 -66.11 -38.80
C ASP J 366 -27.54 -64.80 -39.14
N TYR J 367 -27.04 -64.08 -38.13
CA TYR J 367 -26.40 -62.79 -38.43
C TYR J 367 -25.05 -62.92 -39.20
N GLY J 368 -24.76 -64.12 -39.69
CA GLY J 368 -23.57 -64.33 -40.50
C GLY J 368 -23.87 -64.17 -41.98
N ASN J 369 -25.11 -64.48 -42.37
CA ASN J 369 -25.50 -64.52 -43.79
C ASN J 369 -26.80 -63.78 -44.13
N VAL J 370 -27.40 -63.12 -43.16
CA VAL J 370 -28.63 -62.36 -43.43
C VAL J 370 -28.25 -60.95 -43.88
N THR J 371 -29.11 -60.33 -44.71
CA THR J 371 -28.89 -58.94 -45.13
C THR J 371 -30.16 -58.10 -44.99
N PHE J 372 -29.96 -56.79 -44.89
CA PHE J 372 -31.08 -55.86 -44.81
C PHE J 372 -30.61 -54.55 -45.41
N LEU J 373 -31.44 -53.97 -46.28
CA LEU J 373 -31.06 -52.77 -47.03
C LEU J 373 -29.68 -52.97 -47.68
N LYS J 374 -29.48 -54.18 -48.24
CA LYS J 374 -28.26 -54.60 -48.95
C LYS J 374 -27.06 -54.82 -48.02
N ARG J 375 -27.26 -54.60 -46.73
CA ARG J 375 -26.15 -54.68 -45.80
C ARG J 375 -26.22 -55.93 -44.94
N GLY J 376 -25.07 -56.55 -44.70
CA GLY J 376 -24.93 -57.71 -43.85
C GLY J 376 -24.42 -57.31 -42.47
N PHE J 377 -24.23 -58.29 -41.60
CA PHE J 377 -23.86 -57.97 -40.22
C PHE J 377 -22.50 -58.58 -39.83
N ARG J 378 -21.68 -57.80 -39.13
CA ARG J 378 -20.41 -58.32 -38.64
C ARG J 378 -19.95 -57.45 -37.47
N GLN J 379 -19.45 -58.12 -36.44
CA GLN J 379 -19.02 -57.47 -35.20
C GLN J 379 -17.62 -56.91 -35.36
N ASP J 380 -17.36 -55.76 -34.75
CA ASP J 380 -15.99 -55.19 -34.71
C ASP J 380 -14.99 -56.19 -34.13
N ASP J 381 -13.76 -56.18 -34.64
CA ASP J 381 -12.77 -57.07 -34.06
C ASP J 381 -12.47 -56.64 -32.62
N LYS J 382 -12.64 -55.36 -32.31
CA LYS J 382 -12.33 -54.90 -30.96
C LYS J 382 -13.53 -54.87 -30.01
N TYR J 383 -14.58 -54.14 -30.34
CA TYR J 383 -15.81 -54.11 -29.52
C TYR J 383 -16.96 -54.95 -30.16
N LYS J 384 -17.14 -56.18 -29.68
CA LYS J 384 -18.00 -57.19 -30.36
C LYS J 384 -19.49 -56.87 -30.31
N PHE J 385 -19.81 -55.86 -29.49
CA PHE J 385 -21.18 -55.40 -29.31
C PHE J 385 -21.48 -54.30 -30.31
N LEU J 386 -20.45 -53.90 -31.05
CA LEU J 386 -20.59 -52.97 -32.17
C LEU J 386 -20.66 -53.74 -33.49
N ILE J 387 -21.76 -53.57 -34.23
CA ILE J 387 -21.96 -54.30 -35.50
C ILE J 387 -21.76 -53.43 -36.74
N HIS J 388 -20.88 -53.90 -37.63
CA HIS J 388 -20.64 -53.26 -38.91
C HIS J 388 -21.75 -53.57 -39.91
N PRO J 389 -22.25 -52.53 -40.60
CA PRO J 389 -23.11 -52.82 -41.74
C PRO J 389 -22.20 -53.03 -42.95
N THR J 390 -21.97 -54.29 -43.30
CA THR J 390 -21.13 -54.62 -44.42
C THR J 390 -21.86 -54.26 -45.73
N PHE J 391 -21.11 -54.06 -46.81
CA PHE J 391 -21.69 -53.70 -48.11
C PHE J 391 -21.03 -54.49 -49.24
N PRO J 392 -21.81 -54.98 -50.20
CA PRO J 392 -21.27 -55.82 -51.28
C PRO J 392 -20.22 -55.10 -52.11
N VAL J 393 -18.99 -55.59 -52.17
CA VAL J 393 -17.98 -54.83 -52.88
C VAL J 393 -18.26 -54.70 -54.38
N GLU J 394 -18.87 -55.72 -54.99
CA GLU J 394 -19.19 -55.68 -56.42
C GLU J 394 -20.01 -54.44 -56.83
N GLU J 395 -20.95 -54.03 -55.97
CA GLU J 395 -21.82 -52.89 -56.26
C GLU J 395 -21.05 -51.58 -56.19
N ILE J 396 -20.10 -51.52 -55.26
CA ILE J 396 -19.23 -50.37 -55.18
C ILE J 396 -18.48 -50.22 -56.49
N TYR J 397 -17.94 -51.33 -56.99
CA TYR J 397 -17.24 -51.32 -58.28
C TYR J 397 -18.22 -50.95 -59.40
N GLU J 398 -19.48 -51.40 -59.33
CA GLU J 398 -20.41 -51.01 -60.39
C GLU J 398 -20.66 -49.51 -60.26
N SER J 399 -20.83 -49.02 -59.03
CA SER J 399 -21.16 -47.61 -58.81
C SER J 399 -20.08 -46.66 -59.30
N ILE J 400 -18.82 -46.98 -59.03
CA ILE J 400 -17.72 -46.05 -59.30
C ILE J 400 -17.44 -45.90 -60.79
N ARG J 401 -18.02 -46.78 -61.61
CA ARG J 401 -17.76 -46.80 -63.04
C ARG J 401 -18.65 -45.78 -63.77
N TRP J 402 -19.69 -45.30 -63.10
CA TRP J 402 -20.55 -44.27 -63.71
C TRP J 402 -20.62 -42.97 -62.90
N THR J 403 -21.09 -41.92 -63.55
CA THR J 403 -21.27 -40.64 -62.90
C THR J 403 -22.43 -39.86 -63.54
N LYS J 404 -23.04 -38.99 -62.74
CA LYS J 404 -24.08 -38.08 -63.19
C LYS J 404 -23.52 -36.66 -63.14
N LYS J 405 -22.32 -36.53 -62.58
CA LYS J 405 -21.73 -35.22 -62.27
C LYS J 405 -20.19 -35.27 -62.25
N PRO J 406 -19.58 -35.48 -63.42
CA PRO J 406 -18.13 -35.65 -63.63
C PRO J 406 -17.27 -34.74 -62.76
N SER J 407 -17.68 -33.49 -62.69
CA SER J 407 -16.99 -32.47 -61.92
C SER J 407 -16.89 -32.78 -60.42
N GLN J 408 -17.53 -33.86 -59.96
CA GLN J 408 -17.43 -34.24 -58.55
C GLN J 408 -17.24 -35.73 -58.26
N MET J 409 -16.27 -36.38 -58.90
CA MET J 409 -16.02 -37.76 -58.52
C MET J 409 -15.44 -37.85 -57.12
N GLN J 410 -14.90 -36.73 -56.63
CA GLN J 410 -14.35 -36.75 -55.29
C GLN J 410 -15.46 -37.03 -54.30
N GLU J 411 -16.60 -36.36 -54.44
CA GLU J 411 -17.74 -36.60 -53.54
C GLU J 411 -18.16 -38.08 -53.65
N HIS J 412 -18.22 -38.55 -54.90
CA HIS J 412 -18.62 -39.92 -55.22
C HIS J 412 -17.71 -40.92 -54.52
N VAL J 413 -16.41 -40.69 -54.65
CA VAL J 413 -15.42 -41.56 -54.05
C VAL J 413 -15.60 -41.58 -52.53
N LEU J 414 -15.86 -40.41 -51.94
CA LEU J 414 -16.01 -40.36 -50.49
C LEU J 414 -17.19 -41.20 -50.02
N SER J 415 -18.31 -41.09 -50.72
CA SER J 415 -19.50 -41.85 -50.36
C SER J 415 -19.19 -43.34 -50.33
N LEU J 416 -18.48 -43.80 -51.35
CA LEU J 416 -18.16 -45.21 -51.43
C LEU J 416 -17.19 -45.56 -50.30
N CYS J 417 -16.26 -44.69 -49.98
CA CYS J 417 -15.34 -44.98 -48.88
C CYS J 417 -16.09 -45.22 -47.58
N HIS J 418 -17.12 -44.42 -47.34
CA HIS J 418 -17.95 -44.59 -46.16
C HIS J 418 -18.74 -45.90 -46.12
N LEU J 419 -18.96 -46.47 -47.29
CA LEU J 419 -19.59 -47.79 -47.40
C LEU J 419 -18.59 -48.90 -47.26
N MET J 420 -17.43 -48.70 -47.90
CA MET J 420 -16.46 -49.76 -48.17
C MET J 420 -15.70 -50.21 -46.92
N TRP J 421 -15.29 -49.25 -46.08
CA TRP J 421 -14.36 -49.55 -44.99
C TRP J 421 -14.97 -50.51 -43.92
N HIS J 422 -16.30 -50.53 -43.83
CA HIS J 422 -16.96 -51.50 -42.97
C HIS J 422 -16.68 -52.94 -43.42
N ASN J 423 -16.20 -53.11 -44.66
CA ASN J 423 -15.86 -54.45 -45.16
C ASN J 423 -14.49 -54.94 -44.69
N GLY J 424 -13.71 -54.07 -44.09
CA GLY J 424 -12.42 -54.48 -43.57
C GLY J 424 -11.23 -53.78 -44.19
N PRO J 425 -10.14 -53.66 -43.41
CA PRO J 425 -8.93 -52.89 -43.73
C PRO J 425 -8.27 -53.28 -45.05
N GLU J 426 -8.13 -54.58 -45.29
CA GLU J 426 -7.35 -55.05 -46.43
C GLU J 426 -8.07 -54.87 -47.76
N ILE J 427 -9.40 -54.91 -47.78
CA ILE J 427 -10.14 -54.65 -49.02
C ILE J 427 -10.16 -53.14 -49.32
N TYR J 428 -10.36 -52.35 -48.27
CA TYR J 428 -10.27 -50.91 -48.33
C TYR J 428 -8.90 -50.45 -48.82
N LYS J 429 -7.85 -51.13 -48.35
CA LYS J 429 -6.49 -50.94 -48.82
C LYS J 429 -6.43 -51.10 -50.33
N ASP J 430 -7.01 -52.21 -50.79
CA ASP J 430 -6.97 -52.58 -52.19
C ASP J 430 -7.77 -51.56 -52.97
N PHE J 431 -8.88 -51.11 -52.36
CA PHE J 431 -9.73 -50.10 -52.96
C PHE J 431 -8.93 -48.81 -53.22
N GLU J 432 -8.26 -48.29 -52.17
CA GLU J 432 -7.40 -47.12 -52.29
C GLU J 432 -6.41 -47.27 -53.43
N THR J 433 -5.70 -48.39 -53.40
CA THR J 433 -4.68 -48.67 -54.40
C THR J 433 -5.22 -48.65 -55.83
N LYS J 434 -6.34 -49.33 -56.05
CA LYS J 434 -6.92 -49.33 -57.38
C LYS J 434 -7.27 -47.91 -57.79
N ILE J 435 -7.79 -47.13 -56.85
CA ILE J 435 -8.17 -45.76 -57.17
C ILE J 435 -6.92 -44.98 -57.61
N ARG J 436 -5.79 -45.19 -56.93
CA ARG J 436 -4.58 -44.43 -57.24
C ARG J 436 -3.73 -45.08 -58.34
N SER J 437 -4.29 -46.09 -59.01
CA SER J 437 -3.60 -46.69 -60.15
C SER J 437 -3.65 -45.79 -61.39
N VAL J 438 -4.40 -44.70 -61.31
CA VAL J 438 -4.54 -43.77 -62.42
C VAL J 438 -4.49 -42.34 -61.92
N SER J 439 -4.29 -41.38 -62.82
CA SER J 439 -3.97 -40.01 -62.39
C SER J 439 -5.13 -39.36 -61.64
N ALA J 440 -6.34 -39.56 -62.16
CA ALA J 440 -7.51 -38.94 -61.56
C ALA J 440 -7.63 -39.36 -60.10
N GLY J 441 -7.29 -40.61 -59.83
CA GLY J 441 -7.37 -41.12 -58.48
C GLY J 441 -6.42 -40.47 -57.48
N ARG J 442 -5.21 -40.14 -57.93
CA ARG J 442 -4.20 -39.62 -57.01
C ARG J 442 -4.46 -38.18 -56.66
N ALA J 443 -5.26 -37.51 -57.50
CA ALA J 443 -5.68 -36.16 -57.22
C ALA J 443 -6.58 -36.11 -55.99
N LEU J 444 -7.22 -37.25 -55.71
CA LEU J 444 -8.30 -37.38 -54.74
C LEU J 444 -7.87 -37.53 -53.28
N TYR J 445 -8.57 -36.83 -52.39
CA TYR J 445 -8.49 -37.16 -50.97
C TYR J 445 -9.21 -38.46 -50.62
N ILE J 446 -8.53 -39.37 -49.93
CA ILE J 446 -9.19 -40.58 -49.45
C ILE J 446 -8.97 -40.79 -47.94
N PRO J 447 -10.08 -40.83 -47.17
CA PRO J 447 -10.02 -40.94 -45.69
C PRO J 447 -9.28 -42.19 -45.26
N PRO J 448 -8.31 -42.05 -44.36
CA PRO J 448 -7.57 -43.26 -43.94
C PRO J 448 -8.45 -44.19 -43.11
N TYR J 449 -8.35 -45.50 -43.34
CA TYR J 449 -9.18 -46.49 -42.64
C TYR J 449 -9.22 -46.21 -41.15
N GLU J 450 -8.07 -45.91 -40.56
CA GLU J 450 -8.05 -45.69 -39.13
C GLU J 450 -8.77 -44.40 -38.74
N LEU J 451 -8.86 -43.43 -39.66
CA LEU J 451 -9.67 -42.23 -39.40
C LEU J 451 -11.15 -42.54 -39.37
N LEU J 452 -11.59 -43.29 -40.40
CA LEU J 452 -12.99 -43.69 -40.53
C LEU J 452 -13.42 -44.47 -39.30
N ARG J 453 -12.57 -45.44 -38.94
CA ARG J 453 -12.81 -46.32 -37.81
C ARG J 453 -13.07 -45.53 -36.53
N HIS J 454 -12.20 -44.58 -36.21
CA HIS J 454 -12.34 -43.89 -34.94
C HIS J 454 -13.55 -42.96 -34.93
N GLU J 455 -13.79 -42.31 -36.07
CA GLU J 455 -15.00 -41.51 -36.22
C GLU J 455 -16.29 -42.30 -35.97
N TRP J 456 -16.27 -43.57 -36.34
CA TRP J 456 -17.39 -44.48 -36.11
C TRP J 456 -17.57 -44.70 -34.61
N TYR J 457 -16.47 -45.00 -33.92
CA TYR J 457 -16.53 -45.28 -32.49
C TYR J 457 -17.13 -44.10 -31.70
N GLU J 458 -16.79 -42.88 -32.12
CA GLU J 458 -17.26 -41.69 -31.41
C GLU J 458 -18.78 -41.49 -31.50
N LYS J 459 -19.45 -42.30 -32.33
CA LYS J 459 -20.90 -42.17 -32.51
C LYS J 459 -21.74 -43.02 -31.56
N PHE J 460 -21.11 -43.74 -30.64
CA PHE J 460 -21.86 -44.65 -29.73
C PHE J 460 -21.86 -44.19 -28.26
#